data_6PMP
#
_entry.id   6PMP
#
_cell.length_a   93.572
_cell.length_b   127.755
_cell.length_c   139.337
_cell.angle_alpha   90.00
_cell.angle_beta   101.12
_cell.angle_gamma   90.00
#
_symmetry.space_group_name_H-M   'P 1 21 1'
#
loop_
_entity.id
_entity.type
_entity.pdbx_description
1 polymer '1-phosphatidylinositol 4,5-bisphosphate phosphodiesterase epsilon-1'
2 non-polymer 'CALCIUM ION'
3 water water
#
_entity_poly.entity_id   1
_entity_poly.type   'polypeptide(L)'
_entity_poly.pdbx_seq_one_letter_code
;SNAAAASIVTNGTGIESTSLGIFGVGILQLNDFLVNCQGEHCTYDEILSIIQKFEPNISMCHQGLLSFEGFARFLMDKDN
FASKNDESRENKKDLQLPLSYYYIESSHNTYLTGHQLKGESSVELYSQVLLQGCRSIELDCWDGDDGMPIIYHGHTLTTK
IPFKEVVEAIDRSAFITSDLPIIISIENHCSLPQQRKMAEIFKSVFGEKLVAKFLFETDFSDDPMLPSPDQLRRKVLLKN
KKLKAHQTPVDILKQKAHQLASMQTQAFTGGNANPPPASNEEEEDEEDEYDYDYESLSDDNILEDRPENKSCADKLQFEY
NEEVPKRIKKADNSSGNKGKVYDMELGEEFYLPQNKKESRQIAPELSDLVIYCQAVKFPGLSTLNSSGSGRGKERKSRKS
IFGNNPGRMSPGETASFNRTSGKSSCEGIRQIWEEPPLSPNTSLSAIIRTPKCYHISSLNENAAKRLCRRYSQKLIQHTA
CQLLRTYPAATRIDSSNPNPLMFWLHGIQLVALNYQTDDLPLHLNAAMFEANGGCGYVLKPPVLWDKSCPMYQKFSPLER
DLDAMDPATYSLTIISGQNVCPSNSTGSPCIEVDVLGMPLDSCHFRTKPIHRNTLNPMWNEQFLFRVHFEDLVFLRFAVV
ENNSSAITAQRIIPLKALKRGYRHLQLRNLHNEILEISSLFINSRRMEDNPSGSTRPASLMFNTEERKCSQTHKVTVHGV
PGPEPFAVFTINEGTKAKQLLQQILAVDQDTKLTAADYFLMEEKHFISKEKNECRKQPFQRAVGPEEDIVQILNSWFPEE
GYVGRIVLKPQQETLEEK
;
_entity_poly.pdbx_strand_id   A,B,C,D
#
# COMPACT_ATOMS: atom_id res chain seq x y z
N PHE A 23 4.14 -20.22 24.81
CA PHE A 23 4.25 -21.19 23.70
C PHE A 23 5.30 -20.79 22.68
N GLY A 24 5.55 -19.50 22.44
CA GLY A 24 6.53 -19.06 21.42
C GLY A 24 7.15 -17.71 21.74
N VAL A 25 7.91 -17.17 20.77
CA VAL A 25 8.70 -15.92 20.91
C VAL A 25 7.98 -14.79 20.14
N GLY A 26 7.63 -13.68 20.80
CA GLY A 26 6.98 -12.49 20.19
C GLY A 26 7.86 -11.78 19.17
N ILE A 27 7.38 -10.70 18.55
CA ILE A 27 8.18 -9.93 17.55
C ILE A 27 9.19 -9.06 18.31
N LEU A 28 8.75 -8.32 19.32
CA LEU A 28 9.58 -7.45 20.20
C LEU A 28 10.78 -8.24 20.72
N GLN A 29 10.58 -9.51 21.05
CA GLN A 29 11.59 -10.37 21.73
C GLN A 29 12.47 -11.04 20.67
N LEU A 30 11.95 -11.29 19.48
CA LEU A 30 12.73 -11.89 18.37
C LEU A 30 13.64 -10.81 17.77
N ASN A 31 13.21 -9.54 17.82
CA ASN A 31 14.00 -8.37 17.40
C ASN A 31 15.18 -8.16 18.36
N ASP A 32 14.96 -8.21 19.68
CA ASP A 32 16.05 -8.05 20.67
C ASP A 32 17.09 -9.15 20.40
N PHE A 33 16.66 -10.38 20.14
CA PHE A 33 17.60 -11.49 19.87
C PHE A 33 18.37 -11.20 18.58
N LEU A 34 17.77 -10.60 17.57
CA LEU A 34 18.39 -10.50 16.22
C LEU A 34 19.42 -9.35 16.23
N VAL A 35 18.99 -8.19 16.76
CA VAL A 35 19.85 -7.01 17.06
C VAL A 35 21.06 -7.47 17.89
N ASN A 36 20.82 -8.07 19.06
CA ASN A 36 21.87 -8.32 20.07
C ASN A 36 22.76 -9.50 19.69
N CYS A 37 22.24 -10.64 19.21
CA CYS A 37 23.09 -11.83 18.97
C CYS A 37 23.57 -11.86 17.53
N GLN A 38 22.71 -11.49 16.60
CA GLN A 38 22.89 -11.78 15.16
C GLN A 38 23.32 -10.49 14.49
N GLY A 39 23.15 -9.37 15.19
CA GLY A 39 23.51 -8.05 14.67
C GLY A 39 22.82 -7.79 13.33
N GLU A 40 21.52 -8.04 13.28
CA GLU A 40 20.65 -7.83 12.09
C GLU A 40 19.50 -6.96 12.57
N HIS A 41 19.37 -5.77 11.99
CA HIS A 41 18.31 -4.79 12.32
C HIS A 41 17.23 -4.92 11.23
N CYS A 42 16.19 -5.70 11.54
CA CYS A 42 15.00 -5.96 10.72
C CYS A 42 13.87 -5.08 11.21
N THR A 43 12.96 -4.77 10.29
CA THR A 43 11.72 -3.98 10.50
C THR A 43 10.65 -4.90 11.07
N TYR A 44 9.57 -4.35 11.63
CA TYR A 44 8.43 -5.13 12.18
C TYR A 44 8.01 -6.18 11.14
N ASP A 45 7.91 -5.79 9.85
CA ASP A 45 7.38 -6.63 8.75
C ASP A 45 8.37 -7.74 8.37
N GLU A 46 9.68 -7.48 8.27
CA GLU A 46 10.69 -8.49 7.86
C GLU A 46 10.72 -9.63 8.89
N ILE A 47 10.38 -9.34 10.16
CA ILE A 47 10.39 -10.31 11.31
C ILE A 47 9.10 -11.14 11.27
N LEU A 48 7.94 -10.49 11.09
CA LEU A 48 6.64 -11.15 10.79
C LEU A 48 6.82 -12.12 9.61
N SER A 49 7.68 -11.80 8.65
CA SER A 49 8.07 -12.64 7.48
C SER A 49 8.87 -13.87 7.92
N ILE A 50 9.89 -13.71 8.76
CA ILE A 50 10.72 -14.83 9.30
C ILE A 50 9.80 -15.83 10.04
N ILE A 51 8.80 -15.35 10.76
CA ILE A 51 7.85 -16.21 11.53
C ILE A 51 7.01 -17.00 10.53
N GLN A 52 6.36 -16.30 9.60
CA GLN A 52 5.58 -16.86 8.44
C GLN A 52 6.39 -17.94 7.73
N LYS A 53 7.72 -17.78 7.63
CA LYS A 53 8.57 -18.71 6.85
C LYS A 53 9.01 -19.92 7.69
N PHE A 54 8.90 -19.90 9.01
CA PHE A 54 9.54 -20.94 9.87
C PHE A 54 8.55 -21.53 10.88
N GLU A 55 7.41 -20.87 11.09
CA GLU A 55 6.31 -21.42 11.94
C GLU A 55 5.22 -22.01 11.05
N PRO A 56 5.15 -23.37 10.91
CA PRO A 56 4.15 -24.02 10.05
C PRO A 56 2.71 -23.80 10.55
N ASN A 57 2.53 -23.97 11.87
CA ASN A 57 1.26 -23.78 12.61
C ASN A 57 0.73 -22.37 12.39
N ILE A 58 -0.40 -22.24 11.71
CA ILE A 58 -0.97 -20.95 11.17
C ILE A 58 -1.52 -20.07 12.30
N SER A 59 -2.06 -20.63 13.39
CA SER A 59 -2.74 -19.84 14.46
C SER A 59 -1.69 -19.15 15.33
N MET A 60 -0.53 -19.78 15.50
CA MET A 60 0.73 -19.16 16.04
C MET A 60 1.11 -17.99 15.11
N CYS A 61 1.33 -18.28 13.82
CA CYS A 61 1.64 -17.31 12.74
C CYS A 61 0.70 -16.10 12.77
N HIS A 62 -0.58 -16.31 13.02
CA HIS A 62 -1.65 -15.27 13.00
C HIS A 62 -1.58 -14.40 14.26
N GLN A 63 -0.81 -14.81 15.27
CA GLN A 63 -0.65 -14.11 16.57
C GLN A 63 0.79 -13.54 16.72
N GLY A 64 1.63 -13.72 15.69
CA GLY A 64 2.99 -13.18 15.59
C GLY A 64 3.95 -13.86 16.54
N LEU A 65 3.88 -15.20 16.66
CA LEU A 65 4.68 -16.02 17.61
C LEU A 65 5.42 -17.12 16.85
N LEU A 66 6.74 -17.14 16.93
CA LEU A 66 7.59 -18.25 16.44
C LEU A 66 7.71 -19.26 17.59
N SER A 67 7.37 -20.52 17.30
CA SER A 67 7.46 -21.62 18.29
C SER A 67 8.94 -21.86 18.61
N PHE A 68 9.23 -22.51 19.73
CA PHE A 68 10.60 -22.88 20.17
C PHE A 68 11.25 -23.79 19.15
N GLU A 69 10.53 -24.78 18.58
CA GLU A 69 11.15 -25.70 17.58
C GLU A 69 11.38 -24.90 16.30
N GLY A 70 10.63 -23.82 16.05
CA GLY A 70 10.72 -22.98 14.84
C GLY A 70 11.87 -22.01 14.91
N PHE A 71 12.10 -21.40 16.07
CA PHE A 71 13.32 -20.61 16.43
C PHE A 71 14.57 -21.45 16.17
N ALA A 72 14.59 -22.72 16.57
CA ALA A 72 15.72 -23.64 16.33
C ALA A 72 15.87 -23.91 14.83
N ARG A 73 14.76 -23.98 14.09
CA ARG A 73 14.75 -24.33 12.64
C ARG A 73 15.32 -23.11 11.91
N PHE A 74 14.94 -21.90 12.33
CA PHE A 74 15.37 -20.60 11.77
C PHE A 74 16.91 -20.48 11.76
N LEU A 75 17.61 -20.92 12.82
CA LEU A 75 19.08 -20.75 12.98
C LEU A 75 19.84 -21.98 12.46
N MET A 76 19.22 -23.16 12.52
CA MET A 76 19.85 -24.43 12.02
C MET A 76 19.75 -24.46 10.49
N ASP A 77 18.88 -23.63 9.92
CA ASP A 77 18.68 -23.48 8.45
C ASP A 77 20.04 -23.43 7.72
N LYS A 78 20.15 -24.09 6.56
CA LYS A 78 21.42 -24.19 5.78
C LYS A 78 21.79 -22.84 5.15
N ASP A 79 20.84 -21.89 5.09
CA ASP A 79 21.04 -20.56 4.48
C ASP A 79 21.31 -19.52 5.58
N ASN A 80 21.80 -19.97 6.73
CA ASN A 80 22.26 -19.08 7.83
C ASN A 80 23.80 -19.05 7.86
N PHE A 81 24.43 -18.67 6.75
CA PHE A 81 25.88 -18.81 6.49
C PHE A 81 26.67 -17.81 7.36
N ALA A 82 27.96 -18.05 7.49
CA ALA A 82 28.86 -17.23 8.34
C ALA A 82 29.34 -16.03 7.56
N SER A 83 29.83 -16.24 6.31
CA SER A 83 30.62 -15.24 5.52
C SER A 83 29.70 -14.16 5.00
N LYS A 84 30.10 -12.90 5.05
CA LYS A 84 29.42 -11.77 4.35
C LYS A 84 29.82 -11.77 2.88
N ASN A 85 30.88 -12.49 2.51
CA ASN A 85 31.55 -12.41 1.18
C ASN A 85 30.73 -13.22 0.16
N ASP A 86 29.82 -14.09 0.61
CA ASP A 86 28.76 -14.66 -0.28
C ASP A 86 28.14 -13.51 -1.10
N GLU A 87 27.91 -12.35 -0.48
CA GLU A 87 27.09 -11.25 -1.05
C GLU A 87 27.99 -10.03 -1.37
N SER A 88 29.31 -10.19 -1.54
CA SER A 88 30.18 -9.03 -1.85
C SER A 88 30.30 -8.93 -3.36
N ARG A 89 30.38 -7.68 -3.84
CA ARG A 89 30.57 -7.30 -5.26
C ARG A 89 31.48 -6.08 -5.41
N GLU A 90 32.16 -5.96 -6.56
CA GLU A 90 33.02 -4.81 -6.94
C GLU A 90 32.35 -3.52 -6.50
N ASN A 91 33.11 -2.65 -5.84
CA ASN A 91 32.73 -1.26 -5.53
C ASN A 91 33.51 -0.35 -6.46
N LYS A 92 32.82 0.51 -7.19
CA LYS A 92 33.49 1.29 -8.25
C LYS A 92 34.42 2.32 -7.59
N LYS A 93 33.93 3.00 -6.54
CA LYS A 93 34.69 4.01 -5.75
C LYS A 93 35.97 3.39 -5.14
N ASP A 94 35.85 2.25 -4.49
CA ASP A 94 37.00 1.51 -3.89
C ASP A 94 38.03 1.13 -4.95
N LEU A 95 37.74 1.31 -6.23
CA LEU A 95 38.68 0.93 -7.32
C LEU A 95 39.24 2.18 -8.01
N GLN A 96 39.10 3.34 -7.37
CA GLN A 96 39.37 4.66 -8.00
C GLN A 96 40.62 5.30 -7.37
N LEU A 97 41.45 4.55 -6.64
CA LEU A 97 42.71 5.06 -6.06
C LEU A 97 43.87 4.45 -6.81
N PRO A 98 45.09 5.01 -6.68
CA PRO A 98 46.28 4.46 -7.33
C PRO A 98 46.49 2.95 -7.19
N LEU A 99 47.14 2.37 -8.19
CA LEU A 99 47.31 0.91 -8.33
C LEU A 99 48.04 0.34 -7.11
N SER A 100 48.81 1.16 -6.42
CA SER A 100 49.80 0.73 -5.38
C SER A 100 49.15 0.67 -3.99
N TYR A 101 47.92 1.18 -3.87
CA TYR A 101 47.08 1.15 -2.66
C TYR A 101 46.29 -0.18 -2.54
N TYR A 102 46.61 -1.22 -3.32
CA TYR A 102 45.77 -2.45 -3.49
C TYR A 102 46.61 -3.69 -3.32
N TYR A 103 46.06 -4.73 -2.70
CA TYR A 103 46.63 -6.07 -2.86
C TYR A 103 46.11 -6.53 -4.22
N ILE A 104 46.91 -7.31 -4.92
CA ILE A 104 46.70 -7.67 -6.34
C ILE A 104 47.04 -9.14 -6.41
N GLU A 105 46.02 -9.98 -6.73
CA GLU A 105 46.14 -11.46 -6.63
C GLU A 105 47.16 -11.85 -7.67
N SER A 106 48.12 -12.70 -7.34
CA SER A 106 49.35 -12.91 -8.14
C SER A 106 49.76 -14.38 -8.16
N SER A 107 50.22 -14.82 -9.32
CA SER A 107 50.70 -16.20 -9.58
C SER A 107 52.21 -16.22 -9.80
N HIS A 108 52.92 -17.12 -9.12
CA HIS A 108 54.33 -17.47 -9.40
C HIS A 108 54.42 -18.68 -10.34
N ASN A 109 55.22 -18.50 -11.40
CA ASN A 109 55.58 -19.50 -12.45
C ASN A 109 54.30 -20.23 -12.87
N THR A 110 53.37 -19.47 -13.42
CA THR A 110 51.97 -19.90 -13.68
C THR A 110 51.97 -21.15 -14.57
N TYR A 111 52.95 -21.28 -15.44
CA TYR A 111 53.05 -22.37 -16.44
C TYR A 111 53.34 -23.72 -15.80
N LEU A 112 53.64 -23.76 -14.51
CA LEU A 112 54.04 -25.03 -13.83
C LEU A 112 52.82 -25.67 -13.14
N THR A 113 52.73 -26.99 -13.30
CA THR A 113 51.62 -27.85 -12.80
C THR A 113 52.00 -28.41 -11.43
N GLY A 114 53.26 -28.77 -11.20
CA GLY A 114 53.72 -29.34 -9.93
C GLY A 114 55.09 -28.82 -9.54
N HIS A 115 56.07 -29.72 -9.52
CA HIS A 115 57.43 -29.49 -8.96
C HIS A 115 58.11 -28.41 -9.82
N GLN A 116 59.08 -27.72 -9.25
CA GLN A 116 59.70 -26.50 -9.81
C GLN A 116 60.76 -26.93 -10.83
N LEU A 117 61.33 -28.13 -10.70
CA LEU A 117 62.48 -28.63 -11.52
C LEU A 117 62.09 -29.89 -12.31
N LYS A 118 61.01 -30.58 -11.92
CA LYS A 118 60.45 -31.71 -12.71
C LYS A 118 58.95 -31.42 -12.89
N GLY A 119 58.20 -32.26 -13.57
CA GLY A 119 56.81 -31.90 -13.89
C GLY A 119 56.69 -31.10 -15.18
N GLU A 120 55.43 -31.01 -15.61
CA GLU A 120 54.99 -30.53 -16.93
C GLU A 120 54.80 -29.02 -16.80
N SER A 121 54.97 -28.29 -17.90
CA SER A 121 54.36 -26.96 -18.12
C SER A 121 53.03 -27.15 -18.84
N SER A 122 52.02 -26.34 -18.53
CA SER A 122 50.70 -26.40 -19.21
C SER A 122 50.25 -24.99 -19.58
N VAL A 123 49.74 -24.81 -20.80
CA VAL A 123 49.20 -23.52 -21.29
C VAL A 123 47.89 -23.22 -20.56
N GLU A 124 47.06 -24.25 -20.37
CA GLU A 124 45.70 -24.15 -19.79
C GLU A 124 45.78 -23.51 -18.42
N LEU A 125 46.86 -23.77 -17.69
CA LEU A 125 47.02 -23.23 -16.33
C LEU A 125 46.87 -21.72 -16.29
N TYR A 126 47.27 -21.01 -17.34
CA TYR A 126 47.08 -19.54 -17.45
C TYR A 126 45.57 -19.26 -17.53
N SER A 127 44.85 -19.99 -18.39
CA SER A 127 43.37 -19.92 -18.46
C SER A 127 42.77 -20.16 -17.07
N GLN A 128 43.12 -21.24 -16.38
CA GLN A 128 42.42 -21.56 -15.10
C GLN A 128 42.66 -20.42 -14.08
N VAL A 129 43.92 -20.05 -13.90
CA VAL A 129 44.36 -19.05 -12.90
C VAL A 129 43.62 -17.73 -13.18
N LEU A 130 43.51 -17.31 -14.44
CA LEU A 130 42.98 -15.97 -14.79
C LEU A 130 41.46 -15.99 -14.63
N LEU A 131 40.82 -17.08 -15.04
CA LEU A 131 39.37 -17.33 -14.83
C LEU A 131 39.04 -17.21 -13.35
N GLN A 132 39.86 -17.79 -12.46
CA GLN A 132 39.72 -17.70 -10.97
C GLN A 132 39.65 -16.26 -10.47
N GLY A 133 40.28 -15.29 -11.15
CA GLY A 133 40.25 -13.86 -10.77
C GLY A 133 41.65 -13.32 -10.48
N CYS A 134 42.66 -14.20 -10.54
CA CYS A 134 44.10 -13.81 -10.51
C CYS A 134 44.32 -12.68 -11.52
N ARG A 135 45.17 -11.70 -11.20
CA ARG A 135 45.44 -10.53 -12.09
C ARG A 135 46.91 -10.44 -12.46
N SER A 136 47.84 -11.05 -11.73
CA SER A 136 49.27 -11.09 -12.14
C SER A 136 49.65 -12.54 -12.44
N ILE A 137 50.30 -12.78 -13.55
CA ILE A 137 50.80 -14.11 -14.00
C ILE A 137 52.25 -13.90 -14.51
N GLU A 138 52.99 -14.99 -14.69
CA GLU A 138 54.45 -14.94 -14.96
C GLU A 138 54.79 -15.75 -16.23
N LEU A 139 55.39 -15.13 -17.24
CA LEU A 139 56.02 -15.85 -18.36
C LEU A 139 57.53 -15.90 -18.11
N ASP A 140 58.16 -17.07 -18.27
CA ASP A 140 59.64 -17.26 -18.24
C ASP A 140 60.09 -17.61 -19.66
N CYS A 141 60.43 -16.61 -20.46
CA CYS A 141 60.63 -16.72 -21.93
C CYS A 141 62.07 -17.07 -22.27
N TRP A 142 62.26 -18.10 -23.08
CA TRP A 142 63.56 -18.66 -23.52
C TRP A 142 63.57 -18.83 -25.04
N ASP A 143 64.73 -19.14 -25.60
CA ASP A 143 64.90 -19.32 -27.05
C ASP A 143 64.40 -20.70 -27.45
N GLY A 144 63.59 -20.76 -28.51
CA GLY A 144 63.18 -22.01 -29.18
C GLY A 144 64.01 -22.25 -30.41
N ASP A 145 64.29 -23.51 -30.75
CA ASP A 145 65.29 -23.89 -31.79
C ASP A 145 64.83 -23.45 -33.19
N ASP A 146 63.64 -22.87 -33.35
CA ASP A 146 63.05 -22.45 -34.65
C ASP A 146 62.76 -20.92 -34.69
N GLY A 147 63.44 -20.13 -33.85
CA GLY A 147 63.32 -18.65 -33.83
C GLY A 147 62.00 -18.18 -33.24
N MET A 148 61.30 -19.02 -32.48
CA MET A 148 60.05 -18.65 -31.75
C MET A 148 60.24 -18.87 -30.26
N PRO A 149 59.91 -17.89 -29.41
CA PRO A 149 60.12 -18.02 -27.98
C PRO A 149 59.22 -19.12 -27.39
N ILE A 150 59.76 -19.84 -26.39
CA ILE A 150 59.11 -20.95 -25.66
C ILE A 150 59.12 -20.59 -24.17
N ILE A 151 58.22 -21.20 -23.38
CA ILE A 151 58.14 -20.98 -21.91
C ILE A 151 58.49 -22.29 -21.22
N TYR A 152 59.44 -22.25 -20.30
CA TYR A 152 59.78 -23.39 -19.40
C TYR A 152 60.71 -22.90 -18.30
N HIS A 153 60.91 -23.69 -17.25
CA HIS A 153 61.81 -23.34 -16.13
C HIS A 153 63.26 -23.61 -16.55
N GLY A 154 64.07 -22.57 -16.65
CA GLY A 154 65.41 -22.62 -17.27
C GLY A 154 66.29 -23.72 -16.70
N HIS A 155 67.04 -24.41 -17.59
CA HIS A 155 68.11 -25.40 -17.25
C HIS A 155 67.56 -26.53 -16.35
N THR A 156 66.34 -27.02 -16.63
CA THR A 156 65.66 -28.11 -15.87
C THR A 156 64.94 -29.08 -16.82
N LEU A 157 64.37 -30.14 -16.26
CA LEU A 157 63.61 -31.20 -17.00
C LEU A 157 62.12 -30.85 -17.03
N THR A 158 61.73 -29.57 -16.94
CA THR A 158 60.35 -29.12 -17.25
C THR A 158 60.15 -29.29 -18.77
N THR A 159 58.93 -29.62 -19.20
CA THR A 159 58.52 -29.64 -20.62
C THR A 159 58.36 -28.19 -21.07
N LYS A 160 58.56 -27.93 -22.36
CA LYS A 160 58.51 -26.55 -22.92
C LYS A 160 57.16 -26.32 -23.56
N ILE A 161 56.54 -25.15 -23.39
CA ILE A 161 55.28 -24.78 -24.09
C ILE A 161 55.52 -23.56 -24.98
N PRO A 162 54.82 -23.44 -26.13
CA PRO A 162 55.05 -22.33 -27.06
C PRO A 162 54.62 -20.98 -26.45
N PHE A 163 55.42 -19.94 -26.65
CA PHE A 163 55.13 -18.58 -26.10
C PHE A 163 53.81 -18.08 -26.69
N LYS A 164 53.63 -18.23 -28.01
CA LYS A 164 52.42 -17.75 -28.72
C LYS A 164 51.16 -18.38 -28.10
N GLU A 165 51.16 -19.69 -27.88
CA GLU A 165 49.97 -20.40 -27.36
C GLU A 165 49.56 -19.76 -26.03
N VAL A 166 50.53 -19.41 -25.18
CA VAL A 166 50.30 -18.86 -23.82
C VAL A 166 49.65 -17.49 -23.93
N VAL A 167 50.14 -16.65 -24.83
CA VAL A 167 49.65 -15.25 -24.98
C VAL A 167 48.20 -15.31 -25.46
N GLU A 168 47.88 -16.25 -26.34
CA GLU A 168 46.48 -16.42 -26.82
C GLU A 168 45.59 -16.83 -25.65
N ALA A 169 46.04 -17.79 -24.86
CA ALA A 169 45.30 -18.26 -23.67
C ALA A 169 44.99 -17.05 -22.76
N ILE A 170 45.95 -16.15 -22.57
CA ILE A 170 45.76 -14.97 -21.67
C ILE A 170 44.71 -14.03 -22.28
N ASP A 171 44.86 -13.65 -23.55
CA ASP A 171 43.87 -12.83 -24.32
C ASP A 171 42.43 -13.35 -24.14
N ARG A 172 42.19 -14.65 -24.28
CA ARG A 172 40.81 -15.20 -24.28
C ARG A 172 40.20 -15.04 -22.89
N SER A 173 40.99 -15.30 -21.85
CA SER A 173 40.52 -15.63 -20.48
C SER A 173 40.76 -14.49 -19.48
N ALA A 174 41.59 -13.51 -19.85
CA ALA A 174 41.98 -12.39 -18.99
C ALA A 174 40.75 -11.71 -18.39
N PHE A 175 39.70 -11.48 -19.18
CA PHE A 175 38.61 -10.54 -18.78
C PHE A 175 37.23 -11.22 -18.74
N ILE A 176 37.20 -12.55 -18.76
CA ILE A 176 35.96 -13.38 -18.65
C ILE A 176 35.32 -13.12 -17.27
N THR A 177 36.09 -13.30 -16.19
CA THR A 177 35.61 -13.28 -14.78
C THR A 177 35.61 -11.87 -14.22
N SER A 178 36.62 -11.06 -14.56
CA SER A 178 36.88 -9.70 -14.00
C SER A 178 37.47 -8.82 -15.11
N ASP A 179 37.01 -7.57 -15.28
CA ASP A 179 37.55 -6.70 -16.36
C ASP A 179 38.62 -5.74 -15.78
N LEU A 180 39.25 -6.15 -14.66
CA LEU A 180 40.29 -5.34 -13.98
C LEU A 180 41.65 -5.75 -14.50
N PRO A 181 42.59 -4.79 -14.59
CA PRO A 181 43.77 -4.96 -15.44
C PRO A 181 44.63 -6.09 -14.91
N ILE A 182 45.26 -6.84 -15.83
CA ILE A 182 46.27 -7.85 -15.47
C ILE A 182 47.68 -7.24 -15.62
N ILE A 183 48.64 -7.75 -14.83
CA ILE A 183 50.08 -7.46 -14.94
C ILE A 183 50.82 -8.74 -15.31
N ILE A 184 51.35 -8.79 -16.53
CA ILE A 184 52.18 -9.93 -17.03
C ILE A 184 53.62 -9.70 -16.59
N SER A 185 54.13 -10.61 -15.78
CA SER A 185 55.51 -10.57 -15.24
C SER A 185 56.40 -11.39 -16.17
N ILE A 186 57.21 -10.72 -16.99
CA ILE A 186 58.08 -11.39 -17.99
C ILE A 186 59.43 -11.61 -17.34
N GLU A 187 59.89 -12.85 -17.31
CA GLU A 187 61.24 -13.21 -16.85
C GLU A 187 62.00 -13.48 -18.14
N ASN A 188 62.69 -12.46 -18.64
CA ASN A 188 63.12 -12.45 -20.06
C ASN A 188 64.50 -13.09 -20.13
N HIS A 189 64.62 -14.25 -20.78
CA HIS A 189 65.90 -14.98 -21.04
C HIS A 189 66.10 -15.23 -22.54
N CYS A 190 65.49 -14.44 -23.41
CA CYS A 190 65.58 -14.62 -24.87
C CYS A 190 66.72 -13.74 -25.41
N SER A 191 67.28 -14.13 -26.55
CA SER A 191 68.01 -13.24 -27.49
C SER A 191 67.19 -12.00 -27.82
N LEU A 192 67.82 -11.04 -28.48
CA LEU A 192 67.15 -9.86 -29.08
C LEU A 192 66.28 -10.29 -30.25
N PRO A 193 66.70 -11.19 -31.17
CA PRO A 193 65.82 -11.66 -32.24
C PRO A 193 64.45 -12.15 -31.71
N GLN A 194 64.45 -13.02 -30.70
CA GLN A 194 63.23 -13.65 -30.15
C GLN A 194 62.51 -12.70 -29.17
N GLN A 195 63.20 -11.69 -28.65
CA GLN A 195 62.54 -10.63 -27.83
C GLN A 195 61.70 -9.73 -28.73
N ARG A 196 62.03 -9.65 -30.01
CA ARG A 196 61.25 -8.87 -31.01
C ARG A 196 60.00 -9.68 -31.39
N LYS A 197 60.15 -10.99 -31.66
CA LYS A 197 59.05 -11.96 -31.80
C LYS A 197 58.05 -11.73 -30.67
N MET A 198 58.54 -11.78 -29.42
CA MET A 198 57.70 -11.57 -28.23
C MET A 198 56.88 -10.30 -28.39
N ALA A 199 57.47 -9.25 -28.92
CA ALA A 199 56.84 -7.92 -28.95
C ALA A 199 55.77 -7.90 -30.06
N GLU A 200 56.05 -8.49 -31.23
CA GLU A 200 55.07 -8.63 -32.35
C GLU A 200 53.82 -9.33 -31.81
N ILE A 201 54.05 -10.44 -31.12
CA ILE A 201 52.98 -11.37 -30.65
C ILE A 201 52.13 -10.68 -29.56
N PHE A 202 52.75 -9.91 -28.68
CA PHE A 202 52.01 -9.13 -27.64
C PHE A 202 51.07 -8.16 -28.35
N LYS A 203 51.57 -7.40 -29.35
CA LYS A 203 50.78 -6.38 -30.09
C LYS A 203 49.69 -7.07 -30.94
N SER A 204 50.02 -8.09 -31.74
CA SER A 204 49.06 -8.72 -32.70
C SER A 204 47.94 -9.44 -31.95
N VAL A 205 48.23 -9.98 -30.77
CA VAL A 205 47.24 -10.84 -30.01
C VAL A 205 46.40 -9.94 -29.11
N PHE A 206 47.00 -9.09 -28.29
CA PHE A 206 46.24 -8.28 -27.29
C PHE A 206 45.56 -7.09 -27.96
N GLY A 207 46.09 -6.62 -29.09
CA GLY A 207 45.60 -5.42 -29.78
C GLY A 207 45.46 -4.26 -28.83
N GLU A 208 44.27 -3.61 -28.82
CA GLU A 208 44.13 -2.26 -28.17
C GLU A 208 43.96 -2.42 -26.64
N LYS A 209 43.93 -3.66 -26.13
CA LYS A 209 43.93 -3.97 -24.68
C LYS A 209 45.34 -3.76 -24.09
N LEU A 210 46.40 -3.95 -24.90
CA LEU A 210 47.81 -3.81 -24.41
C LEU A 210 48.16 -2.33 -24.27
N VAL A 211 48.55 -1.92 -23.05
CA VAL A 211 49.04 -0.54 -22.76
C VAL A 211 50.42 -0.41 -23.40
N ALA A 212 50.52 0.42 -24.45
CA ALA A 212 51.74 0.66 -25.26
C ALA A 212 52.17 2.14 -25.19
N LYS A 213 51.54 2.93 -24.33
CA LYS A 213 51.81 4.38 -24.15
C LYS A 213 51.20 4.87 -22.82
N PHE A 214 51.66 5.98 -22.26
CA PHE A 214 51.02 6.62 -21.08
C PHE A 214 49.63 7.07 -21.52
N LEU A 215 48.58 6.75 -20.76
CA LEU A 215 47.18 6.88 -21.23
C LEU A 215 46.49 8.07 -20.55
N PHE A 216 47.00 8.65 -19.48
CA PHE A 216 46.19 9.54 -18.59
C PHE A 216 46.84 10.90 -18.38
N GLU A 217 45.97 11.90 -18.20
CA GLU A 217 46.26 13.34 -17.97
C GLU A 217 47.15 13.43 -16.72
N THR A 218 46.86 12.56 -15.74
CA THR A 218 47.49 12.50 -14.40
C THR A 218 48.94 12.00 -14.50
N ASP A 219 49.36 11.43 -15.63
CA ASP A 219 50.72 10.80 -15.80
C ASP A 219 51.75 11.88 -16.17
N PHE A 220 51.31 13.04 -16.66
CA PHE A 220 52.19 14.17 -17.06
C PHE A 220 52.04 15.31 -16.04
N SER A 221 51.86 14.98 -14.75
CA SER A 221 51.61 15.96 -13.67
C SER A 221 52.88 16.07 -12.83
N ASP A 222 52.91 16.98 -11.87
CA ASP A 222 54.16 17.36 -11.16
C ASP A 222 54.64 16.10 -10.39
N ASP A 223 53.84 15.61 -9.43
CA ASP A 223 54.14 14.35 -8.66
C ASP A 223 53.16 13.26 -9.08
N PRO A 224 53.54 12.44 -10.07
CA PRO A 224 52.65 11.43 -10.61
C PRO A 224 52.59 10.22 -9.68
N MET A 225 51.40 9.62 -9.65
CA MET A 225 51.04 8.32 -9.04
C MET A 225 50.63 7.35 -10.14
N LEU A 226 50.68 6.03 -9.87
CA LEU A 226 50.07 5.04 -10.80
C LEU A 226 48.59 5.37 -10.96
N PRO A 227 47.97 5.06 -12.12
CA PRO A 227 46.54 5.31 -12.31
C PRO A 227 45.73 4.21 -11.61
N SER A 228 44.43 4.45 -11.39
CA SER A 228 43.48 3.54 -10.69
C SER A 228 43.23 2.26 -11.48
N PRO A 229 42.99 1.09 -10.84
CA PRO A 229 42.63 -0.13 -11.55
C PRO A 229 41.31 0.04 -12.32
N ASP A 230 40.44 0.96 -11.90
CA ASP A 230 39.21 1.36 -12.62
C ASP A 230 39.52 1.95 -14.01
N GLN A 231 40.31 3.02 -14.05
CA GLN A 231 40.81 3.70 -15.27
C GLN A 231 41.37 2.71 -16.30
N LEU A 232 41.94 1.60 -15.84
CA LEU A 232 42.66 0.56 -16.63
C LEU A 232 41.80 -0.70 -16.91
N ARG A 233 40.47 -0.58 -16.95
CA ARG A 233 39.63 -1.79 -17.24
C ARG A 233 40.04 -2.38 -18.60
N ARG A 234 40.05 -3.70 -18.69
CA ARG A 234 40.29 -4.44 -19.97
C ARG A 234 41.63 -3.99 -20.55
N LYS A 235 42.65 -3.86 -19.71
CA LYS A 235 44.04 -3.51 -20.11
C LYS A 235 45.04 -4.54 -19.59
N VAL A 236 46.10 -4.75 -20.36
CA VAL A 236 47.21 -5.70 -20.08
C VAL A 236 48.52 -4.89 -19.90
N LEU A 237 49.09 -4.90 -18.69
CA LEU A 237 50.36 -4.19 -18.39
C LEU A 237 51.51 -5.20 -18.44
N LEU A 238 52.50 -4.95 -19.30
CA LEU A 238 53.76 -5.73 -19.31
C LEU A 238 54.67 -5.21 -18.18
N LYS A 239 55.35 -6.15 -17.53
CA LYS A 239 56.37 -5.89 -16.51
C LYS A 239 57.62 -6.58 -17.05
N ASN A 240 58.54 -5.80 -17.62
CA ASN A 240 59.83 -6.26 -18.16
C ASN A 240 60.83 -5.19 -17.76
N LYS A 241 62.14 -5.43 -17.93
CA LYS A 241 63.15 -4.35 -17.89
C LYS A 241 62.87 -3.34 -19.01
N LYS A 242 63.24 -2.08 -18.82
CA LYS A 242 63.12 -1.00 -19.83
C LYS A 242 64.51 -0.35 -20.07
N LEU A 243 64.92 -0.24 -21.32
CA LEU A 243 66.15 0.48 -21.72
C LEU A 243 66.19 1.86 -21.06
N LYS A 244 67.33 2.21 -20.45
CA LYS A 244 67.59 3.54 -19.84
C LYS A 244 67.81 4.48 -21.01
N ALA A 245 67.27 5.69 -20.94
CA ALA A 245 67.46 6.76 -21.96
C ALA A 245 68.91 7.28 -21.97
N HIS A 246 69.60 7.16 -23.11
CA HIS A 246 70.88 7.81 -23.45
C HIS A 246 70.69 9.33 -23.47
N GLN A 247 71.74 10.07 -23.08
CA GLN A 247 71.71 11.55 -22.94
C GLN A 247 71.92 12.23 -24.31
N THR A 248 72.75 11.66 -25.20
CA THR A 248 73.12 12.32 -26.49
C THR A 248 73.36 11.31 -27.60
N PRO A 249 73.23 11.74 -28.88
CA PRO A 249 73.54 10.89 -30.03
C PRO A 249 74.90 10.20 -29.97
N VAL A 250 75.87 10.89 -29.38
CA VAL A 250 77.31 10.49 -29.38
C VAL A 250 77.48 9.31 -28.43
N ASP A 251 76.78 9.34 -27.28
CA ASP A 251 76.81 8.27 -26.26
C ASP A 251 76.37 6.96 -26.90
N ILE A 252 75.27 6.98 -27.68
CA ILE A 252 74.74 5.80 -28.41
C ILE A 252 75.86 5.23 -29.29
N LEU A 253 76.47 6.07 -30.13
CA LEU A 253 77.50 5.64 -31.11
C LEU A 253 78.75 5.15 -30.40
N LYS A 254 79.15 5.83 -29.31
CA LYS A 254 80.34 5.44 -28.51
C LYS A 254 80.11 4.07 -27.90
N GLN A 255 78.96 3.85 -27.25
CA GLN A 255 78.59 2.53 -26.66
C GLN A 255 78.64 1.46 -27.75
N LYS A 256 78.12 1.75 -28.95
CA LYS A 256 78.12 0.83 -30.11
C LYS A 256 79.55 0.49 -30.54
N ALA A 257 80.45 1.45 -30.50
CA ALA A 257 81.87 1.24 -30.87
C ALA A 257 82.56 0.38 -29.82
N HIS A 258 82.22 0.55 -28.54
CA HIS A 258 82.69 -0.30 -27.41
C HIS A 258 82.35 -1.77 -27.68
N GLN A 259 81.07 -2.08 -27.96
CA GLN A 259 80.58 -3.46 -28.28
C GLN A 259 81.44 -4.07 -29.38
N LEU A 260 81.61 -3.37 -30.51
CA LEU A 260 82.39 -3.85 -31.67
C LEU A 260 83.81 -4.15 -31.21
N ALA A 261 84.42 -3.19 -30.50
CA ALA A 261 85.85 -3.17 -30.11
C ALA A 261 86.27 -4.49 -29.45
N SER A 262 85.44 -5.05 -28.58
CA SER A 262 85.69 -6.36 -27.89
C SER A 262 84.86 -7.48 -28.52
N MET A 263 85.43 -8.17 -29.51
CA MET A 263 84.96 -9.45 -30.13
C MET A 263 86.23 -10.15 -30.66
N GLN A 264 86.22 -11.48 -30.88
CA GLN A 264 87.31 -12.20 -31.61
C GLN A 264 86.91 -13.67 -31.81
N GLU A 358 68.52 -13.32 -15.78
CA GLU A 358 67.91 -12.66 -16.97
C GLU A 358 69.00 -12.17 -17.95
N SER A 359 68.62 -11.89 -19.20
CA SER A 359 69.52 -11.33 -20.24
C SER A 359 69.72 -9.84 -19.96
N ARG A 360 70.95 -9.36 -20.19
CA ARG A 360 71.30 -7.93 -19.99
C ARG A 360 70.72 -7.07 -21.11
N GLN A 361 70.84 -7.48 -22.39
CA GLN A 361 70.31 -6.67 -23.53
C GLN A 361 68.79 -6.88 -23.60
N ILE A 362 68.09 -5.84 -24.04
CA ILE A 362 66.62 -5.64 -24.10
C ILE A 362 66.29 -5.08 -25.49
N ALA A 363 65.61 -5.83 -26.36
CA ALA A 363 65.07 -5.35 -27.64
C ALA A 363 64.27 -4.08 -27.41
N PRO A 364 64.51 -3.01 -28.18
CA PRO A 364 63.76 -1.76 -28.04
C PRO A 364 62.27 -1.97 -28.32
N GLU A 365 61.97 -2.85 -29.27
CA GLU A 365 60.60 -3.20 -29.74
C GLU A 365 59.77 -3.59 -28.50
N LEU A 366 60.35 -4.38 -27.60
CA LEU A 366 59.74 -4.89 -26.33
C LEU A 366 59.77 -3.81 -25.24
N SER A 367 60.91 -3.11 -25.07
CA SER A 367 61.09 -2.02 -24.08
C SER A 367 60.02 -0.97 -24.29
N ASP A 368 59.62 -0.68 -25.53
CA ASP A 368 58.67 0.43 -25.82
C ASP A 368 57.28 0.02 -25.28
N LEU A 369 57.04 -1.27 -25.02
CA LEU A 369 55.73 -1.79 -24.53
C LEU A 369 55.70 -1.81 -22.99
N VAL A 370 56.78 -1.42 -22.34
CA VAL A 370 56.86 -1.31 -20.86
C VAL A 370 56.57 0.13 -20.46
N ILE A 371 55.50 0.39 -19.73
CA ILE A 371 55.01 1.76 -19.45
C ILE A 371 54.89 1.95 -17.94
N TYR A 372 53.89 1.33 -17.28
CA TYR A 372 53.56 1.53 -15.84
C TYR A 372 54.36 0.59 -14.94
N CYS A 373 54.98 -0.45 -15.48
CA CYS A 373 55.64 -1.49 -14.67
C CYS A 373 57.05 -1.72 -15.22
N GLN A 374 57.99 -0.84 -14.86
CA GLN A 374 59.39 -0.92 -15.35
C GLN A 374 60.17 -1.68 -14.27
N ALA A 375 60.53 -2.94 -14.57
CA ALA A 375 61.30 -3.82 -13.68
C ALA A 375 62.67 -3.19 -13.43
N VAL A 376 63.11 -3.17 -12.18
CA VAL A 376 64.41 -2.65 -11.71
C VAL A 376 64.86 -3.57 -10.57
N LYS A 377 66.08 -4.09 -10.69
CA LYS A 377 66.87 -4.59 -9.54
C LYS A 377 66.67 -3.58 -8.39
N PHE A 378 66.39 -4.10 -7.19
CA PHE A 378 65.78 -3.29 -6.10
C PHE A 378 66.83 -2.32 -5.58
N PRO A 379 66.54 -1.00 -5.54
CA PRO A 379 67.54 0.01 -5.20
C PRO A 379 67.80 0.22 -3.70
N GLY A 380 66.91 -0.29 -2.84
CA GLY A 380 66.93 -0.09 -1.37
C GLY A 380 65.83 0.87 -0.95
N LEU A 381 65.88 1.36 0.30
CA LEU A 381 64.94 2.36 0.82
C LEU A 381 65.73 3.55 1.41
N ARG A 449 65.71 8.25 -13.90
CA ARG A 449 65.03 9.46 -14.43
C ARG A 449 63.53 9.19 -14.74
N THR A 450 63.08 7.96 -15.08
CA THR A 450 61.60 7.80 -15.15
C THR A 450 61.06 8.03 -13.74
N PRO A 451 59.91 8.73 -13.57
CA PRO A 451 59.34 8.93 -12.24
C PRO A 451 59.24 7.57 -11.53
N LYS A 452 59.34 7.58 -10.20
CA LYS A 452 59.62 6.37 -9.38
C LYS A 452 58.35 5.52 -9.22
N CYS A 453 57.16 6.11 -9.30
CA CYS A 453 55.89 5.35 -9.14
C CYS A 453 55.70 4.31 -10.26
N TYR A 454 56.42 4.41 -11.39
CA TYR A 454 56.40 3.44 -12.51
C TYR A 454 57.48 2.36 -12.35
N HIS A 455 58.19 2.35 -11.25
CA HIS A 455 59.26 1.37 -10.97
C HIS A 455 58.68 0.26 -10.11
N ILE A 456 59.11 -0.97 -10.36
CA ILE A 456 58.54 -2.16 -9.65
C ILE A 456 59.70 -3.13 -9.52
N SER A 457 59.77 -3.81 -8.39
CA SER A 457 60.86 -4.76 -8.08
C SER A 457 60.26 -6.08 -7.60
N SER A 458 61.07 -7.12 -7.72
CA SER A 458 60.70 -8.54 -7.59
C SER A 458 61.74 -9.12 -6.63
N LEU A 459 61.34 -9.40 -5.39
CA LEU A 459 62.26 -9.90 -4.36
C LEU A 459 61.88 -11.32 -4.01
N ASN A 460 62.83 -12.23 -4.03
CA ASN A 460 62.63 -13.56 -3.40
C ASN A 460 62.21 -13.31 -1.94
N GLU A 461 61.50 -14.27 -1.38
CA GLU A 461 60.76 -14.17 -0.10
C GLU A 461 61.73 -13.85 1.04
N ASN A 462 62.97 -14.31 0.94
CA ASN A 462 63.97 -14.16 2.01
C ASN A 462 64.39 -12.69 2.10
N ALA A 463 64.75 -12.10 0.96
CA ALA A 463 65.11 -10.67 0.83
C ALA A 463 63.92 -9.81 1.24
N ALA A 464 62.69 -10.23 0.97
CA ALA A 464 61.50 -9.42 1.30
C ALA A 464 61.25 -9.48 2.80
N LYS A 465 61.63 -10.57 3.47
CA LYS A 465 61.42 -10.76 4.93
C LYS A 465 62.44 -9.93 5.71
N ARG A 466 63.71 -10.07 5.37
CA ARG A 466 64.80 -9.14 5.78
C ARG A 466 64.29 -7.69 5.71
N LEU A 467 63.74 -7.31 4.56
CA LEU A 467 63.21 -5.95 4.34
C LEU A 467 62.11 -5.63 5.35
N CYS A 468 61.25 -6.58 5.72
CA CYS A 468 60.07 -6.38 6.62
C CYS A 468 60.50 -6.29 8.09
N ARG A 469 61.50 -7.07 8.52
CA ARG A 469 62.07 -6.96 9.90
C ARG A 469 62.82 -5.62 10.06
N ARG A 470 63.75 -5.36 9.13
CA ARG A 470 64.72 -4.22 9.25
C ARG A 470 63.98 -2.91 8.99
N TYR A 471 63.19 -2.78 7.93
CA TYR A 471 62.67 -1.45 7.52
C TYR A 471 61.15 -1.45 7.53
N SER A 472 60.52 -2.06 8.52
CA SER A 472 59.04 -2.12 8.66
C SER A 472 58.40 -0.83 8.13
N GLN A 473 58.57 0.33 8.76
CA GLN A 473 57.76 1.55 8.48
C GLN A 473 58.18 2.13 7.12
N LYS A 474 59.46 2.00 6.77
CA LYS A 474 59.98 2.48 5.47
C LYS A 474 59.37 1.64 4.33
N LEU A 475 59.32 0.33 4.48
CA LEU A 475 58.66 -0.57 3.48
C LEU A 475 57.19 -0.17 3.25
N ILE A 476 56.44 0.18 4.30
CA ILE A 476 55.05 0.71 4.25
C ILE A 476 55.04 2.08 3.53
N GLN A 477 56.01 2.97 3.76
CA GLN A 477 55.95 4.30 3.08
C GLN A 477 56.26 4.12 1.60
N HIS A 478 57.11 3.14 1.28
CA HIS A 478 57.52 2.73 -0.10
C HIS A 478 56.33 2.14 -0.87
N THR A 479 55.63 1.14 -0.29
CA THR A 479 54.48 0.47 -0.94
C THR A 479 53.31 1.44 -1.10
N ALA A 480 53.25 2.57 -0.40
CA ALA A 480 52.18 3.57 -0.62
C ALA A 480 52.26 4.07 -2.06
N CYS A 481 53.45 4.35 -2.62
CA CYS A 481 53.62 4.99 -3.94
C CYS A 481 54.06 4.00 -5.03
N GLN A 482 54.74 2.90 -4.70
CA GLN A 482 55.28 1.97 -5.71
C GLN A 482 54.77 0.54 -5.53
N LEU A 483 54.73 -0.26 -6.60
CA LEU A 483 54.37 -1.69 -6.49
C LEU A 483 55.63 -2.47 -6.13
N LEU A 484 55.51 -3.44 -5.24
CA LEU A 484 56.55 -4.44 -4.95
C LEU A 484 55.93 -5.85 -5.07
N ARG A 485 56.71 -6.80 -5.57
CA ARG A 485 56.30 -8.18 -5.83
C ARG A 485 57.26 -9.12 -5.09
N THR A 486 56.73 -9.98 -4.25
CA THR A 486 57.48 -11.08 -3.60
C THR A 486 57.15 -12.36 -4.34
N TYR A 487 58.10 -13.29 -4.37
CA TYR A 487 57.84 -14.63 -4.92
C TYR A 487 58.51 -15.68 -4.04
N PRO A 488 58.09 -16.94 -4.11
CA PRO A 488 58.72 -18.00 -3.34
C PRO A 488 60.22 -18.09 -3.56
N ALA A 489 60.95 -18.32 -2.48
CA ALA A 489 62.40 -18.62 -2.48
C ALA A 489 62.66 -19.73 -3.48
N ALA A 490 63.86 -19.77 -4.07
CA ALA A 490 64.33 -20.81 -5.00
C ALA A 490 64.46 -22.14 -4.27
N THR A 491 64.59 -22.09 -2.95
CA THR A 491 64.80 -23.24 -2.04
C THR A 491 63.55 -24.15 -2.05
N ARG A 492 62.38 -23.61 -2.43
CA ARG A 492 61.08 -24.30 -2.38
C ARG A 492 60.82 -25.06 -3.68
N ILE A 493 61.66 -26.03 -4.01
CA ILE A 493 61.61 -26.76 -5.31
C ILE A 493 60.36 -27.65 -5.37
N ASP A 494 59.66 -27.86 -4.24
CA ASP A 494 58.44 -28.71 -4.18
C ASP A 494 57.22 -27.81 -4.43
N SER A 495 57.43 -26.55 -4.77
CA SER A 495 56.37 -25.56 -5.03
C SER A 495 55.45 -25.38 -3.81
N SER A 496 55.99 -25.51 -2.60
CA SER A 496 55.44 -24.94 -1.34
C SER A 496 55.32 -23.42 -1.48
N ASN A 497 54.62 -22.78 -0.55
CA ASN A 497 54.31 -21.32 -0.64
C ASN A 497 54.69 -20.65 0.68
N PRO A 498 55.08 -19.36 0.70
CA PRO A 498 55.37 -18.69 1.97
C PRO A 498 54.07 -18.09 2.50
N ASN A 499 53.99 -17.77 3.79
CA ASN A 499 52.78 -17.13 4.35
C ASN A 499 52.70 -15.73 3.76
N PRO A 500 51.61 -15.34 3.10
CA PRO A 500 51.44 -13.98 2.60
C PRO A 500 51.28 -12.84 3.62
N LEU A 501 50.87 -13.16 4.86
CA LEU A 501 50.55 -12.10 5.89
C LEU A 501 51.74 -11.18 6.13
N MET A 502 52.93 -11.73 6.34
CA MET A 502 54.10 -10.86 6.62
C MET A 502 54.15 -9.68 5.63
N PHE A 503 54.07 -10.05 4.34
CA PHE A 503 54.17 -9.15 3.17
C PHE A 503 52.95 -8.23 3.09
N TRP A 504 51.75 -8.72 3.25
CA TRP A 504 50.56 -7.86 3.10
C TRP A 504 50.54 -6.80 4.21
N LEU A 505 51.07 -7.11 5.39
CA LEU A 505 51.01 -6.19 6.56
C LEU A 505 51.96 -5.00 6.30
N HIS A 506 53.01 -5.21 5.49
CA HIS A 506 53.90 -4.12 5.01
C HIS A 506 53.40 -3.56 3.67
N GLY A 507 52.23 -4.02 3.21
CA GLY A 507 51.56 -3.37 2.07
C GLY A 507 52.17 -3.80 0.75
N ILE A 508 52.94 -4.89 0.72
CA ILE A 508 53.36 -5.55 -0.54
C ILE A 508 52.09 -6.00 -1.30
N GLN A 509 51.98 -5.62 -2.56
CA GLN A 509 50.75 -5.77 -3.38
C GLN A 509 50.73 -7.13 -4.09
N LEU A 510 51.83 -7.49 -4.75
CA LEU A 510 51.90 -8.73 -5.52
C LEU A 510 52.55 -9.84 -4.69
N VAL A 511 51.78 -10.60 -3.91
CA VAL A 511 52.37 -11.80 -3.27
C VAL A 511 52.04 -12.98 -4.15
N ALA A 512 53.06 -13.46 -4.86
CA ALA A 512 52.98 -14.44 -5.95
C ALA A 512 53.12 -15.83 -5.37
N LEU A 513 52.05 -16.61 -5.45
CA LEU A 513 52.00 -17.98 -4.89
C LEU A 513 51.98 -19.00 -6.03
N ASN A 514 52.40 -20.21 -5.74
CA ASN A 514 52.24 -21.37 -6.64
C ASN A 514 50.77 -21.85 -6.56
N TYR A 515 49.94 -21.59 -7.57
CA TYR A 515 48.49 -21.89 -7.51
C TYR A 515 48.26 -23.38 -7.61
N GLN A 516 49.29 -24.15 -7.93
CA GLN A 516 49.18 -25.60 -8.19
C GLN A 516 49.36 -26.41 -6.91
N THR A 517 49.59 -25.72 -5.78
CA THR A 517 49.93 -26.39 -4.50
C THR A 517 48.89 -26.01 -3.46
N ASP A 518 48.01 -26.96 -3.08
CA ASP A 518 46.97 -26.62 -2.08
C ASP A 518 47.68 -26.69 -0.71
N ASP A 519 47.78 -25.54 -0.06
CA ASP A 519 48.47 -25.41 1.24
C ASP A 519 47.85 -24.18 1.90
N LEU A 520 48.11 -23.99 3.18
CA LEU A 520 47.40 -22.97 3.98
C LEU A 520 47.60 -21.60 3.31
N PRO A 521 48.78 -21.28 2.75
CA PRO A 521 48.98 -19.96 2.20
C PRO A 521 48.10 -19.75 0.96
N LEU A 522 48.02 -20.73 0.07
CA LEU A 522 47.11 -20.56 -1.08
C LEU A 522 45.65 -20.33 -0.61
N HIS A 523 45.24 -20.95 0.49
CA HIS A 523 43.88 -20.77 1.03
C HIS A 523 43.73 -19.38 1.67
N LEU A 524 44.80 -18.88 2.30
CA LEU A 524 44.85 -17.49 2.82
C LEU A 524 44.68 -16.51 1.66
N ASN A 525 45.42 -16.74 0.58
CA ASN A 525 45.27 -15.97 -0.68
C ASN A 525 43.80 -15.89 -1.04
N ALA A 526 43.14 -17.05 -1.14
CA ALA A 526 41.75 -17.14 -1.66
C ALA A 526 40.82 -16.35 -0.74
N ALA A 527 40.98 -16.46 0.58
CA ALA A 527 40.10 -15.75 1.53
C ALA A 527 40.22 -14.21 1.36
N MET A 528 41.45 -13.70 1.21
CA MET A 528 41.76 -12.26 0.91
C MET A 528 40.98 -11.77 -0.33
N PHE A 529 41.06 -12.49 -1.44
CA PHE A 529 40.50 -12.01 -2.74
C PHE A 529 39.04 -12.51 -2.98
N GLU A 530 38.33 -12.94 -1.94
CA GLU A 530 36.84 -13.01 -1.95
C GLU A 530 36.31 -11.56 -1.90
N ALA A 531 37.03 -10.65 -1.28
CA ALA A 531 36.58 -9.25 -1.07
C ALA A 531 36.38 -8.58 -2.41
N ASN A 532 35.48 -7.60 -2.43
CA ASN A 532 35.34 -6.68 -3.58
C ASN A 532 34.93 -7.47 -4.83
N GLY A 533 34.13 -8.53 -4.64
CA GLY A 533 33.55 -9.32 -5.73
C GLY A 533 34.52 -10.34 -6.28
N GLY A 534 35.62 -10.67 -5.62
CA GLY A 534 36.59 -11.66 -6.16
C GLY A 534 37.32 -11.16 -7.40
N CYS A 535 37.25 -9.86 -7.68
CA CYS A 535 37.85 -9.23 -8.89
C CYS A 535 39.39 -9.23 -8.87
N GLY A 536 40.05 -9.41 -7.72
CA GLY A 536 41.51 -9.64 -7.68
C GLY A 536 42.29 -8.39 -7.26
N TYR A 537 41.61 -7.25 -7.10
CA TYR A 537 42.13 -5.98 -6.56
C TYR A 537 41.34 -5.66 -5.29
N VAL A 538 42.00 -5.62 -4.13
CA VAL A 538 41.44 -5.26 -2.79
C VAL A 538 42.19 -4.05 -2.23
N LEU A 539 41.48 -2.96 -1.96
CA LEU A 539 41.99 -1.72 -1.33
C LEU A 539 42.61 -2.10 0.01
N LYS A 540 43.71 -1.44 0.36
CA LYS A 540 44.55 -1.79 1.51
C LYS A 540 43.95 -1.15 2.75
N PRO A 541 44.21 -1.75 3.93
CA PRO A 541 43.85 -1.12 5.20
C PRO A 541 44.43 0.28 5.20
N PRO A 542 43.62 1.34 5.43
CA PRO A 542 44.07 2.72 5.24
C PRO A 542 45.26 3.20 6.10
N VAL A 543 45.70 2.43 7.09
CA VAL A 543 46.93 2.83 7.85
C VAL A 543 48.15 2.77 6.93
N LEU A 544 48.11 2.07 5.79
CA LEU A 544 49.29 1.89 4.90
C LEU A 544 49.24 2.82 3.68
N TRP A 545 48.40 3.86 3.70
CA TRP A 545 48.37 4.87 2.62
C TRP A 545 47.58 6.13 2.98
N ASP A 546 46.53 6.09 3.78
CA ASP A 546 45.72 7.31 4.00
C ASP A 546 46.38 8.17 5.10
N LYS A 547 46.84 9.38 4.75
CA LYS A 547 47.50 10.34 5.67
C LYS A 547 46.59 10.71 6.84
N SER A 548 45.26 10.64 6.70
CA SER A 548 44.30 11.09 7.74
C SER A 548 43.95 9.96 8.73
N CYS A 549 44.68 8.83 8.66
CA CYS A 549 44.58 7.74 9.64
C CYS A 549 45.42 8.01 10.87
N PRO A 550 44.85 8.20 12.06
CA PRO A 550 45.60 8.36 13.29
C PRO A 550 46.92 7.57 13.43
N MET A 551 47.04 6.40 12.80
CA MET A 551 48.23 5.53 12.97
C MET A 551 49.14 5.56 11.73
N TYR A 552 48.86 6.41 10.74
CA TYR A 552 49.74 6.61 9.55
C TYR A 552 51.16 6.92 10.07
N GLN A 553 52.11 6.06 9.70
CA GLN A 553 53.59 6.23 9.89
C GLN A 553 54.01 5.87 11.32
N LYS A 554 53.07 5.84 12.27
CA LYS A 554 53.28 5.29 13.64
C LYS A 554 53.16 3.74 13.67
N PHE A 555 52.54 3.06 12.69
CA PHE A 555 52.29 1.59 12.73
C PHE A 555 53.46 0.80 12.13
N SER A 556 54.01 -0.09 12.94
CA SER A 556 54.82 -1.28 12.52
C SER A 556 54.13 -2.56 12.96
N PRO A 557 53.72 -3.43 12.02
CA PRO A 557 52.98 -4.63 12.40
C PRO A 557 53.75 -5.69 13.18
N LEU A 558 55.08 -5.58 13.31
CA LEU A 558 55.86 -6.64 14.04
C LEU A 558 56.06 -6.27 15.53
N GLU A 559 55.49 -5.15 15.97
CA GLU A 559 55.75 -4.54 17.31
C GLU A 559 54.59 -4.80 18.27
N ARG A 560 54.90 -5.21 19.51
CA ARG A 560 53.94 -5.59 20.60
C ARG A 560 53.40 -4.39 21.39
N ASP A 561 54.18 -3.33 21.57
CA ASP A 561 53.88 -2.13 22.40
C ASP A 561 52.77 -1.29 21.75
N LEU A 562 51.56 -1.83 21.58
CA LEU A 562 50.36 -1.01 21.29
C LEU A 562 49.63 -0.78 22.63
N ASP A 563 50.21 0.05 23.51
CA ASP A 563 49.66 0.33 24.86
C ASP A 563 48.78 1.58 24.80
N ALA A 564 48.88 2.34 23.71
CA ALA A 564 48.00 3.49 23.40
C ALA A 564 46.54 3.01 23.31
N MET A 565 46.25 1.78 22.87
CA MET A 565 44.87 1.41 22.43
C MET A 565 44.34 0.10 23.03
N ASP A 566 43.00 0.08 23.14
CA ASP A 566 42.16 -1.01 23.71
C ASP A 566 41.65 -1.90 22.57
N PRO A 567 42.04 -3.18 22.53
CA PRO A 567 41.66 -4.02 21.40
C PRO A 567 40.16 -4.39 21.49
N ALA A 568 39.55 -4.86 20.38
CA ALA A 568 38.19 -5.45 20.36
C ALA A 568 38.25 -6.86 20.92
N THR A 569 37.25 -7.24 21.74
CA THR A 569 37.17 -8.56 22.39
C THR A 569 36.26 -9.46 21.54
N TYR A 570 36.82 -10.53 21.01
CA TYR A 570 36.11 -11.56 20.23
C TYR A 570 35.91 -12.77 21.15
N SER A 571 34.68 -13.29 21.14
CA SER A 571 34.32 -14.63 21.62
C SER A 571 33.90 -15.48 20.41
N LEU A 572 34.40 -16.71 20.34
CA LEU A 572 34.07 -17.70 19.29
C LEU A 572 33.73 -19.02 19.97
N THR A 573 32.44 -19.42 19.95
CA THR A 573 31.99 -20.76 20.42
C THR A 573 31.93 -21.70 19.21
N ILE A 574 32.70 -22.79 19.25
CA ILE A 574 32.51 -23.98 18.40
C ILE A 574 31.43 -24.84 19.08
N ILE A 575 30.17 -24.71 18.67
CA ILE A 575 29.04 -25.51 19.22
C ILE A 575 29.14 -26.93 18.70
N SER A 576 29.17 -27.11 17.39
CA SER A 576 29.08 -28.48 16.82
C SER A 576 29.44 -28.52 15.36
N GLY A 577 29.54 -29.76 14.87
CA GLY A 577 29.87 -30.06 13.47
C GLY A 577 28.92 -31.06 12.83
N GLN A 578 29.01 -31.15 11.52
CA GLN A 578 28.36 -32.19 10.69
C GLN A 578 29.32 -32.75 9.65
N ASN A 579 29.49 -34.08 9.64
CA ASN A 579 30.24 -34.86 8.61
C ASN A 579 31.61 -34.19 8.45
N VAL A 580 32.33 -34.02 9.57
CA VAL A 580 33.56 -33.18 9.59
C VAL A 580 34.74 -33.98 9.04
N CYS A 581 34.72 -35.32 9.01
CA CYS A 581 35.73 -36.13 8.29
C CYS A 581 35.05 -37.10 7.33
N PRO A 582 34.74 -36.63 6.09
CA PRO A 582 34.24 -37.49 5.02
C PRO A 582 34.84 -38.89 4.85
N SER A 583 34.00 -39.92 4.98
CA SER A 583 34.34 -41.35 4.76
C SER A 583 35.05 -41.90 5.99
N ASN A 584 34.85 -41.25 7.12
CA ASN A 584 35.42 -41.71 8.41
C ASN A 584 34.40 -41.41 9.51
N SER A 585 33.38 -42.25 9.63
CA SER A 585 32.28 -42.00 10.59
C SER A 585 32.87 -42.08 12.00
N THR A 586 33.87 -42.95 12.16
CA THR A 586 34.43 -43.45 13.44
C THR A 586 35.77 -42.77 13.80
N GLY A 587 36.15 -41.70 13.12
CA GLY A 587 37.29 -40.87 13.54
C GLY A 587 36.97 -40.07 14.80
N SER A 588 38.00 -39.58 15.48
CA SER A 588 37.84 -38.71 16.67
C SER A 588 38.31 -37.29 16.33
N PRO A 589 37.42 -36.35 15.99
CA PRO A 589 37.82 -35.04 15.54
C PRO A 589 37.91 -34.01 16.67
N CYS A 590 38.84 -33.07 16.50
CA CYS A 590 38.81 -31.76 17.17
C CYS A 590 38.97 -30.70 16.12
N ILE A 591 38.57 -29.50 16.48
CA ILE A 591 38.70 -28.26 15.68
C ILE A 591 39.90 -27.42 16.19
N GLU A 592 40.89 -27.20 15.31
CA GLU A 592 41.94 -26.16 15.46
C GLU A 592 41.35 -24.85 14.96
N VAL A 593 41.35 -23.80 15.78
CA VAL A 593 41.03 -22.40 15.34
C VAL A 593 42.29 -21.55 15.51
N ASP A 594 42.78 -20.97 14.42
CA ASP A 594 44.00 -20.13 14.39
C ASP A 594 43.58 -18.70 14.06
N VAL A 595 43.91 -17.75 14.92
CA VAL A 595 43.82 -16.31 14.56
C VAL A 595 45.15 -15.93 13.89
N LEU A 596 45.11 -15.51 12.61
CA LEU A 596 46.28 -15.16 11.78
C LEU A 596 46.24 -13.68 11.41
N GLY A 597 47.21 -12.91 11.93
CA GLY A 597 47.29 -11.47 11.69
C GLY A 597 48.68 -10.95 12.03
N MET A 598 48.82 -9.71 12.49
CA MET A 598 50.15 -9.33 13.02
C MET A 598 50.40 -10.23 14.21
N PRO A 599 51.67 -10.52 14.55
CA PRO A 599 52.00 -11.33 15.73
C PRO A 599 51.18 -11.09 16.99
N LEU A 600 50.92 -9.83 17.35
CA LEU A 600 50.19 -9.45 18.59
C LEU A 600 48.76 -10.00 18.56
N ASP A 601 48.21 -10.13 17.36
CA ASP A 601 46.81 -10.56 17.17
C ASP A 601 46.78 -12.08 17.01
N SER A 602 47.90 -12.72 16.69
CA SER A 602 47.98 -14.18 16.41
C SER A 602 47.81 -15.04 17.67
N CYS A 603 47.10 -16.16 17.56
CA CYS A 603 46.89 -17.15 18.66
C CYS A 603 46.18 -18.40 18.13
N HIS A 604 46.38 -19.54 18.79
CA HIS A 604 45.92 -20.89 18.40
C HIS A 604 44.97 -21.45 19.46
N PHE A 605 43.86 -22.07 19.07
CA PHE A 605 42.96 -22.85 19.94
C PHE A 605 42.75 -24.22 19.31
N ARG A 606 42.28 -25.13 20.14
CA ARG A 606 42.00 -26.51 19.74
C ARG A 606 41.00 -27.06 20.75
N THR A 607 39.90 -27.65 20.31
CA THR A 607 38.89 -28.31 21.18
C THR A 607 39.44 -29.64 21.68
N LYS A 608 38.72 -30.24 22.64
CA LYS A 608 38.87 -31.66 23.05
C LYS A 608 38.50 -32.49 21.84
N PRO A 609 39.07 -33.71 21.69
CA PRO A 609 38.59 -34.66 20.69
C PRO A 609 37.32 -35.38 21.17
N ILE A 610 36.26 -35.37 20.33
CA ILE A 610 35.02 -36.18 20.47
C ILE A 610 35.34 -37.62 20.06
N HIS A 611 35.03 -38.59 20.91
CA HIS A 611 35.44 -39.99 20.68
C HIS A 611 34.46 -40.65 19.69
N ARG A 612 34.98 -40.96 18.50
CA ARG A 612 34.37 -41.85 17.46
C ARG A 612 33.01 -41.28 17.04
N ASN A 613 32.97 -40.05 16.57
CA ASN A 613 31.75 -39.39 16.06
C ASN A 613 32.26 -38.21 15.22
N THR A 614 32.28 -38.38 13.89
CA THR A 614 32.65 -37.29 12.96
C THR A 614 31.39 -36.81 12.26
N LEU A 615 30.23 -37.36 12.61
CA LEU A 615 28.95 -37.18 11.88
C LEU A 615 28.16 -36.07 12.55
N ASN A 616 28.08 -36.06 13.86
CA ASN A 616 27.42 -34.91 14.51
C ASN A 616 28.06 -34.58 15.86
N PRO A 617 29.41 -34.51 15.91
CA PRO A 617 30.14 -34.21 17.13
C PRO A 617 29.64 -32.89 17.70
N MET A 618 29.57 -32.82 19.03
CA MET A 618 29.27 -31.58 19.77
C MET A 618 30.38 -31.27 20.76
N TRP A 619 30.93 -30.06 20.67
CA TRP A 619 32.06 -29.57 21.49
C TRP A 619 31.57 -28.54 22.51
N ASN A 620 30.76 -27.58 22.09
CA ASN A 620 30.28 -26.39 22.86
C ASN A 620 31.42 -25.73 23.66
N GLU A 621 32.56 -25.54 23.00
CA GLU A 621 33.80 -24.96 23.53
C GLU A 621 33.94 -23.52 23.01
N GLN A 622 34.40 -22.64 23.86
CA GLN A 622 34.50 -21.18 23.61
C GLN A 622 35.95 -20.72 23.71
N PHE A 623 36.38 -19.85 22.81
CA PHE A 623 37.71 -19.17 22.86
C PHE A 623 37.44 -17.67 22.89
N LEU A 624 38.11 -16.96 23.80
CA LEU A 624 38.28 -15.47 23.81
C LEU A 624 39.61 -15.11 23.14
N PHE A 625 39.62 -14.03 22.38
CA PHE A 625 40.86 -13.44 21.81
C PHE A 625 40.61 -11.95 21.57
N ARG A 626 41.66 -11.13 21.80
CA ARG A 626 41.61 -9.67 21.52
C ARG A 626 42.34 -9.39 20.23
N VAL A 627 41.92 -8.37 19.49
CA VAL A 627 42.56 -7.97 18.20
C VAL A 627 42.54 -6.44 18.07
N HIS A 628 43.70 -5.89 17.72
CA HIS A 628 43.96 -4.45 17.48
C HIS A 628 43.73 -4.09 16.01
N PHE A 629 44.30 -4.87 15.10
CA PHE A 629 44.30 -4.61 13.64
C PHE A 629 43.25 -5.54 12.99
N GLU A 630 41.97 -5.15 13.04
CA GLU A 630 40.90 -6.04 12.53
C GLU A 630 41.02 -6.19 11.02
N ASP A 631 41.61 -5.18 10.34
CA ASP A 631 41.56 -5.03 8.87
C ASP A 631 42.27 -6.18 8.16
N LEU A 632 43.11 -6.94 8.85
CA LEU A 632 43.87 -8.04 8.22
C LEU A 632 44.17 -9.11 9.28
N VAL A 633 43.10 -9.62 9.89
CA VAL A 633 43.11 -10.90 10.60
C VAL A 633 42.31 -11.89 9.75
N PHE A 634 42.76 -13.15 9.69
CA PHE A 634 42.10 -14.30 9.08
C PHE A 634 41.80 -15.34 10.17
N LEU A 635 40.57 -15.86 10.19
CA LEU A 635 40.16 -16.99 11.06
C LEU A 635 40.33 -18.26 10.24
N ARG A 636 41.18 -19.16 10.68
CA ARG A 636 41.34 -20.49 10.08
C ARG A 636 40.68 -21.54 11.00
N PHE A 637 39.61 -22.18 10.52
CA PHE A 637 39.02 -23.39 11.12
C PHE A 637 39.57 -24.61 10.40
N ALA A 638 40.21 -25.51 11.08
CA ALA A 638 40.62 -26.82 10.52
C ALA A 638 40.04 -27.93 11.39
N VAL A 639 39.64 -29.01 10.75
CA VAL A 639 39.16 -30.24 11.42
C VAL A 639 40.34 -31.19 11.41
N VAL A 640 40.67 -31.70 12.57
CA VAL A 640 41.86 -32.56 12.76
C VAL A 640 41.39 -33.87 13.36
N GLU A 641 41.72 -34.95 12.66
CA GLU A 641 41.37 -36.32 13.09
C GLU A 641 42.46 -36.74 14.06
N ASN A 642 42.12 -36.79 15.35
CA ASN A 642 43.07 -36.82 16.49
C ASN A 642 44.02 -38.02 16.41
N ASN A 643 43.55 -39.17 15.90
CA ASN A 643 44.36 -40.41 15.75
C ASN A 643 45.49 -40.19 14.74
N SER A 644 45.17 -40.06 13.45
CA SER A 644 46.12 -39.81 12.33
C SER A 644 46.68 -38.36 12.35
N SER A 645 46.09 -37.46 13.14
CA SER A 645 46.43 -36.02 13.23
C SER A 645 46.35 -35.37 11.84
N ALA A 646 45.51 -35.91 10.96
CA ALA A 646 45.34 -35.42 9.58
C ALA A 646 44.21 -34.38 9.53
N ILE A 647 44.33 -33.42 8.64
CA ILE A 647 43.34 -32.34 8.41
C ILE A 647 42.39 -32.84 7.34
N THR A 648 41.11 -32.90 7.68
CA THR A 648 40.05 -33.59 6.89
C THR A 648 39.15 -32.52 6.24
N ALA A 649 39.09 -31.34 6.83
CA ALA A 649 38.29 -30.21 6.35
C ALA A 649 38.89 -28.92 6.85
N GLN A 650 38.61 -27.82 6.18
CA GLN A 650 39.33 -26.56 6.41
C GLN A 650 38.44 -25.42 5.93
N ARG A 651 38.50 -24.26 6.58
CA ARG A 651 37.86 -23.05 6.07
C ARG A 651 38.58 -21.83 6.66
N ILE A 652 38.86 -20.84 5.80
CA ILE A 652 39.49 -19.55 6.21
C ILE A 652 38.52 -18.44 5.87
N ILE A 653 38.34 -17.50 6.77
CA ILE A 653 37.38 -16.39 6.61
C ILE A 653 37.99 -15.11 7.20
N PRO A 654 38.04 -13.98 6.47
CA PRO A 654 38.53 -12.73 7.07
C PRO A 654 37.70 -12.44 8.34
N LEU A 655 38.31 -11.95 9.42
CA LEU A 655 37.58 -11.74 10.69
C LEU A 655 36.42 -10.78 10.48
N LYS A 656 36.63 -9.76 9.65
CA LYS A 656 35.66 -8.66 9.46
C LYS A 656 34.50 -9.19 8.63
N ALA A 657 34.68 -10.36 8.01
CA ALA A 657 33.72 -11.00 7.11
C ALA A 657 32.75 -11.90 7.91
N LEU A 658 33.17 -12.36 9.10
CA LEU A 658 32.36 -13.28 9.97
C LEU A 658 31.14 -12.52 10.48
N LYS A 659 29.94 -13.06 10.34
CA LYS A 659 28.71 -12.45 10.89
C LYS A 659 28.54 -12.85 12.37
N ARG A 660 28.04 -11.88 13.14
CA ARG A 660 27.88 -12.08 14.59
C ARG A 660 26.80 -13.16 14.74
N GLY A 661 26.87 -13.97 15.80
CA GLY A 661 25.76 -14.79 16.29
C GLY A 661 25.87 -16.23 15.88
N TYR A 662 24.78 -16.98 16.06
CA TYR A 662 24.66 -18.39 15.66
C TYR A 662 24.59 -18.44 14.12
N ARG A 663 25.43 -19.29 13.52
CA ARG A 663 25.74 -19.34 12.08
C ARG A 663 26.34 -20.69 11.70
N HIS A 664 26.17 -21.07 10.44
CA HIS A 664 26.75 -22.29 9.85
C HIS A 664 27.95 -21.90 9.02
N LEU A 665 29.04 -22.64 9.20
CA LEU A 665 30.29 -22.35 8.48
C LEU A 665 30.58 -23.46 7.51
N GLN A 666 30.32 -23.24 6.23
CA GLN A 666 30.57 -24.25 5.18
C GLN A 666 32.03 -24.64 5.26
N LEU A 667 32.34 -25.92 5.47
CA LEU A 667 33.74 -26.41 5.44
C LEU A 667 34.10 -26.75 4.02
N ARG A 668 35.39 -26.95 3.76
CA ARG A 668 35.90 -27.30 2.41
C ARG A 668 37.01 -28.34 2.52
N ASN A 669 37.28 -29.06 1.44
CA ASN A 669 38.29 -30.13 1.43
C ASN A 669 39.62 -29.45 1.30
N LEU A 670 40.69 -30.24 1.21
CA LEU A 670 42.07 -29.71 1.18
C LEU A 670 42.41 -29.08 -0.18
N HIS A 671 41.50 -29.09 -1.15
CA HIS A 671 41.68 -28.42 -2.47
C HIS A 671 40.85 -27.13 -2.49
N ASN A 672 40.30 -26.74 -1.33
CA ASN A 672 39.47 -25.53 -1.17
C ASN A 672 38.16 -25.66 -1.96
N GLU A 673 37.79 -26.90 -2.35
CA GLU A 673 36.48 -27.25 -2.95
C GLU A 673 35.42 -27.31 -1.84
N ILE A 674 34.21 -26.79 -2.05
CA ILE A 674 33.04 -27.01 -1.14
C ILE A 674 32.73 -28.51 -0.96
N LEU A 675 32.58 -28.93 0.28
CA LEU A 675 32.10 -30.25 0.74
C LEU A 675 30.60 -30.06 0.97
N GLU A 676 29.74 -30.66 0.14
CA GLU A 676 28.33 -30.19 0.08
C GLU A 676 27.62 -30.40 1.43
N ILE A 677 28.05 -31.32 2.30
CA ILE A 677 27.27 -31.58 3.55
C ILE A 677 28.05 -31.19 4.81
N SER A 678 29.38 -31.13 4.75
CA SER A 678 30.21 -30.95 5.96
C SER A 678 30.12 -29.48 6.39
N SER A 679 29.83 -29.18 7.65
CA SER A 679 29.85 -27.78 8.19
C SER A 679 30.14 -27.75 9.71
N LEU A 680 30.38 -26.55 10.29
CA LEU A 680 30.44 -26.32 11.77
C LEU A 680 29.36 -25.31 12.15
N PHE A 681 28.80 -25.45 13.34
CA PHE A 681 27.80 -24.52 13.89
C PHE A 681 28.53 -23.72 14.96
N ILE A 682 28.48 -22.38 14.87
CA ILE A 682 29.38 -21.49 15.68
C ILE A 682 28.62 -20.26 16.17
N ASN A 683 29.06 -19.75 17.30
CA ASN A 683 28.61 -18.46 17.84
C ASN A 683 29.84 -17.56 17.79
N SER A 684 29.65 -16.28 17.46
CA SER A 684 30.71 -15.26 17.66
C SER A 684 30.04 -14.02 18.24
N ARG A 685 30.84 -13.28 19.01
CA ARG A 685 30.43 -12.03 19.70
C ARG A 685 31.62 -11.09 19.60
N ARG A 686 31.37 -9.79 19.61
CA ARG A 686 32.43 -8.75 19.54
C ARG A 686 32.05 -7.63 20.50
N MET A 687 33.04 -7.10 21.22
CA MET A 687 32.86 -6.06 22.24
C MET A 687 33.90 -4.95 22.03
N GLU A 688 33.62 -3.76 22.54
CA GLU A 688 34.57 -2.62 22.57
C GLU A 688 34.37 -1.82 23.87
N ASP A 689 35.25 -2.04 24.86
CA ASP A 689 35.29 -1.31 26.17
C ASP A 689 35.65 0.18 25.93
N THR A 695 42.91 6.27 27.04
CA THR A 695 43.10 5.20 26.03
C THR A 695 41.96 5.29 25.01
N ARG A 696 42.10 4.62 23.86
CA ARG A 696 41.11 4.71 22.77
C ARG A 696 40.98 3.38 22.03
N PRO A 697 39.79 3.10 21.43
CA PRO A 697 39.56 1.84 20.75
C PRO A 697 40.41 1.69 19.48
N ALA A 698 40.97 0.51 19.26
CA ALA A 698 41.89 0.24 18.13
C ALA A 698 41.19 0.58 16.81
N SER A 699 39.95 0.12 16.63
CA SER A 699 39.23 0.19 15.34
C SER A 699 38.99 1.65 14.91
N LEU A 700 39.12 2.60 15.84
CA LEU A 700 39.01 4.06 15.59
C LEU A 700 40.40 4.65 15.31
N MET A 701 41.43 4.11 15.98
CA MET A 701 42.84 4.48 15.77
C MET A 701 43.30 4.02 14.39
N PHE A 702 42.75 2.95 13.83
CA PHE A 702 43.20 2.38 12.53
C PHE A 702 42.27 2.84 11.42
N ASN A 703 41.34 3.72 11.75
CA ASN A 703 40.25 4.15 10.83
C ASN A 703 40.59 5.49 10.20
N THR A 704 39.71 5.98 9.32
CA THR A 704 39.76 7.35 8.74
C THR A 704 38.34 7.92 8.85
N GLU A 705 38.16 9.23 8.83
CA GLU A 705 36.82 9.85 8.94
C GLU A 705 36.06 9.55 7.64
N GLU A 706 36.79 9.33 6.54
CA GLU A 706 36.18 9.04 5.23
C GLU A 706 35.62 7.61 5.20
N ARG A 707 36.34 6.62 5.74
CA ARG A 707 35.87 5.22 5.74
C ARG A 707 34.70 5.08 6.72
N LYS A 708 34.85 5.61 7.94
CA LYS A 708 33.76 5.70 8.96
C LYS A 708 32.45 6.11 8.26
N CYS A 709 32.43 7.28 7.62
CA CYS A 709 31.19 7.93 7.11
C CYS A 709 30.65 7.19 5.89
N SER A 710 31.46 6.30 5.29
CA SER A 710 31.06 5.47 4.13
C SER A 710 30.64 4.06 4.59
N GLN A 711 31.08 3.59 5.77
CA GLN A 711 30.62 2.27 6.33
C GLN A 711 29.15 2.41 6.75
N THR A 712 28.24 1.72 6.06
CA THR A 712 26.80 1.62 6.41
C THR A 712 26.70 0.79 7.67
N HIS A 713 25.90 1.25 8.62
CA HIS A 713 25.47 0.42 9.78
C HIS A 713 23.99 0.73 10.00
N LYS A 714 23.24 -0.26 10.48
CA LYS A 714 21.81 -0.05 10.83
C LYS A 714 21.69 0.05 12.34
N VAL A 715 20.75 0.85 12.81
CA VAL A 715 20.38 0.94 14.25
C VAL A 715 18.86 0.76 14.32
N THR A 716 18.39 0.03 15.33
CA THR A 716 16.96 -0.08 15.71
C THR A 716 16.72 0.85 16.90
N VAL A 717 15.64 1.63 16.85
CA VAL A 717 15.23 2.61 17.89
C VAL A 717 13.76 2.37 18.26
N HIS A 718 13.47 2.11 19.54
CA HIS A 718 12.11 1.86 20.10
C HIS A 718 11.48 3.22 20.42
N GLY A 719 10.16 3.32 20.48
CA GLY A 719 9.46 4.51 21.02
C GLY A 719 9.31 5.64 20.01
N VAL A 720 9.57 5.36 18.73
CA VAL A 720 9.48 6.36 17.63
C VAL A 720 8.00 6.58 17.34
N PRO A 721 7.45 7.81 17.51
CA PRO A 721 6.05 8.03 17.16
C PRO A 721 5.78 7.39 15.79
N GLY A 722 4.78 6.52 15.69
CA GLY A 722 4.42 5.82 14.44
C GLY A 722 3.60 4.55 14.69
N PRO A 723 3.30 3.78 13.63
CA PRO A 723 2.51 2.56 13.77
C PRO A 723 3.32 1.54 14.57
N GLU A 724 4.44 1.08 13.98
CA GLU A 724 5.27 -0.05 14.49
C GLU A 724 5.84 0.37 15.85
N PRO A 725 6.18 -0.57 16.77
CA PRO A 725 6.78 -0.20 18.05
C PRO A 725 8.30 0.08 18.01
N PHE A 726 9.00 -0.32 16.94
CA PHE A 726 10.42 -0.01 16.70
C PHE A 726 10.65 0.18 15.21
N ALA A 727 11.43 1.21 14.86
CA ALA A 727 11.80 1.54 13.48
C ALA A 727 13.29 1.29 13.28
N VAL A 728 13.69 1.02 12.05
CA VAL A 728 15.12 0.94 11.62
C VAL A 728 15.53 2.25 10.92
N PHE A 729 16.82 2.57 11.04
CA PHE A 729 17.46 3.75 10.43
C PHE A 729 18.79 3.30 9.84
N THR A 730 19.13 3.83 8.68
CA THR A 730 20.45 3.65 8.03
C THR A 730 21.31 4.81 8.52
N ILE A 731 22.52 4.48 9.00
CA ILE A 731 23.52 5.46 9.52
C ILE A 731 24.92 4.99 9.09
N ASN A 732 25.97 5.62 9.62
CA ASN A 732 27.38 5.23 9.36
C ASN A 732 28.11 5.14 10.71
N GLU A 733 29.28 4.48 10.74
CA GLU A 733 30.10 4.32 11.97
C GLU A 733 30.52 5.68 12.55
N GLY A 734 30.32 6.77 11.77
CA GLY A 734 30.65 8.15 12.19
C GLY A 734 29.46 8.90 12.76
N THR A 735 28.24 8.51 12.40
CA THR A 735 27.01 9.16 12.89
C THR A 735 27.04 9.27 14.42
N LYS A 736 26.53 10.38 14.96
CA LYS A 736 26.55 10.70 16.42
C LYS A 736 25.10 10.97 16.88
N ALA A 737 24.84 10.80 18.18
CA ALA A 737 23.51 10.90 18.83
C ALA A 737 22.74 12.11 18.30
N LYS A 738 23.37 13.29 18.21
CA LYS A 738 22.74 14.57 17.81
C LYS A 738 22.22 14.45 16.38
N GLN A 739 22.96 13.73 15.52
CA GLN A 739 22.67 13.55 14.07
C GLN A 739 21.49 12.60 13.92
N LEU A 740 21.50 11.45 14.61
CA LEU A 740 20.40 10.45 14.61
C LEU A 740 19.10 11.09 15.08
N LEU A 741 19.16 11.99 16.07
CA LEU A 741 17.99 12.71 16.64
C LEU A 741 17.34 13.56 15.56
N GLN A 742 18.14 14.31 14.80
CA GLN A 742 17.67 15.16 13.69
C GLN A 742 17.04 14.26 12.64
N GLN A 743 17.64 13.12 12.31
CA GLN A 743 17.16 12.18 11.24
C GLN A 743 15.76 11.67 11.62
N ILE A 744 15.57 11.24 12.86
CA ILE A 744 14.28 10.70 13.36
C ILE A 744 13.22 11.81 13.27
N LEU A 745 13.55 12.99 13.78
CA LEU A 745 12.57 13.99 14.22
C LEU A 745 12.32 15.05 13.15
N ALA A 746 13.13 15.16 12.11
CA ALA A 746 13.18 16.37 11.26
C ALA A 746 11.78 16.69 10.72
N VAL A 747 11.06 15.67 10.25
CA VAL A 747 9.64 15.76 9.80
C VAL A 747 8.83 16.35 10.96
N ASP A 748 8.52 17.65 10.92
CA ASP A 748 7.76 18.37 11.98
C ASP A 748 6.67 17.44 12.55
N GLN A 749 6.61 17.32 13.88
CA GLN A 749 5.82 16.29 14.63
C GLN A 749 5.37 15.16 13.69
N ASP A 757 13.45 18.97 21.96
CA ASP A 757 13.24 18.48 23.36
C ASP A 757 12.92 16.97 23.35
N TYR A 758 13.83 16.17 22.76
CA TYR A 758 13.93 14.70 22.88
C TYR A 758 15.42 14.32 23.05
N PHE A 759 15.70 13.16 23.65
CA PHE A 759 17.06 12.56 23.71
C PHE A 759 16.92 11.04 23.55
N LEU A 760 18.01 10.38 23.14
CA LEU A 760 18.08 8.90 23.04
C LEU A 760 18.52 8.33 24.37
N MET A 761 17.98 7.16 24.74
CA MET A 761 18.30 6.45 26.01
C MET A 761 18.87 5.08 25.66
N GLU A 762 20.02 4.72 26.24
CA GLU A 762 20.59 3.35 26.16
C GLU A 762 19.93 2.51 27.27
N GLU A 763 19.06 1.56 26.91
CA GLU A 763 18.31 0.67 27.83
C GLU A 763 18.91 -0.74 27.78
N LYS A 764 19.06 -1.38 28.94
CA LYS A 764 19.38 -2.83 29.02
C LYS A 764 18.26 -3.49 29.82
N HIS A 765 17.58 -4.46 29.21
CA HIS A 765 16.50 -5.27 29.81
C HIS A 765 17.09 -6.64 30.12
N PHE A 766 16.79 -7.19 31.30
CA PHE A 766 17.51 -8.34 31.90
C PHE A 766 16.68 -9.62 31.80
N ILE A 767 17.28 -10.76 32.17
CA ILE A 767 16.59 -12.04 32.47
C ILE A 767 16.97 -12.49 33.90
N LYS A 776 14.12 -7.94 37.20
CA LYS A 776 15.04 -6.81 37.56
C LYS A 776 14.39 -5.50 37.09
N GLN A 777 15.11 -4.38 37.09
CA GLN A 777 14.62 -3.10 36.49
C GLN A 777 15.67 -2.59 35.51
N PRO A 778 15.26 -2.12 34.33
CA PRO A 778 16.22 -1.85 33.26
C PRO A 778 17.24 -0.75 33.56
N PHE A 779 18.53 -1.02 33.37
CA PHE A 779 19.66 -0.03 33.22
C PHE A 779 19.20 1.04 32.23
N GLN A 780 19.41 2.31 32.54
CA GLN A 780 19.04 3.47 31.69
C GLN A 780 20.16 4.52 31.77
N ARG A 781 20.75 4.88 30.62
CA ARG A 781 21.78 5.95 30.49
C ARG A 781 21.34 6.88 29.37
N ALA A 782 21.03 8.15 29.67
CA ALA A 782 20.85 9.24 28.67
C ALA A 782 22.08 9.27 27.77
N VAL A 783 21.93 9.50 26.46
CA VAL A 783 23.05 9.50 25.49
C VAL A 783 23.48 10.94 25.25
N GLY A 784 24.79 11.20 25.27
CA GLY A 784 25.33 12.56 25.08
C GLY A 784 25.16 13.00 23.63
N PRO A 785 24.57 14.20 23.37
CA PRO A 785 24.48 14.73 22.02
C PRO A 785 25.69 14.44 21.11
N GLU A 786 26.94 14.47 21.60
CA GLU A 786 28.14 14.37 20.71
C GLU A 786 28.69 12.94 20.65
N GLU A 787 27.94 11.95 21.16
CA GLU A 787 28.42 10.55 21.29
C GLU A 787 28.15 9.73 20.01
N ASP A 788 29.12 8.93 19.58
CA ASP A 788 29.05 8.02 18.39
C ASP A 788 28.07 6.87 18.72
N ILE A 789 27.08 6.59 17.86
CA ILE A 789 25.98 5.59 18.08
C ILE A 789 26.53 4.18 17.92
N VAL A 790 27.16 3.89 16.79
CA VAL A 790 27.70 2.53 16.49
C VAL A 790 28.66 2.12 17.62
N GLN A 791 29.33 3.05 18.28
CA GLN A 791 30.27 2.76 19.41
C GLN A 791 29.46 2.20 20.59
N ILE A 792 28.24 2.70 20.81
CA ILE A 792 27.29 2.22 21.86
C ILE A 792 26.86 0.78 21.53
N LEU A 793 26.46 0.48 20.29
CA LEU A 793 25.99 -0.88 19.87
C LEU A 793 27.12 -1.89 20.06
N ASN A 794 28.38 -1.45 19.97
CA ASN A 794 29.58 -2.32 20.02
C ASN A 794 30.11 -2.46 21.45
N SER A 795 29.55 -1.68 22.36
CA SER A 795 29.82 -1.76 23.82
C SER A 795 29.05 -2.95 24.37
N TRP A 796 27.82 -3.19 23.88
CA TRP A 796 26.94 -4.32 24.26
C TRP A 796 27.66 -5.64 24.02
N PHE A 797 27.44 -6.61 24.89
CA PHE A 797 27.87 -8.01 24.67
C PHE A 797 26.66 -8.90 24.92
N PRO A 798 26.30 -9.79 23.99
CA PRO A 798 25.17 -10.69 24.22
C PRO A 798 25.52 -11.84 25.17
N GLU A 799 24.52 -12.64 25.58
CA GLU A 799 24.65 -13.82 26.48
C GLU A 799 25.33 -13.36 27.78
N GLU A 800 24.94 -12.18 28.27
CA GLU A 800 25.33 -11.71 29.61
C GLU A 800 24.13 -11.15 30.34
N GLY A 801 22.97 -11.72 30.09
CA GLY A 801 21.75 -11.53 30.90
C GLY A 801 21.04 -10.25 30.58
N TYR A 802 21.41 -9.54 29.53
CA TYR A 802 20.70 -8.34 29.06
C TYR A 802 20.57 -8.35 27.55
N VAL A 803 19.56 -7.65 27.05
CA VAL A 803 19.44 -7.24 25.62
C VAL A 803 19.39 -5.73 25.59
N GLY A 804 20.21 -5.15 24.71
CA GLY A 804 20.34 -3.70 24.50
C GLY A 804 19.28 -3.19 23.56
N ARG A 805 18.75 -2.01 23.89
CA ARG A 805 17.91 -1.19 23.03
C ARG A 805 18.40 0.25 23.03
N ILE A 806 18.04 0.99 21.98
CA ILE A 806 18.11 2.48 21.93
C ILE A 806 16.67 2.99 21.90
N VAL A 807 16.32 3.91 22.81
CA VAL A 807 14.91 4.38 23.04
C VAL A 807 14.83 5.89 22.88
N LEU A 808 13.74 6.38 22.28
CA LEU A 808 13.42 7.83 22.22
C LEU A 808 12.61 8.19 23.45
N LYS A 809 12.96 9.25 24.16
CA LYS A 809 12.28 9.68 25.41
C LYS A 809 12.01 11.18 25.35
N PRO A 810 10.86 11.63 25.92
CA PRO A 810 10.63 13.06 26.12
C PRO A 810 11.43 13.60 27.32
N GLN A 811 12.05 14.79 27.20
CA GLN A 811 12.88 15.42 28.28
C GLN A 811 11.94 15.90 29.40
N PHE B 23 17.83 7.70 -21.10
CA PHE B 23 18.78 7.54 -19.91
C PHE B 23 18.68 6.12 -19.31
N GLY B 24 17.54 5.81 -18.66
CA GLY B 24 17.36 4.59 -17.85
C GLY B 24 15.91 4.09 -17.81
N VAL B 25 15.69 3.00 -17.07
CA VAL B 25 14.38 2.27 -16.94
C VAL B 25 13.71 2.65 -15.60
N GLY B 26 12.48 3.18 -15.65
CA GLY B 26 11.67 3.60 -14.48
C GLY B 26 11.29 2.41 -13.58
N ILE B 27 10.58 2.65 -12.47
CA ILE B 27 10.18 1.56 -11.53
C ILE B 27 8.99 0.83 -12.14
N LEU B 28 7.97 1.58 -12.62
CA LEU B 28 6.75 1.06 -13.29
C LEU B 28 7.15 0.07 -14.40
N GLN B 29 8.22 0.37 -15.12
CA GLN B 29 8.67 -0.35 -16.33
C GLN B 29 9.57 -1.51 -15.93
N LEU B 30 10.30 -1.38 -14.82
CA LEU B 30 11.18 -2.49 -14.32
C LEU B 30 10.28 -3.54 -13.65
N ASN B 31 9.16 -3.12 -13.08
CA ASN B 31 8.13 -4.03 -12.50
C ASN B 31 7.44 -4.84 -13.60
N ASP B 32 7.02 -4.20 -14.69
CA ASP B 32 6.38 -4.90 -15.83
C ASP B 32 7.36 -5.95 -16.34
N PHE B 33 8.64 -5.61 -16.47
CA PHE B 33 9.65 -6.58 -16.97
C PHE B 33 9.75 -7.74 -15.99
N LEU B 34 9.67 -7.50 -14.68
CA LEU B 34 9.96 -8.55 -13.66
C LEU B 34 8.76 -9.52 -13.55
N VAL B 35 7.55 -8.97 -13.45
CA VAL B 35 6.24 -9.68 -13.51
C VAL B 35 6.22 -10.55 -14.76
N ASN B 36 6.37 -9.94 -15.93
CA ASN B 36 6.11 -10.60 -17.24
C ASN B 36 7.22 -11.56 -17.63
N CYS B 37 8.50 -11.23 -17.48
CA CYS B 37 9.63 -12.10 -17.96
C CYS B 37 10.09 -13.03 -16.87
N GLN B 38 10.17 -12.52 -15.65
CA GLN B 38 10.94 -13.15 -14.55
C GLN B 38 9.93 -13.77 -13.61
N GLY B 39 8.68 -13.40 -13.75
CA GLY B 39 7.60 -13.89 -12.87
C GLY B 39 7.97 -13.68 -11.41
N GLU B 40 8.40 -12.47 -11.08
CA GLU B 40 8.81 -12.04 -9.72
C GLU B 40 7.99 -10.79 -9.41
N HIS B 41 7.21 -10.87 -8.35
CA HIS B 41 6.31 -9.79 -7.88
C HIS B 41 7.01 -9.10 -6.71
N CYS B 42 7.71 -8.00 -7.00
CA CYS B 42 8.37 -7.13 -6.00
C CYS B 42 7.51 -5.90 -5.75
N THR B 43 7.65 -5.32 -4.55
CA THR B 43 6.96 -4.10 -4.07
C THR B 43 7.71 -2.88 -4.61
N TYR B 44 7.10 -1.70 -4.56
CA TYR B 44 7.73 -0.42 -5.00
C TYR B 44 9.11 -0.32 -4.36
N ASP B 45 9.23 -0.64 -3.06
CA ASP B 45 10.47 -0.45 -2.26
C ASP B 45 11.53 -1.49 -2.64
N GLU B 46 11.20 -2.77 -2.82
CA GLU B 46 12.20 -3.83 -3.14
C GLU B 46 12.85 -3.54 -4.50
N ILE B 47 12.15 -2.83 -5.39
CA ILE B 47 12.60 -2.46 -6.78
C ILE B 47 13.50 -1.23 -6.69
N LEU B 48 13.09 -0.20 -5.95
CA LEU B 48 13.94 0.97 -5.60
C LEU B 48 15.26 0.46 -4.98
N SER B 49 15.23 -0.66 -4.25
CA SER B 49 16.41 -1.36 -3.67
C SER B 49 17.28 -1.97 -4.76
N ILE B 50 16.72 -2.71 -5.73
CA ILE B 50 17.46 -3.33 -6.86
C ILE B 50 18.18 -2.23 -7.65
N ILE B 51 17.57 -1.05 -7.82
CA ILE B 51 18.18 0.09 -8.57
C ILE B 51 19.38 0.61 -7.78
N GLN B 52 19.16 0.95 -6.50
CA GLN B 52 20.19 1.36 -5.51
C GLN B 52 21.35 0.36 -5.51
N LYS B 53 21.10 -0.93 -5.72
CA LYS B 53 22.14 -1.98 -5.63
C LYS B 53 22.90 -2.14 -6.96
N PHE B 54 22.40 -1.65 -8.09
CA PHE B 54 23.00 -2.00 -9.41
C PHE B 54 23.24 -0.75 -10.27
N GLU B 55 22.69 0.40 -9.88
CA GLU B 55 23.01 1.71 -10.51
C GLU B 55 24.06 2.46 -9.68
N PRO B 56 25.34 2.50 -10.10
CA PRO B 56 26.41 3.21 -9.37
C PRO B 56 26.18 4.73 -9.29
N ASN B 57 25.80 5.32 -10.42
CA ASN B 57 25.48 6.76 -10.59
C ASN B 57 24.34 7.16 -9.64
N ILE B 58 24.60 8.00 -8.64
CA ILE B 58 23.69 8.29 -7.50
C ILE B 58 22.49 9.17 -7.93
N SER B 59 22.63 10.07 -8.91
CA SER B 59 21.56 11.03 -9.30
C SER B 59 20.48 10.30 -10.10
N MET B 60 20.87 9.27 -10.87
CA MET B 60 19.98 8.25 -11.47
C MET B 60 19.24 7.53 -10.32
N CYS B 61 19.98 6.90 -9.40
CA CYS B 61 19.47 6.23 -8.16
C CYS B 61 18.44 7.09 -7.43
N HIS B 62 18.68 8.40 -7.33
CA HIS B 62 17.85 9.38 -6.56
C HIS B 62 16.56 9.69 -7.33
N GLN B 63 16.45 9.28 -8.59
CA GLN B 63 15.29 9.55 -9.47
C GLN B 63 14.58 8.24 -9.84
N GLY B 64 15.06 7.11 -9.32
CA GLY B 64 14.48 5.76 -9.51
C GLY B 64 14.63 5.25 -10.93
N LEU B 65 15.82 5.41 -11.53
CA LEU B 65 16.16 4.98 -12.91
C LEU B 65 17.37 4.06 -12.89
N LEU B 66 17.21 2.83 -13.37
CA LEU B 66 18.31 1.88 -13.61
C LEU B 66 18.81 2.11 -15.04
N SER B 67 20.10 2.36 -15.19
CA SER B 67 20.77 2.57 -16.49
C SER B 67 20.74 1.26 -17.26
N PHE B 68 20.92 1.32 -18.59
CA PHE B 68 20.89 0.13 -19.49
C PHE B 68 22.04 -0.82 -19.14
N GLU B 69 23.22 -0.31 -18.81
CA GLU B 69 24.37 -1.19 -18.44
C GLU B 69 24.06 -1.85 -17.08
N GLY B 70 23.26 -1.19 -16.24
CA GLY B 70 22.93 -1.64 -14.88
C GLY B 70 21.85 -2.71 -14.87
N PHE B 71 20.86 -2.55 -15.74
CA PHE B 71 19.85 -3.59 -16.09
C PHE B 71 20.55 -4.88 -16.52
N ALA B 72 21.58 -4.79 -17.36
CA ALA B 72 22.36 -5.96 -17.81
C ALA B 72 23.13 -6.55 -16.63
N ARG B 73 23.61 -5.73 -15.71
CA ARG B 73 24.46 -6.16 -14.57
C ARG B 73 23.55 -6.95 -13.62
N PHE B 74 22.33 -6.43 -13.40
CA PHE B 74 21.27 -7.02 -12.54
C PHE B 74 20.96 -8.48 -12.92
N LEU B 75 20.88 -8.82 -14.21
CA LEU B 75 20.49 -10.16 -14.72
C LEU B 75 21.69 -11.06 -14.93
N MET B 76 22.85 -10.50 -15.28
CA MET B 76 24.10 -11.27 -15.53
C MET B 76 24.70 -11.67 -14.17
N ASP B 77 24.28 -10.98 -13.08
CA ASP B 77 24.65 -11.28 -11.67
C ASP B 77 24.71 -12.79 -11.42
N LYS B 78 25.72 -13.24 -10.68
CA LYS B 78 26.01 -14.68 -10.39
C LYS B 78 24.91 -15.28 -9.51
N ASP B 79 24.19 -14.43 -8.79
CA ASP B 79 23.17 -14.84 -7.79
C ASP B 79 21.77 -14.72 -8.41
N ASN B 80 21.66 -14.82 -9.74
CA ASN B 80 20.36 -14.86 -10.46
C ASN B 80 20.06 -16.31 -10.89
N PHE B 81 19.99 -17.24 -9.93
CA PHE B 81 20.07 -18.70 -10.21
C PHE B 81 18.78 -19.21 -10.89
N ALA B 82 18.84 -20.40 -11.47
CA ALA B 82 17.70 -20.96 -12.25
C ALA B 82 16.73 -21.72 -11.33
N SER B 83 17.27 -22.59 -10.47
CA SER B 83 16.52 -23.57 -9.64
C SER B 83 15.79 -22.84 -8.52
N LYS B 84 14.56 -23.20 -8.23
CA LYS B 84 13.83 -22.75 -7.02
C LYS B 84 14.25 -23.62 -5.83
N ASN B 85 14.91 -24.76 -6.08
CA ASN B 85 15.17 -25.84 -5.08
C ASN B 85 16.30 -25.45 -4.12
N ASP B 86 17.08 -24.43 -4.46
CA ASP B 86 18.00 -23.74 -3.50
C ASP B 86 17.22 -23.48 -2.20
N GLU B 87 15.95 -23.06 -2.31
CA GLU B 87 15.13 -22.54 -1.17
C GLU B 87 13.98 -23.51 -0.87
N SER B 88 14.07 -24.80 -1.22
CA SER B 88 13.04 -25.79 -0.82
C SER B 88 13.48 -26.42 0.49
N ARG B 89 12.49 -26.70 1.34
CA ARG B 89 12.66 -27.34 2.68
C ARG B 89 11.45 -28.25 2.99
N GLU B 90 11.66 -29.29 3.81
CA GLU B 90 10.60 -30.20 4.33
C GLU B 90 9.33 -29.41 4.60
N ASN B 91 8.21 -29.92 4.08
CA ASN B 91 6.85 -29.42 4.36
C ASN B 91 6.18 -30.44 5.28
N LYS B 92 5.69 -30.01 6.42
CA LYS B 92 5.24 -30.97 7.44
C LYS B 92 3.94 -31.61 6.94
N LYS B 93 3.02 -30.79 6.41
CA LYS B 93 1.70 -31.23 5.84
C LYS B 93 1.92 -32.27 4.72
N ASP B 94 2.79 -31.97 3.75
CA ASP B 94 3.12 -32.86 2.61
C ASP B 94 3.70 -34.18 3.12
N LEU B 95 4.00 -34.33 4.41
CA LEU B 95 4.60 -35.58 4.94
C LEU B 95 3.59 -36.31 5.81
N GLN B 96 2.30 -35.97 5.69
CA GLN B 96 1.26 -36.44 6.64
C GLN B 96 0.27 -37.42 5.95
N LEU B 97 0.63 -37.94 4.78
CA LEU B 97 -0.19 -38.91 4.03
C LEU B 97 0.53 -40.25 4.10
N PRO B 98 -0.17 -41.36 3.80
CA PRO B 98 0.43 -42.69 3.83
C PRO B 98 1.77 -42.83 3.12
N LEU B 99 2.56 -43.79 3.59
CA LEU B 99 3.95 -44.05 3.13
C LEU B 99 4.00 -44.33 1.63
N SER B 100 2.92 -44.79 1.05
CA SER B 100 2.86 -45.37 -0.31
C SER B 100 2.58 -44.28 -1.35
N TYR B 101 2.20 -43.09 -0.89
CA TYR B 101 1.94 -41.90 -1.74
C TYR B 101 3.23 -41.11 -2.07
N TYR B 102 4.43 -41.68 -1.84
CA TYR B 102 5.74 -40.96 -1.86
C TYR B 102 6.72 -41.70 -2.76
N TYR B 103 7.56 -40.98 -3.49
CA TYR B 103 8.81 -41.58 -3.97
C TYR B 103 9.74 -41.58 -2.77
N ILE B 104 10.59 -42.58 -2.65
CA ILE B 104 11.44 -42.85 -1.48
C ILE B 104 12.80 -43.23 -2.03
N GLU B 105 13.83 -42.40 -1.74
CA GLU B 105 15.16 -42.48 -2.36
C GLU B 105 15.72 -43.80 -1.89
N SER B 106 16.34 -44.59 -2.77
CA SER B 106 16.66 -46.00 -2.50
C SER B 106 18.01 -46.37 -3.14
N SER B 107 18.74 -47.22 -2.42
CA SER B 107 20.04 -47.79 -2.84
C SER B 107 19.92 -49.28 -3.11
N HIS B 108 20.48 -49.74 -4.23
CA HIS B 108 20.71 -51.18 -4.55
C HIS B 108 22.13 -51.60 -4.16
N ASN B 109 22.20 -52.72 -3.43
CA ASN B 109 23.43 -53.41 -2.96
C ASN B 109 24.39 -52.37 -2.43
N THR B 110 23.96 -51.67 -1.38
CA THR B 110 24.60 -50.44 -0.87
C THR B 110 26.08 -50.71 -0.54
N TYR B 111 26.37 -51.94 -0.09
CA TYR B 111 27.69 -52.38 0.41
C TYR B 111 28.71 -52.42 -0.72
N LEU B 112 28.30 -52.27 -1.97
CA LEU B 112 29.25 -52.42 -3.11
C LEU B 112 29.78 -51.06 -3.56
N THR B 113 31.09 -51.03 -3.83
CA THR B 113 31.86 -49.82 -4.23
C THR B 113 31.91 -49.73 -5.75
N GLY B 114 32.03 -50.85 -6.45
CA GLY B 114 32.13 -50.87 -7.91
C GLY B 114 31.37 -52.03 -8.50
N HIS B 115 32.11 -52.97 -9.06
CA HIS B 115 31.59 -54.08 -9.92
C HIS B 115 30.73 -54.97 -9.02
N GLN B 116 29.78 -55.67 -9.63
CA GLN B 116 28.73 -56.43 -8.92
C GLN B 116 29.31 -57.78 -8.49
N LEU B 117 30.35 -58.27 -9.18
CA LEU B 117 30.93 -59.64 -9.00
C LEU B 117 32.38 -59.59 -8.50
N LYS B 118 33.00 -58.42 -8.52
CA LYS B 118 34.44 -58.22 -8.23
C LYS B 118 34.56 -56.98 -7.35
N GLY B 119 35.70 -56.81 -6.71
CA GLY B 119 35.98 -55.57 -5.97
C GLY B 119 35.43 -55.63 -4.56
N GLU B 120 35.60 -54.52 -3.85
CA GLU B 120 35.52 -54.43 -2.38
C GLU B 120 34.09 -54.09 -2.01
N SER B 121 33.63 -54.61 -0.89
CA SER B 121 32.45 -54.12 -0.13
C SER B 121 32.96 -53.12 0.90
N SER B 122 32.21 -52.07 1.22
CA SER B 122 32.60 -51.06 2.22
C SER B 122 31.46 -50.78 3.17
N VAL B 123 31.75 -50.70 4.47
CA VAL B 123 30.77 -50.34 5.53
C VAL B 123 30.44 -48.85 5.41
N GLU B 124 31.44 -48.01 5.13
CA GLU B 124 31.29 -46.54 5.07
C GLU B 124 30.25 -46.17 4.03
N LEU B 125 30.14 -46.95 2.96
CA LEU B 125 29.16 -46.66 1.88
C LEU B 125 27.75 -46.49 2.45
N TYR B 126 27.40 -47.21 3.52
CA TYR B 126 26.08 -47.08 4.16
C TYR B 126 26.03 -45.68 4.80
N SER B 127 27.06 -45.26 5.53
CA SER B 127 27.21 -43.89 6.08
C SER B 127 27.04 -42.86 4.96
N GLN B 128 27.78 -42.95 3.86
CA GLN B 128 27.72 -41.89 2.81
C GLN B 128 26.30 -41.79 2.25
N VAL B 129 25.75 -42.93 1.85
CA VAL B 129 24.41 -43.01 1.19
C VAL B 129 23.35 -42.41 2.11
N LEU B 130 23.39 -42.72 3.40
CA LEU B 130 22.33 -42.29 4.36
C LEU B 130 22.49 -40.80 4.69
N LEU B 131 23.74 -40.32 4.84
CA LEU B 131 24.09 -38.88 4.98
C LEU B 131 23.50 -38.09 3.82
N GLN B 132 23.63 -38.60 2.58
CA GLN B 132 23.12 -37.96 1.34
C GLN B 132 21.61 -37.72 1.42
N GLY B 133 20.84 -38.55 2.14
CA GLY B 133 19.38 -38.37 2.29
C GLY B 133 18.62 -39.59 1.82
N CYS B 134 19.34 -40.58 1.29
CA CYS B 134 18.77 -41.91 0.93
C CYS B 134 18.07 -42.46 2.15
N ARG B 135 16.94 -43.17 1.94
CA ARG B 135 16.11 -43.73 3.05
C ARG B 135 15.99 -45.24 2.93
N SER B 136 16.23 -45.85 1.77
CA SER B 136 16.20 -47.33 1.64
C SER B 136 17.60 -47.80 1.28
N ILE B 137 18.08 -48.82 1.96
CA ILE B 137 19.41 -49.45 1.77
C ILE B 137 19.20 -50.97 1.80
N GLU B 138 20.19 -51.74 1.38
CA GLU B 138 20.05 -53.21 1.16
C GLU B 138 21.17 -53.95 1.91
N LEU B 139 20.83 -54.85 2.83
CA LEU B 139 21.81 -55.83 3.39
C LEU B 139 21.60 -57.16 2.66
N ASP B 140 22.69 -57.81 2.22
CA ASP B 140 22.72 -59.19 1.68
C ASP B 140 23.44 -60.07 2.69
N CYS B 141 22.73 -60.67 3.65
CA CYS B 141 23.30 -61.31 4.88
C CYS B 141 23.57 -62.79 4.63
N TRP B 142 24.80 -63.25 4.91
CA TRP B 142 25.29 -64.63 4.70
C TRP B 142 25.97 -65.16 5.97
N ASP B 143 26.28 -66.46 6.00
CA ASP B 143 26.93 -67.10 7.16
C ASP B 143 28.43 -66.76 7.19
N GLY B 144 28.94 -66.35 8.36
CA GLY B 144 30.37 -66.20 8.66
C GLY B 144 30.92 -67.39 9.41
N ASP B 145 32.21 -67.68 9.27
CA ASP B 145 32.93 -68.90 9.74
C ASP B 145 32.87 -69.04 11.29
N ASP B 146 32.45 -67.97 11.99
CA ASP B 146 32.58 -67.81 13.47
C ASP B 146 31.21 -67.55 14.09
N GLY B 147 30.12 -67.95 13.42
CA GLY B 147 28.74 -67.83 13.92
C GLY B 147 28.25 -66.39 13.94
N MET B 148 28.89 -65.47 13.19
CA MET B 148 28.43 -64.06 13.06
C MET B 148 28.14 -63.75 11.60
N PRO B 149 26.97 -63.14 11.31
CA PRO B 149 26.59 -62.88 9.92
C PRO B 149 27.52 -61.85 9.27
N ILE B 150 27.80 -62.04 7.98
CA ILE B 150 28.68 -61.18 7.13
C ILE B 150 27.86 -60.67 5.93
N ILE B 151 28.26 -59.57 5.30
CA ILE B 151 27.55 -59.00 4.11
C ILE B 151 28.51 -59.09 2.93
N TYR B 152 28.05 -59.68 1.82
CA TYR B 152 28.79 -59.71 0.54
C TYR B 152 27.87 -60.22 -0.55
N HIS B 153 28.26 -60.07 -1.82
CA HIS B 153 27.46 -60.57 -2.96
C HIS B 153 27.69 -62.07 -3.11
N GLY B 154 26.64 -62.87 -2.91
CA GLY B 154 26.72 -64.34 -2.78
C GLY B 154 27.48 -64.98 -3.92
N HIS B 155 28.32 -65.97 -3.61
CA HIS B 155 29.01 -66.88 -4.56
C HIS B 155 29.84 -66.09 -5.59
N THR B 156 30.54 -65.04 -5.15
CA THR B 156 31.40 -64.17 -6.00
C THR B 156 32.70 -63.81 -5.28
N LEU B 157 33.58 -63.08 -5.98
CA LEU B 157 34.91 -62.63 -5.48
C LEU B 157 34.79 -61.24 -4.85
N THR B 158 33.62 -60.82 -4.37
CA THR B 158 33.48 -59.61 -3.52
C THR B 158 34.18 -59.89 -2.19
N THR B 159 34.75 -58.86 -1.54
CA THR B 159 35.24 -58.95 -0.14
C THR B 159 34.01 -58.94 0.78
N LYS B 160 34.12 -59.59 1.95
CA LYS B 160 33.03 -59.67 2.94
C LYS B 160 33.21 -58.59 3.99
N ILE B 161 32.13 -57.94 4.43
CA ILE B 161 32.15 -56.99 5.58
C ILE B 161 31.28 -57.53 6.71
N PRO B 162 31.62 -57.27 8.00
CA PRO B 162 30.84 -57.80 9.11
C PRO B 162 29.43 -57.19 9.16
N PHE B 163 28.41 -58.01 9.43
CA PHE B 163 27.00 -57.56 9.48
C PHE B 163 26.83 -56.52 10.59
N LYS B 164 27.42 -56.81 11.75
CA LYS B 164 27.36 -55.94 12.95
C LYS B 164 27.92 -54.55 12.62
N GLU B 165 29.10 -54.47 12.01
CA GLU B 165 29.74 -53.16 11.69
C GLU B 165 28.75 -52.32 10.86
N VAL B 166 28.04 -52.95 9.92
CA VAL B 166 27.11 -52.27 8.98
C VAL B 166 25.92 -51.69 9.75
N VAL B 167 25.39 -52.45 10.69
CA VAL B 167 24.20 -52.02 11.46
C VAL B 167 24.59 -50.80 12.31
N GLU B 168 25.80 -50.80 12.86
CA GLU B 168 26.31 -49.68 13.69
C GLU B 168 26.42 -48.45 12.78
N ALA B 169 26.98 -48.62 11.60
CA ALA B 169 27.13 -47.51 10.62
C ALA B 169 25.77 -46.90 10.32
N ILE B 170 24.73 -47.73 10.15
CA ILE B 170 23.35 -47.25 9.83
C ILE B 170 22.82 -46.45 11.03
N ASP B 171 22.85 -47.01 12.25
CA ASP B 171 22.43 -46.34 13.52
C ASP B 171 23.04 -44.92 13.63
N ARG B 172 24.34 -44.75 13.41
CA ARG B 172 25.01 -43.45 13.72
C ARG B 172 24.59 -42.40 12.67
N SER B 173 24.35 -42.80 11.43
CA SER B 173 24.25 -41.90 10.26
C SER B 173 22.82 -41.81 9.70
N ALA B 174 21.93 -42.69 10.09
CA ALA B 174 20.56 -42.76 9.53
C ALA B 174 19.85 -41.41 9.63
N PHE B 175 20.01 -40.67 10.72
CA PHE B 175 19.14 -39.51 11.04
C PHE B 175 19.92 -38.19 11.19
N ILE B 176 21.18 -38.18 10.73
CA ILE B 176 22.07 -36.98 10.73
C ILE B 176 21.47 -35.92 9.80
N THR B 177 21.21 -36.28 8.55
CA THR B 177 20.71 -35.36 7.49
C THR B 177 19.19 -35.20 7.51
N SER B 178 18.45 -36.27 7.77
CA SER B 178 16.97 -36.32 7.68
C SER B 178 16.45 -37.24 8.79
N ASP B 179 15.41 -36.84 9.53
CA ASP B 179 14.87 -37.69 10.63
C ASP B 179 13.65 -38.48 10.10
N LEU B 180 13.56 -38.71 8.80
CA LEU B 180 12.45 -39.45 8.17
C LEU B 180 12.84 -40.91 8.05
N PRO B 181 11.86 -41.83 8.16
CA PRO B 181 12.14 -43.21 8.50
C PRO B 181 12.93 -43.87 7.37
N ILE B 182 13.85 -44.77 7.70
CA ILE B 182 14.58 -45.61 6.70
C ILE B 182 13.90 -46.98 6.61
N ILE B 183 14.04 -47.63 5.45
CA ILE B 183 13.59 -49.01 5.19
C ILE B 183 14.82 -49.85 4.81
N ILE B 184 15.21 -50.75 5.70
CA ILE B 184 16.34 -51.70 5.47
C ILE B 184 15.81 -52.91 4.72
N SER B 185 16.32 -53.14 3.51
CA SER B 185 15.92 -54.27 2.64
C SER B 185 16.88 -55.43 2.91
N ILE B 186 16.41 -56.46 3.62
CA ILE B 186 17.24 -57.63 4.00
C ILE B 186 17.08 -58.69 2.92
N GLU B 187 18.19 -59.13 2.35
CA GLU B 187 18.25 -60.29 1.44
C GLU B 187 18.81 -61.41 2.31
N ASN B 188 17.92 -62.21 2.90
CA ASN B 188 18.30 -63.11 4.02
C ASN B 188 18.80 -64.44 3.43
N HIS B 189 20.10 -64.74 3.57
CA HIS B 189 20.73 -66.02 3.13
C HIS B 189 21.45 -66.71 4.32
N CYS B 190 21.06 -66.40 5.56
CA CYS B 190 21.67 -66.98 6.76
C CYS B 190 20.92 -68.25 7.18
N SER B 191 21.60 -69.17 7.85
CA SER B 191 21.01 -70.21 8.73
C SER B 191 20.06 -69.57 9.75
N LEU B 192 19.29 -70.39 10.47
CA LEU B 192 18.50 -69.97 11.65
C LEU B 192 19.42 -69.53 12.80
N PRO B 193 20.54 -70.23 13.12
CA PRO B 193 21.48 -69.75 14.15
C PRO B 193 21.88 -68.27 13.96
N GLN B 194 22.34 -67.91 12.76
CA GLN B 194 22.88 -66.56 12.44
C GLN B 194 21.73 -65.58 12.15
N GLN B 195 20.53 -66.07 11.84
CA GLN B 195 19.32 -65.19 11.69
C GLN B 195 18.88 -64.70 13.06
N ARG B 196 19.21 -65.44 14.12
CA ARG B 196 18.91 -65.05 15.52
C ARG B 196 19.93 -63.98 15.95
N LYS B 197 21.22 -64.21 15.69
CA LYS B 197 22.29 -63.19 15.80
C LYS B 197 21.80 -61.89 15.19
N MET B 198 21.40 -61.93 13.92
CA MET B 198 20.90 -60.76 13.17
C MET B 198 19.84 -60.05 14.01
N ALA B 199 18.96 -60.78 14.69
CA ALA B 199 17.78 -60.21 15.34
C ALA B 199 18.22 -59.56 16.66
N GLU B 200 19.12 -60.21 17.41
CA GLU B 200 19.73 -59.64 18.64
C GLU B 200 20.34 -58.29 18.30
N ILE B 201 21.14 -58.28 17.24
CA ILE B 201 22.00 -57.13 16.83
C ILE B 201 21.10 -55.99 16.34
N PHE B 202 20.01 -56.26 15.64
CA PHE B 202 19.07 -55.21 15.19
C PHE B 202 18.47 -54.55 16.44
N LYS B 203 18.01 -55.34 17.42
CA LYS B 203 17.40 -54.82 18.67
C LYS B 203 18.45 -54.05 19.51
N SER B 204 19.61 -54.65 19.80
CA SER B 204 20.62 -54.10 20.73
C SER B 204 21.23 -52.81 20.16
N VAL B 205 21.33 -52.68 18.82
CA VAL B 205 22.00 -51.51 18.18
C VAL B 205 20.97 -50.39 17.95
N PHE B 206 19.84 -50.67 17.32
CA PHE B 206 18.88 -49.61 16.94
C PHE B 206 18.03 -49.18 18.13
N GLY B 207 17.87 -50.06 19.12
CA GLY B 207 17.05 -49.80 20.32
C GLY B 207 15.66 -49.32 19.97
N GLU B 208 15.23 -48.20 20.56
CA GLU B 208 13.81 -47.73 20.56
C GLU B 208 13.51 -47.02 19.22
N LYS B 209 14.49 -46.90 18.31
CA LYS B 209 14.26 -46.42 16.93
C LYS B 209 13.62 -47.54 16.08
N LEU B 210 13.93 -48.80 16.39
CA LEU B 210 13.52 -49.96 15.56
C LEU B 210 12.04 -50.27 15.82
N VAL B 211 11.21 -50.22 14.77
CA VAL B 211 9.77 -50.59 14.82
C VAL B 211 9.73 -52.11 14.95
N ALA B 212 9.29 -52.59 16.12
CA ALA B 212 9.16 -54.02 16.52
C ALA B 212 7.71 -54.35 16.86
N LYS B 213 6.78 -53.41 16.62
CA LYS B 213 5.33 -53.60 16.83
C LYS B 213 4.57 -52.50 16.09
N PHE B 214 3.28 -52.72 15.78
CA PHE B 214 2.40 -51.68 15.19
C PHE B 214 2.31 -50.54 16.19
N LEU B 215 2.47 -49.31 15.74
CA LEU B 215 2.67 -48.13 16.64
C LEU B 215 1.40 -47.29 16.74
N PHE B 216 0.43 -47.42 15.84
CA PHE B 216 -0.65 -46.40 15.67
C PHE B 216 -2.03 -47.05 15.78
N GLU B 217 -2.99 -46.29 16.33
CA GLU B 217 -4.37 -46.76 16.67
C GLU B 217 -5.05 -47.16 15.35
N THR B 218 -4.71 -46.43 14.29
CA THR B 218 -5.23 -46.55 12.91
C THR B 218 -4.76 -47.84 12.24
N ASP B 219 -3.79 -48.58 12.80
CA ASP B 219 -3.21 -49.81 12.20
C ASP B 219 -4.07 -51.05 12.49
N PHE B 220 -5.02 -50.95 13.41
CA PHE B 220 -6.01 -52.01 13.71
C PHE B 220 -7.35 -51.54 13.14
N SER B 221 -7.40 -51.42 11.81
CA SER B 221 -8.61 -51.09 11.00
C SER B 221 -8.88 -52.21 9.99
N PRO B 224 -7.25 -50.32 6.33
CA PRO B 224 -6.01 -49.81 6.94
C PRO B 224 -4.99 -49.48 5.86
N MET B 225 -4.28 -48.37 6.07
CA MET B 225 -3.25 -47.77 5.20
C MET B 225 -1.91 -47.76 5.94
N LEU B 226 -0.78 -47.68 5.23
CA LEU B 226 0.53 -47.46 5.89
C LEU B 226 0.47 -46.12 6.62
N PRO B 227 1.24 -45.93 7.71
CA PRO B 227 1.27 -44.64 8.42
C PRO B 227 2.15 -43.64 7.65
N SER B 228 2.00 -42.34 7.97
CA SER B 228 2.71 -41.21 7.31
C SER B 228 4.20 -41.24 7.65
N PRO B 229 5.11 -40.79 6.74
CA PRO B 229 6.53 -40.72 7.05
C PRO B 229 6.78 -39.76 8.24
N ASP B 230 5.90 -38.78 8.44
CA ASP B 230 5.92 -37.83 9.58
C ASP B 230 5.78 -38.59 10.92
N GLN B 231 4.67 -39.33 11.09
CA GLN B 231 4.37 -40.18 12.27
C GLN B 231 5.56 -41.07 12.68
N LEU B 232 6.39 -41.49 11.71
CA LEU B 232 7.52 -42.46 11.88
C LEU B 232 8.90 -41.75 11.93
N ARG B 233 8.99 -40.51 12.38
CA ARG B 233 10.32 -39.83 12.46
C ARG B 233 11.26 -40.67 13.34
N ARG B 234 12.54 -40.73 12.97
CA ARG B 234 13.62 -41.40 13.75
C ARG B 234 13.23 -42.86 14.02
N LYS B 235 12.71 -43.56 13.00
CA LYS B 235 12.31 -44.99 13.06
C LYS B 235 12.98 -45.78 11.94
N VAL B 236 13.24 -47.06 12.18
CA VAL B 236 13.91 -48.01 11.25
C VAL B 236 12.95 -49.18 10.95
N LEU B 237 12.51 -49.34 9.69
CA LEU B 237 11.58 -50.44 9.28
C LEU B 237 12.39 -51.55 8.62
N LEU B 238 12.33 -52.78 9.16
CA LEU B 238 12.92 -53.96 8.49
C LEU B 238 11.98 -54.41 7.36
N LYS B 239 12.56 -54.85 6.25
CA LYS B 239 11.85 -55.46 5.11
C LYS B 239 12.47 -56.84 4.93
N ASN B 240 11.78 -57.88 5.41
CA ASN B 240 12.18 -59.31 5.33
C ASN B 240 10.90 -60.12 5.08
N LYS B 241 11.00 -61.40 4.75
CA LYS B 241 9.84 -62.34 4.81
C LYS B 241 9.31 -62.39 6.24
N LYS B 242 8.01 -62.64 6.41
CA LYS B 242 7.39 -62.86 7.74
C LYS B 242 6.68 -64.23 7.78
N LEU B 243 6.98 -65.02 8.81
CA LEU B 243 6.24 -66.28 9.09
C LEU B 243 4.74 -65.95 9.16
N LYS B 244 3.89 -66.80 8.59
CA LYS B 244 2.41 -66.78 8.67
C LYS B 244 1.99 -66.87 10.13
N ALA B 245 1.06 -66.01 10.56
CA ALA B 245 0.53 -65.91 11.95
C ALA B 245 -0.31 -67.15 12.28
N HIS B 246 0.06 -67.87 13.35
CA HIS B 246 -0.71 -68.98 13.96
C HIS B 246 -2.11 -68.51 14.34
N GLN B 247 -3.14 -69.30 14.00
CA GLN B 247 -4.56 -68.89 14.14
C GLN B 247 -5.03 -69.17 15.58
N THR B 248 -4.52 -70.21 16.24
CA THR B 248 -4.99 -70.66 17.56
C THR B 248 -3.85 -71.19 18.44
N PRO B 249 -4.04 -71.22 19.78
CA PRO B 249 -3.10 -71.86 20.69
C PRO B 249 -2.64 -73.27 20.29
N VAL B 250 -3.53 -74.03 19.66
CA VAL B 250 -3.31 -75.48 19.32
C VAL B 250 -2.31 -75.58 18.16
N ASP B 251 -2.40 -74.66 17.20
CA ASP B 251 -1.49 -74.62 16.02
C ASP B 251 -0.04 -74.43 16.50
N ILE B 252 0.16 -73.51 17.45
CA ILE B 252 1.49 -73.25 18.09
C ILE B 252 2.02 -74.58 18.65
N LEU B 253 1.21 -75.26 19.48
CA LEU B 253 1.64 -76.49 20.19
C LEU B 253 1.87 -77.62 19.18
N LYS B 254 1.03 -77.72 18.15
CA LYS B 254 1.13 -78.77 17.10
C LYS B 254 2.45 -78.57 16.34
N GLN B 255 2.76 -77.34 15.91
CA GLN B 255 4.04 -77.02 15.22
C GLN B 255 5.21 -77.40 16.12
N LYS B 256 5.12 -77.09 17.42
CA LYS B 256 6.18 -77.41 18.43
C LYS B 256 6.36 -78.92 18.54
N ALA B 257 5.28 -79.69 18.46
CA ALA B 257 5.33 -81.18 18.54
C ALA B 257 5.98 -81.74 17.27
N HIS B 258 5.71 -81.14 16.11
CA HIS B 258 6.39 -81.46 14.81
C HIS B 258 7.92 -81.35 14.98
N GLN B 259 8.43 -80.22 15.47
CA GLN B 259 9.90 -79.98 15.70
C GLN B 259 10.48 -81.13 16.53
N LEU B 260 9.87 -81.43 17.68
CA LEU B 260 10.35 -82.49 18.59
C LEU B 260 10.38 -83.80 17.83
N ALA B 261 9.28 -84.13 17.16
CA ALA B 261 8.99 -85.43 16.52
C ALA B 261 10.14 -85.88 15.61
N SER B 262 10.73 -84.97 14.83
CA SER B 262 11.89 -85.25 13.95
C SER B 262 13.20 -84.74 14.57
N MET B 263 13.88 -85.61 15.32
CA MET B 263 15.26 -85.45 15.87
C MET B 263 15.86 -86.85 16.04
N GLN B 264 17.19 -86.99 16.18
CA GLN B 264 17.85 -88.21 16.74
C GLN B 264 19.31 -87.90 17.14
N GLU B 358 17.30 -67.09 -1.74
CA GLU B 358 17.17 -66.85 -0.26
C GLU B 358 16.99 -68.17 0.50
N SER B 359 17.20 -68.16 1.82
CA SER B 359 16.99 -69.35 2.70
C SER B 359 15.49 -69.51 2.95
N ARG B 360 15.04 -70.77 2.98
CA ARG B 360 13.59 -71.12 3.07
C ARG B 360 13.10 -70.89 4.51
N GLN B 361 13.80 -71.41 5.52
CA GLN B 361 13.40 -71.27 6.94
C GLN B 361 13.72 -69.84 7.40
N ILE B 362 12.90 -69.31 8.31
CA ILE B 362 12.92 -67.93 8.88
C ILE B 362 12.85 -68.00 10.40
N ALA B 363 13.92 -67.64 11.10
CA ALA B 363 13.95 -67.50 12.57
C ALA B 363 12.78 -66.63 13.02
N PRO B 364 12.00 -67.06 14.02
CA PRO B 364 10.86 -66.30 14.49
C PRO B 364 11.30 -64.97 15.13
N GLU B 365 12.45 -65.01 15.79
CA GLU B 365 13.02 -63.86 16.54
C GLU B 365 13.20 -62.71 15.54
N LEU B 366 13.59 -63.01 14.28
CA LEU B 366 13.75 -62.02 13.16
C LEU B 366 12.40 -61.62 12.57
N SER B 367 11.53 -62.60 12.29
CA SER B 367 10.18 -62.41 11.71
C SER B 367 9.41 -61.43 12.59
N ASP B 368 9.57 -61.50 13.92
CA ASP B 368 8.75 -60.70 14.86
C ASP B 368 9.15 -59.22 14.70
N LEU B 369 10.30 -58.92 14.10
CA LEU B 369 10.78 -57.52 13.90
C LEU B 369 10.31 -56.93 12.57
N VAL B 370 9.61 -57.69 11.75
CA VAL B 370 9.05 -57.23 10.45
C VAL B 370 7.61 -56.79 10.68
N ILE B 371 7.29 -55.52 10.43
CA ILE B 371 5.96 -54.97 10.79
C ILE B 371 5.24 -54.41 9.57
N TYR B 372 5.67 -53.25 9.09
CA TYR B 372 5.03 -52.47 8.00
C TYR B 372 5.53 -52.92 6.61
N CYS B 373 6.60 -53.70 6.55
CA CYS B 373 7.24 -54.11 5.29
C CYS B 373 7.43 -55.62 5.28
N GLN B 374 6.37 -56.37 4.98
CA GLN B 374 6.39 -57.84 4.89
C GLN B 374 6.64 -58.21 3.44
N ALA B 375 7.86 -58.69 3.14
CA ALA B 375 8.27 -59.17 1.80
C ALA B 375 7.39 -60.35 1.40
N VAL B 376 6.93 -60.34 0.16
CA VAL B 376 6.09 -61.41 -0.48
C VAL B 376 6.51 -61.44 -1.94
N LYS B 377 6.84 -62.64 -2.43
CA LYS B 377 6.77 -62.99 -3.87
C LYS B 377 5.55 -62.30 -4.48
N PHE B 378 5.73 -61.60 -5.60
CA PHE B 378 4.76 -60.60 -6.13
C PHE B 378 3.56 -61.39 -6.65
N PRO B 379 2.33 -61.07 -6.17
CA PRO B 379 1.16 -61.90 -6.47
C PRO B 379 0.50 -61.68 -7.84
N GLY B 380 0.82 -60.55 -8.47
CA GLY B 380 0.16 -60.04 -9.70
C GLY B 380 -0.77 -58.88 -9.38
N LEU B 381 -1.64 -58.53 -10.32
CA LEU B 381 -2.67 -57.48 -10.11
C LEU B 381 -4.06 -58.00 -10.44
N ARG B 449 -1.77 -63.59 5.45
CA ARG B 449 -3.18 -63.12 5.55
C ARG B 449 -3.23 -61.78 6.32
N THR B 450 -2.13 -61.05 6.40
CA THR B 450 -2.11 -59.69 7.00
C THR B 450 -2.79 -58.71 6.01
N PRO B 451 -3.36 -57.57 6.46
CA PRO B 451 -3.88 -56.57 5.51
C PRO B 451 -2.80 -56.27 4.46
N LYS B 452 -3.22 -55.91 3.25
CA LYS B 452 -2.35 -55.91 2.04
C LYS B 452 -1.43 -54.68 2.04
N CYS B 453 -1.81 -53.58 2.69
CA CYS B 453 -0.99 -52.35 2.69
C CYS B 453 0.38 -52.54 3.37
N TYR B 454 0.56 -53.59 4.17
CA TYR B 454 1.83 -53.96 4.86
C TYR B 454 2.65 -54.94 4.02
N HIS B 455 2.20 -55.27 2.82
CA HIS B 455 2.90 -56.18 1.89
C HIS B 455 3.73 -55.33 0.93
N ILE B 456 4.90 -55.82 0.57
CA ILE B 456 5.85 -55.09 -0.29
C ILE B 456 6.58 -56.15 -1.11
N SER B 457 6.85 -55.86 -2.38
CA SER B 457 7.50 -56.80 -3.30
C SER B 457 8.68 -56.09 -3.99
N SER B 458 9.59 -56.90 -4.52
CA SER B 458 10.91 -56.52 -5.06
C SER B 458 10.99 -57.15 -6.44
N LEU B 459 10.91 -56.35 -7.49
CA LEU B 459 10.96 -56.87 -8.87
C LEU B 459 12.22 -56.42 -9.54
N ASN B 460 12.96 -57.35 -10.15
CA ASN B 460 14.02 -56.93 -11.11
C ASN B 460 13.38 -56.02 -12.16
N GLU B 461 14.21 -55.16 -12.74
CA GLU B 461 13.83 -54.02 -13.62
C GLU B 461 13.07 -54.55 -14.84
N ASN B 462 13.37 -55.75 -15.30
CA ASN B 462 12.78 -56.32 -16.53
C ASN B 462 11.30 -56.66 -16.25
N ALA B 463 11.05 -57.40 -15.16
CA ALA B 463 9.71 -57.77 -14.69
C ALA B 463 8.91 -56.51 -14.36
N ALA B 464 9.55 -55.46 -13.86
CA ALA B 464 8.84 -54.21 -13.47
C ALA B 464 8.43 -53.46 -14.74
N LYS B 465 9.19 -53.60 -15.83
CA LYS B 465 8.91 -52.88 -17.11
C LYS B 465 7.75 -53.54 -17.83
N ARG B 466 7.84 -54.86 -18.01
CA ARG B 466 6.71 -55.75 -18.40
C ARG B 466 5.44 -55.31 -17.65
N LEU B 467 5.51 -55.17 -16.34
CA LEU B 467 4.38 -54.76 -15.49
C LEU B 467 3.84 -53.40 -15.92
N CYS B 468 4.70 -52.48 -16.31
CA CYS B 468 4.36 -51.06 -16.66
C CYS B 468 3.71 -50.98 -18.06
N ARG B 469 4.19 -51.77 -19.02
CA ARG B 469 3.59 -51.84 -20.38
C ARG B 469 2.19 -52.48 -20.29
N ARG B 470 2.11 -53.66 -19.67
CA ARG B 470 0.90 -54.52 -19.66
C ARG B 470 -0.17 -53.87 -18.77
N TYR B 471 0.14 -53.47 -17.55
CA TYR B 471 -0.93 -53.10 -16.58
C TYR B 471 -0.70 -51.67 -16.08
N SER B 472 -0.39 -50.75 -16.98
CA SER B 472 -0.18 -49.32 -16.65
C SER B 472 -1.10 -48.87 -15.50
N GLN B 473 -2.42 -48.82 -15.71
CA GLN B 473 -3.40 -48.16 -14.78
C GLN B 473 -3.54 -48.96 -13.49
N LYS B 474 -3.47 -50.28 -13.63
CA LYS B 474 -3.57 -51.23 -12.49
C LYS B 474 -2.34 -51.04 -11.61
N LEU B 475 -1.15 -50.95 -12.17
CA LEU B 475 0.08 -50.71 -11.38
C LEU B 475 -0.04 -49.40 -10.57
N ILE B 476 -0.59 -48.33 -11.13
CA ILE B 476 -0.90 -47.04 -10.45
C ILE B 476 -1.96 -47.26 -9.36
N GLN B 477 -3.01 -48.08 -9.55
CA GLN B 477 -4.03 -48.29 -8.49
C GLN B 477 -3.37 -49.06 -7.32
N HIS B 478 -2.43 -49.96 -7.65
CA HIS B 478 -1.70 -50.83 -6.72
C HIS B 478 -0.74 -49.99 -5.87
N THR B 479 0.10 -49.14 -6.49
CA THR B 479 1.08 -48.29 -5.79
C THR B 479 0.36 -47.23 -4.95
N ALA B 480 -0.92 -46.95 -5.17
CA ALA B 480 -1.66 -45.99 -4.31
C ALA B 480 -1.66 -46.52 -2.88
N CYS B 481 -1.88 -47.82 -2.66
CA CYS B 481 -2.06 -48.41 -1.29
C CYS B 481 -0.85 -49.23 -0.83
N GLN B 482 -0.01 -49.76 -1.70
CA GLN B 482 1.13 -50.63 -1.32
C GLN B 482 2.48 -50.07 -1.79
N LEU B 483 3.58 -50.40 -1.12
CA LEU B 483 4.93 -50.06 -1.60
C LEU B 483 5.41 -51.14 -2.57
N LEU B 484 6.05 -50.75 -3.66
CA LEU B 484 6.76 -51.66 -4.58
C LEU B 484 8.18 -51.14 -4.79
N ARG B 485 9.13 -52.07 -4.97
CA ARG B 485 10.57 -51.75 -5.09
C ARG B 485 11.10 -52.39 -6.36
N THR B 486 11.71 -51.62 -7.25
CA THR B 486 12.45 -52.12 -8.42
C THR B 486 13.93 -52.12 -8.09
N TYR B 487 14.70 -53.01 -8.69
CA TYR B 487 16.17 -52.98 -8.60
C TYR B 487 16.78 -53.32 -9.96
N PRO B 488 18.04 -52.92 -10.20
CA PRO B 488 18.73 -53.24 -11.44
C PRO B 488 18.74 -54.74 -11.72
N ALA B 489 18.54 -55.09 -12.98
CA ALA B 489 18.66 -56.47 -13.50
C ALA B 489 20.02 -57.03 -13.07
N ALA B 490 20.11 -58.36 -12.91
CA ALA B 490 21.31 -59.12 -12.56
C ALA B 490 22.33 -59.00 -13.68
N THR B 491 21.86 -58.74 -14.91
CA THR B 491 22.75 -58.80 -16.10
C THR B 491 23.65 -57.54 -16.12
N ARG B 492 23.34 -56.52 -15.33
CA ARG B 492 24.16 -55.29 -15.20
C ARG B 492 25.30 -55.47 -14.19
N ILE B 493 26.24 -56.38 -14.46
CA ILE B 493 27.35 -56.74 -13.54
C ILE B 493 28.35 -55.57 -13.43
N ASP B 494 28.26 -54.57 -14.30
CA ASP B 494 29.16 -53.38 -14.30
C ASP B 494 28.53 -52.30 -13.43
N SER B 495 27.46 -52.60 -12.73
CA SER B 495 26.73 -51.68 -11.83
C SER B 495 26.25 -50.43 -12.59
N SER B 496 25.85 -50.61 -13.84
CA SER B 496 25.02 -49.64 -14.60
C SER B 496 23.65 -49.52 -13.92
N ASN B 497 22.82 -48.55 -14.30
CA ASN B 497 21.51 -48.27 -13.66
C ASN B 497 20.42 -48.17 -14.71
N PRO B 498 19.14 -48.53 -14.45
CA PRO B 498 18.08 -48.38 -15.44
C PRO B 498 17.47 -46.98 -15.27
N ASN B 499 16.72 -46.49 -16.25
CA ASN B 499 16.07 -45.16 -16.13
C ASN B 499 14.96 -45.27 -15.10
N PRO B 500 14.95 -44.44 -14.05
CA PRO B 500 13.85 -44.43 -13.08
C PRO B 500 12.48 -43.93 -13.54
N LEU B 501 12.41 -43.15 -14.62
CA LEU B 501 11.16 -42.44 -15.02
C LEU B 501 10.04 -43.45 -15.26
N MET B 502 10.31 -44.51 -16.00
CA MET B 502 9.27 -45.52 -16.32
C MET B 502 8.50 -45.88 -15.04
N PHE B 503 9.24 -46.26 -14.01
CA PHE B 503 8.77 -46.74 -12.68
C PHE B 503 8.11 -45.61 -11.90
N TRP B 504 8.68 -44.43 -11.85
CA TRP B 504 8.07 -43.34 -11.05
C TRP B 504 6.71 -42.95 -11.62
N LEU B 505 6.54 -43.05 -12.94
CA LEU B 505 5.31 -42.59 -13.65
C LEU B 505 4.17 -43.54 -13.29
N HIS B 506 4.49 -44.79 -12.99
CA HIS B 506 3.52 -45.79 -12.47
C HIS B 506 3.52 -45.80 -10.93
N GLY B 507 4.21 -44.84 -10.31
CA GLY B 507 4.04 -44.57 -8.87
C GLY B 507 4.82 -45.57 -8.04
N ILE B 508 5.75 -46.31 -8.64
CA ILE B 508 6.72 -47.14 -7.88
C ILE B 508 7.55 -46.21 -6.99
N GLN B 509 7.64 -46.53 -5.70
CA GLN B 509 8.22 -45.64 -4.68
C GLN B 509 9.72 -45.89 -4.53
N LEU B 510 10.15 -47.14 -4.43
CA LEU B 510 11.56 -47.47 -4.18
C LEU B 510 12.27 -47.83 -5.49
N VAL B 511 12.79 -46.85 -6.23
CA VAL B 511 13.66 -47.21 -7.39
C VAL B 511 15.10 -47.18 -6.89
N ALA B 512 15.65 -48.39 -6.76
CA ALA B 512 16.92 -48.69 -6.09
C ALA B 512 18.02 -48.65 -7.12
N LEU B 513 18.93 -47.69 -7.00
CA LEU B 513 20.02 -47.52 -7.99
C LEU B 513 21.34 -47.89 -7.33
N ASN B 514 22.36 -48.17 -8.15
CA ASN B 514 23.76 -48.30 -7.71
C ASN B 514 24.33 -46.89 -7.47
N TYR B 515 24.53 -46.48 -6.21
CA TYR B 515 24.97 -45.10 -5.87
C TYR B 515 26.42 -44.88 -6.24
N GLN B 516 27.13 -45.95 -6.59
CA GLN B 516 28.57 -45.95 -6.85
C GLN B 516 28.83 -45.68 -8.32
N THR B 517 27.79 -45.52 -9.13
CA THR B 517 27.95 -45.36 -10.61
C THR B 517 27.38 -44.02 -11.08
N ASP B 518 28.21 -43.05 -11.41
CA ASP B 518 27.70 -41.74 -11.90
C ASP B 518 27.29 -41.97 -13.35
N ASP B 519 25.98 -41.85 -13.60
CA ASP B 519 25.36 -42.11 -14.91
C ASP B 519 24.04 -41.33 -14.88
N LEU B 520 23.36 -41.22 -16.01
CA LEU B 520 22.25 -40.25 -16.12
C LEU B 520 21.20 -40.61 -15.09
N PRO B 521 20.96 -41.92 -14.82
CA PRO B 521 19.91 -42.31 -13.91
C PRO B 521 20.23 -41.86 -12.49
N LEU B 522 21.47 -42.05 -12.04
CA LEU B 522 21.81 -41.61 -10.65
C LEU B 522 21.58 -40.09 -10.54
N HIS B 523 21.85 -39.31 -11.59
CA HIS B 523 21.68 -37.84 -11.55
C HIS B 523 20.17 -37.51 -11.61
N LEU B 524 19.36 -38.31 -12.35
CA LEU B 524 17.89 -38.15 -12.36
C LEU B 524 17.38 -38.39 -10.95
N ASN B 525 17.85 -39.46 -10.30
CA ASN B 525 17.53 -39.73 -8.88
C ASN B 525 17.73 -38.44 -8.08
N ALA B 526 18.93 -37.85 -8.17
CA ALA B 526 19.31 -36.71 -7.33
C ALA B 526 18.39 -35.54 -7.62
N ALA B 527 18.04 -35.27 -8.88
CA ALA B 527 17.19 -34.11 -9.21
C ALA B 527 15.79 -34.27 -8.59
N MET B 528 15.21 -35.47 -8.63
CA MET B 528 13.93 -35.84 -7.97
C MET B 528 13.94 -35.52 -6.48
N PHE B 529 14.96 -35.96 -5.75
CA PHE B 529 15.01 -35.85 -4.26
C PHE B 529 15.70 -34.54 -3.82
N GLU B 530 15.80 -33.52 -4.68
CA GLU B 530 16.04 -32.12 -4.28
C GLU B 530 14.77 -31.59 -3.59
N ALA B 531 13.62 -32.07 -4.04
CA ALA B 531 12.31 -31.55 -3.60
C ALA B 531 12.16 -31.85 -2.09
N ASN B 532 11.35 -31.03 -1.44
CA ASN B 532 10.94 -31.26 -0.04
C ASN B 532 12.16 -31.27 0.88
N GLY B 533 13.15 -30.46 0.55
CA GLY B 533 14.36 -30.28 1.36
C GLY B 533 15.30 -31.48 1.30
N GLY B 534 15.31 -32.26 0.23
CA GLY B 534 16.31 -33.33 0.09
C GLY B 534 16.17 -34.46 1.13
N CYS B 535 15.00 -34.57 1.78
CA CYS B 535 14.78 -35.47 2.94
C CYS B 535 14.60 -36.92 2.48
N GLY B 536 14.32 -37.16 1.19
CA GLY B 536 14.32 -38.54 0.65
C GLY B 536 12.93 -39.11 0.46
N TYR B 537 11.91 -38.36 0.84
CA TYR B 537 10.45 -38.67 0.74
C TYR B 537 9.84 -37.51 -0.03
N VAL B 538 9.35 -37.72 -1.26
CA VAL B 538 8.68 -36.71 -2.13
C VAL B 538 7.25 -37.19 -2.42
N LEU B 539 6.25 -36.39 -2.05
CA LEU B 539 4.82 -36.65 -2.33
C LEU B 539 4.65 -36.79 -3.84
N LYS B 540 3.77 -37.70 -4.26
CA LYS B 540 3.62 -38.11 -5.68
C LYS B 540 2.71 -37.12 -6.36
N PRO B 541 2.85 -36.98 -7.69
CA PRO B 541 1.90 -36.19 -8.48
C PRO B 541 0.51 -36.71 -8.17
N PRO B 542 -0.44 -35.85 -7.74
CA PRO B 542 -1.74 -36.31 -7.22
C PRO B 542 -2.61 -37.17 -8.16
N VAL B 543 -2.28 -37.25 -9.44
CA VAL B 543 -3.04 -38.12 -10.38
C VAL B 543 -2.85 -39.60 -9.98
N LEU B 544 -1.83 -39.95 -9.19
CA LEU B 544 -1.54 -41.36 -8.84
C LEU B 544 -2.07 -41.74 -7.44
N TRP B 545 -2.95 -40.94 -6.83
CA TRP B 545 -3.52 -41.27 -5.49
C TRP B 545 -4.71 -40.39 -5.12
N ASP B 546 -4.77 -39.11 -5.50
CA ASP B 546 -5.86 -38.24 -5.00
C ASP B 546 -7.09 -38.43 -5.88
N LYS B 547 -8.18 -38.95 -5.31
CA LYS B 547 -9.48 -39.22 -6.00
C LYS B 547 -10.06 -37.94 -6.61
N SER B 548 -9.76 -36.76 -6.07
CA SER B 548 -10.36 -35.47 -6.51
C SER B 548 -9.54 -34.82 -7.64
N CYS B 549 -8.58 -35.55 -8.20
CA CYS B 549 -7.85 -35.18 -9.43
C CYS B 549 -8.64 -35.58 -10.66
N PRO B 550 -9.12 -34.62 -11.48
CA PRO B 550 -9.78 -34.92 -12.75
C PRO B 550 -9.29 -36.14 -13.54
N MET B 551 -8.03 -36.50 -13.46
CA MET B 551 -7.44 -37.59 -14.29
C MET B 551 -7.18 -38.85 -13.46
N TYR B 552 -7.60 -38.90 -12.19
CA TYR B 552 -7.51 -40.13 -11.36
C TYR B 552 -8.13 -41.29 -12.15
N GLN B 553 -7.31 -42.32 -12.42
CA GLN B 553 -7.67 -43.64 -13.00
C GLN B 553 -7.84 -43.56 -14.51
N LYS B 554 -8.01 -42.36 -15.07
CA LYS B 554 -7.99 -42.07 -16.53
C LYS B 554 -6.55 -41.97 -17.09
N PHE B 555 -5.52 -41.74 -16.27
CA PHE B 555 -4.12 -41.50 -16.75
C PHE B 555 -3.33 -42.80 -16.87
N SER B 556 -2.82 -43.05 -18.08
CA SER B 556 -1.70 -44.00 -18.38
C SER B 556 -0.55 -43.24 -19.01
N PRO B 557 0.64 -43.22 -18.38
CA PRO B 557 1.75 -42.42 -18.91
C PRO B 557 2.36 -42.94 -20.24
N LEU B 558 2.00 -44.15 -20.69
CA LEU B 558 2.58 -44.72 -21.92
C LEU B 558 1.70 -44.46 -23.15
N GLU B 559 0.67 -43.64 -23.01
CA GLU B 559 -0.35 -43.39 -24.06
C GLU B 559 -0.13 -42.00 -24.69
N ARG B 560 -0.16 -41.89 -26.02
CA ARG B 560 0.10 -40.61 -26.77
C ARG B 560 -1.18 -39.77 -26.95
N ASP B 561 -2.34 -40.42 -27.10
CA ASP B 561 -3.59 -39.74 -27.57
C ASP B 561 -4.22 -38.98 -26.38
N LEU B 562 -3.53 -37.96 -25.84
CA LEU B 562 -4.20 -36.97 -24.97
C LEU B 562 -4.62 -35.77 -25.84
N ASP B 563 -5.70 -35.94 -26.60
CA ASP B 563 -6.40 -34.87 -27.36
C ASP B 563 -7.54 -34.29 -26.50
N ALA B 564 -7.83 -34.92 -25.35
CA ALA B 564 -8.69 -34.40 -24.27
C ALA B 564 -8.24 -32.99 -23.83
N MET B 565 -6.92 -32.70 -23.83
CA MET B 565 -6.35 -31.52 -23.15
C MET B 565 -5.30 -30.78 -24.00
N ASP B 566 -5.11 -29.50 -23.67
CA ASP B 566 -4.12 -28.56 -24.26
C ASP B 566 -2.85 -28.56 -23.43
N PRO B 567 -1.69 -28.95 -24.00
CA PRO B 567 -0.46 -28.91 -23.22
C PRO B 567 -0.01 -27.45 -22.98
N ALA B 568 0.85 -27.23 -21.97
CA ALA B 568 1.53 -25.93 -21.72
C ALA B 568 2.64 -25.77 -22.75
N THR B 569 2.83 -24.56 -23.27
CA THR B 569 3.89 -24.23 -24.26
C THR B 569 5.11 -23.67 -23.53
N TYR B 570 6.22 -24.39 -23.60
CA TYR B 570 7.54 -23.96 -23.02
C TYR B 570 8.43 -23.47 -24.16
N SER B 571 9.04 -22.30 -23.97
CA SER B 571 10.10 -21.76 -24.83
C SER B 571 11.37 -21.69 -23.99
N LEU B 572 12.51 -22.14 -24.53
CA LEU B 572 13.80 -22.20 -23.82
C LEU B 572 14.89 -21.65 -24.74
N THR B 573 15.43 -20.46 -24.48
CA THR B 573 16.59 -19.90 -25.20
C THR B 573 17.88 -20.26 -24.43
N ILE B 574 18.80 -20.97 -25.10
CA ILE B 574 20.22 -21.10 -24.66
C ILE B 574 20.96 -19.84 -25.18
N ILE B 575 21.13 -18.80 -24.34
CA ILE B 575 21.78 -17.53 -24.77
C ILE B 575 23.29 -17.76 -24.81
N SER B 576 23.89 -18.20 -23.71
CA SER B 576 25.36 -18.29 -23.62
C SER B 576 25.83 -19.14 -22.44
N GLY B 577 27.12 -19.43 -22.45
CA GLY B 577 27.84 -20.21 -21.43
C GLY B 577 29.07 -19.50 -20.87
N GLN B 578 29.55 -20.01 -19.75
CA GLN B 578 30.86 -19.63 -19.16
C GLN B 578 31.63 -20.89 -18.73
N ASN B 579 32.86 -21.04 -19.23
CA ASN B 579 33.83 -22.09 -18.80
C ASN B 579 33.12 -23.46 -18.89
N VAL B 580 32.53 -23.76 -20.06
CA VAL B 580 31.63 -24.93 -20.21
C VAL B 580 32.43 -26.23 -20.38
N CYS B 581 33.70 -26.21 -20.77
CA CYS B 581 34.58 -27.42 -20.73
C CYS B 581 35.87 -27.12 -19.98
N PRO B 582 35.85 -27.23 -18.63
CA PRO B 582 37.04 -27.00 -17.81
C PRO B 582 38.38 -27.59 -18.28
N SER B 583 39.37 -26.73 -18.51
CA SER B 583 40.76 -27.09 -18.90
C SER B 583 40.79 -27.48 -20.38
N ASN B 584 39.86 -26.90 -21.12
CA ASN B 584 39.83 -26.98 -22.59
C ASN B 584 39.29 -25.64 -23.10
N SER B 585 40.12 -24.62 -23.15
CA SER B 585 39.68 -23.25 -23.53
C SER B 585 39.25 -23.29 -25.00
N THR B 586 39.93 -24.15 -25.77
CA THR B 586 39.94 -24.20 -27.26
C THR B 586 39.07 -25.35 -27.82
N GLY B 587 38.25 -26.00 -26.98
CA GLY B 587 37.24 -26.95 -27.47
C GLY B 587 36.10 -26.25 -28.20
N SER B 588 35.32 -26.98 -28.97
CA SER B 588 34.13 -26.45 -29.67
C SER B 588 32.85 -27.04 -29.08
N PRO B 589 32.17 -26.33 -28.16
CA PRO B 589 31.01 -26.90 -27.46
C PRO B 589 29.66 -26.61 -28.12
N CYS B 590 28.74 -27.55 -27.97
CA CYS B 590 27.28 -27.33 -28.17
C CYS B 590 26.58 -27.91 -26.98
N ILE B 591 25.37 -27.41 -26.75
CA ILE B 591 24.47 -27.80 -25.63
C ILE B 591 23.39 -28.76 -26.16
N GLU B 592 23.34 -29.97 -25.62
CA GLU B 592 22.19 -30.91 -25.71
C GLU B 592 21.20 -30.51 -24.62
N VAL B 593 19.95 -30.24 -24.97
CA VAL B 593 18.82 -30.12 -24.00
C VAL B 593 17.85 -31.27 -24.25
N ASP B 594 17.61 -32.10 -23.24
CA ASP B 594 16.74 -33.30 -23.27
C ASP B 594 15.54 -33.04 -22.36
N VAL B 595 14.31 -33.10 -22.86
CA VAL B 595 13.10 -33.17 -22.02
C VAL B 595 12.85 -34.65 -21.74
N LEU B 596 12.90 -35.04 -20.45
CA LEU B 596 12.70 -36.44 -19.96
C LEU B 596 11.42 -36.50 -19.13
N GLY B 597 10.45 -37.27 -19.60
CA GLY B 597 9.15 -37.42 -18.92
C GLY B 597 8.40 -38.61 -19.49
N MET B 598 7.08 -38.56 -19.50
CA MET B 598 6.37 -39.65 -20.23
C MET B 598 6.79 -39.51 -21.68
N PRO B 599 6.80 -40.59 -22.47
CA PRO B 599 7.14 -40.53 -23.90
C PRO B 599 6.57 -39.35 -24.69
N LEU B 600 5.30 -39.02 -24.49
CA LEU B 600 4.59 -37.93 -25.22
C LEU B 600 5.26 -36.58 -24.93
N ASP B 601 5.85 -36.44 -23.76
CA ASP B 601 6.49 -35.16 -23.33
C ASP B 601 7.98 -35.19 -23.70
N SER B 602 8.56 -36.34 -24.02
CA SER B 602 10.02 -36.50 -24.28
C SER B 602 10.44 -35.90 -25.62
N CYS B 603 11.60 -35.23 -25.67
CA CYS B 603 12.20 -34.68 -26.92
C CYS B 603 13.60 -34.16 -26.65
N HIS B 604 14.44 -34.09 -27.69
CA HIS B 604 15.88 -33.72 -27.65
C HIS B 604 16.13 -32.45 -28.49
N PHE B 605 16.95 -31.52 -28.03
CA PHE B 605 17.51 -30.39 -28.80
C PHE B 605 19.03 -30.40 -28.66
N ARG B 606 19.67 -29.63 -29.52
CA ARG B 606 21.12 -29.53 -29.61
C ARG B 606 21.42 -28.26 -30.40
N THR B 607 22.25 -27.37 -29.87
CA THR B 607 22.69 -26.14 -30.54
C THR B 607 23.71 -26.48 -31.61
N LYS B 608 24.02 -25.50 -32.45
CA LYS B 608 25.21 -25.49 -33.33
C LYS B 608 26.43 -25.43 -32.42
N PRO B 609 27.58 -26.00 -32.84
CA PRO B 609 28.83 -25.87 -32.11
C PRO B 609 29.53 -24.53 -32.36
N ILE B 610 29.90 -23.82 -31.28
CA ILE B 610 30.76 -22.59 -31.29
C ILE B 610 32.21 -23.01 -31.51
N HIS B 611 32.88 -22.44 -32.51
CA HIS B 611 34.24 -22.86 -32.91
C HIS B 611 35.26 -22.25 -31.94
N ARG B 612 35.91 -23.11 -31.14
CA ARG B 612 37.14 -22.85 -30.34
C ARG B 612 36.90 -21.71 -29.35
N ASN B 613 35.93 -21.87 -28.47
CA ASN B 613 35.58 -20.91 -27.41
C ASN B 613 34.68 -21.68 -26.43
N THR B 614 35.23 -22.14 -25.32
CA THR B 614 34.48 -22.81 -24.24
C THR B 614 34.37 -21.87 -23.05
N LEU B 615 34.93 -20.64 -23.19
CA LEU B 615 35.12 -19.69 -22.06
C LEU B 615 33.94 -18.72 -22.03
N ASN B 616 33.52 -18.21 -23.17
CA ASN B 616 32.28 -17.40 -23.17
C ASN B 616 31.48 -17.57 -24.46
N PRO B 617 31.28 -18.82 -24.93
CA PRO B 617 30.53 -19.11 -26.13
C PRO B 617 29.13 -18.52 -26.06
N MET B 618 28.66 -18.02 -27.18
CA MET B 618 27.29 -17.48 -27.32
C MET B 618 26.57 -18.18 -28.47
N TRP B 619 25.38 -18.74 -28.18
CA TRP B 619 24.55 -19.55 -29.10
C TRP B 619 23.30 -18.76 -29.50
N ASN B 620 22.63 -18.11 -28.55
CA ASN B 620 21.29 -17.46 -28.70
C ASN B 620 20.32 -18.30 -29.57
N GLU B 621 20.19 -19.58 -29.27
CA GLU B 621 19.28 -20.54 -29.96
C GLU B 621 18.08 -20.83 -29.08
N GLN B 622 16.90 -20.96 -29.70
CA GLN B 622 15.61 -21.14 -28.98
C GLN B 622 14.98 -22.48 -29.34
N PHE B 623 14.43 -23.20 -28.37
CA PHE B 623 13.63 -24.43 -28.61
C PHE B 623 12.24 -24.20 -28.02
N LEU B 624 11.18 -24.56 -28.76
CA LEU B 624 9.79 -24.72 -28.24
C LEU B 624 9.51 -26.20 -27.99
N PHE B 625 8.78 -26.51 -26.92
CA PHE B 625 8.29 -27.87 -26.60
C PHE B 625 7.00 -27.74 -25.79
N ARG B 626 6.05 -28.65 -26.04
CA ARG B 626 4.78 -28.72 -25.29
C ARG B 626 4.88 -29.85 -24.26
N VAL B 627 4.24 -29.67 -23.11
CA VAL B 627 4.22 -30.73 -22.05
C VAL B 627 2.83 -30.76 -21.41
N HIS B 628 2.32 -31.98 -21.26
CA HIS B 628 1.02 -32.29 -20.61
C HIS B 628 1.23 -32.52 -19.10
N PHE B 629 2.16 -33.41 -18.75
CA PHE B 629 2.43 -33.86 -17.36
C PHE B 629 3.65 -33.11 -16.79
N GLU B 630 3.46 -31.86 -16.34
CA GLU B 630 4.62 -31.03 -15.89
C GLU B 630 5.21 -31.61 -14.60
N ASP B 631 4.40 -32.39 -13.85
CA ASP B 631 4.72 -32.84 -12.46
C ASP B 631 5.87 -33.84 -12.48
N LEU B 632 6.23 -34.39 -13.63
CA LEU B 632 7.37 -35.34 -13.70
C LEU B 632 8.03 -35.26 -15.08
N VAL B 633 8.45 -34.05 -15.43
CA VAL B 633 9.42 -33.77 -16.51
C VAL B 633 10.70 -33.29 -15.83
N PHE B 634 11.84 -33.74 -16.34
CA PHE B 634 13.21 -33.32 -15.99
C PHE B 634 13.87 -32.68 -17.22
N LEU B 635 14.48 -31.50 -17.06
CA LEU B 635 15.25 -30.81 -18.10
C LEU B 635 16.71 -31.19 -17.90
N ARG B 636 17.33 -31.84 -18.88
CA ARG B 636 18.76 -32.16 -18.83
C ARG B 636 19.53 -31.28 -19.81
N PHE B 637 20.41 -30.42 -19.26
CA PHE B 637 21.44 -29.65 -20.02
C PHE B 637 22.73 -30.42 -19.95
N ALA B 638 23.26 -30.83 -21.09
CA ALA B 638 24.63 -31.37 -21.19
C ALA B 638 25.44 -30.49 -22.15
N VAL B 639 26.70 -30.28 -21.81
CA VAL B 639 27.68 -29.60 -22.69
C VAL B 639 28.47 -30.69 -23.39
N VAL B 640 28.54 -30.63 -24.71
CA VAL B 640 29.15 -31.69 -25.53
C VAL B 640 30.22 -31.04 -26.39
N GLU B 641 31.43 -31.56 -26.27
CA GLU B 641 32.63 -31.04 -26.94
C GLU B 641 32.63 -31.72 -28.30
N ASN B 642 32.31 -30.95 -29.35
CA ASN B 642 31.92 -31.46 -30.68
C ASN B 642 32.99 -32.35 -31.31
N ASN B 643 34.27 -32.07 -31.06
CA ASN B 643 35.43 -32.84 -31.63
C ASN B 643 35.42 -34.26 -31.04
N SER B 644 35.72 -34.40 -29.75
CA SER B 644 35.73 -35.68 -28.98
C SER B 644 34.31 -36.21 -28.70
N SER B 645 33.27 -35.42 -28.92
CA SER B 645 31.84 -35.73 -28.62
C SER B 645 31.68 -36.16 -27.16
N ALA B 646 32.56 -35.67 -26.27
CA ALA B 646 32.55 -35.98 -24.82
C ALA B 646 31.68 -34.96 -24.09
N ILE B 647 31.06 -35.41 -23.02
CA ILE B 647 30.19 -34.57 -22.14
C ILE B 647 31.11 -34.00 -21.06
N THR B 648 31.18 -32.69 -20.97
CA THR B 648 32.19 -31.96 -20.16
C THR B 648 31.49 -31.34 -18.93
N ALA B 649 30.19 -31.11 -19.02
CA ALA B 649 29.38 -30.53 -17.93
C ALA B 649 27.94 -30.93 -18.11
N GLN B 650 27.19 -31.00 -17.02
CA GLN B 650 25.87 -31.67 -16.99
C GLN B 650 25.05 -30.99 -15.91
N ARG B 651 23.76 -30.80 -16.13
CA ARG B 651 22.84 -30.33 -15.07
C ARG B 651 21.44 -30.82 -15.39
N ILE B 652 20.78 -31.37 -14.36
CA ILE B 652 19.38 -31.86 -14.48
C ILE B 652 18.55 -31.04 -13.52
N ILE B 653 17.41 -30.55 -13.96
CA ILE B 653 16.54 -29.68 -13.12
C ILE B 653 15.07 -30.03 -13.36
N PRO B 654 14.27 -30.34 -12.32
CA PRO B 654 12.84 -30.65 -12.55
C PRO B 654 12.22 -29.46 -13.29
N LEU B 655 11.32 -29.67 -14.24
CA LEU B 655 10.75 -28.57 -15.06
C LEU B 655 10.09 -27.53 -14.15
N LYS B 656 9.43 -28.00 -13.09
CA LYS B 656 8.61 -27.16 -12.19
C LYS B 656 9.54 -26.28 -11.35
N ALA B 657 10.82 -26.67 -11.30
CA ALA B 657 11.84 -26.00 -10.50
C ALA B 657 12.50 -24.84 -11.28
N LEU B 658 12.47 -24.88 -12.62
CA LEU B 658 13.07 -23.83 -13.49
C LEU B 658 12.29 -22.52 -13.31
N LYS B 659 12.99 -21.41 -13.02
CA LYS B 659 12.36 -20.07 -12.91
C LYS B 659 12.23 -19.45 -14.30
N ARG B 660 11.14 -18.72 -14.47
CA ARG B 660 10.83 -18.03 -15.74
C ARG B 660 11.92 -16.98 -15.92
N GLY B 661 12.32 -16.67 -17.15
CA GLY B 661 13.04 -15.44 -17.51
C GLY B 661 14.52 -15.66 -17.70
N TYR B 662 15.26 -14.56 -17.72
CA TYR B 662 16.75 -14.57 -17.79
C TYR B 662 17.30 -15.02 -16.45
N ARG B 663 18.19 -16.02 -16.48
CA ARG B 663 18.68 -16.79 -15.33
C ARG B 663 19.99 -17.47 -15.65
N HIS B 664 20.83 -17.69 -14.63
CA HIS B 664 22.08 -18.45 -14.73
C HIS B 664 21.86 -19.88 -14.23
N LEU B 665 22.35 -20.85 -14.98
CA LEU B 665 22.13 -22.26 -14.63
C LEU B 665 23.44 -22.91 -14.24
N GLN B 666 23.70 -23.06 -12.94
CA GLN B 666 24.99 -23.63 -12.46
C GLN B 666 25.11 -25.02 -13.06
N LEU B 667 26.17 -25.31 -13.80
CA LEU B 667 26.42 -26.66 -14.36
C LEU B 667 27.22 -27.45 -13.33
N ARG B 668 27.42 -28.75 -13.57
CA ARG B 668 28.16 -29.66 -12.67
C ARG B 668 28.99 -30.65 -13.45
N ASN B 669 30.00 -31.25 -12.83
CA ASN B 669 30.92 -32.18 -13.54
C ASN B 669 30.19 -33.51 -13.60
N LEU B 670 30.82 -34.54 -14.12
CA LEU B 670 30.13 -35.84 -14.39
C LEU B 670 29.93 -36.64 -13.09
N HIS B 671 30.37 -36.11 -11.95
CA HIS B 671 30.15 -36.73 -10.61
C HIS B 671 29.06 -35.95 -9.88
N ASN B 672 28.37 -35.06 -10.60
CA ASN B 672 27.27 -34.24 -10.04
C ASN B 672 27.81 -33.27 -8.97
N GLU B 673 29.13 -33.04 -8.94
CA GLU B 673 29.82 -32.02 -8.09
C GLU B 673 29.67 -30.64 -8.74
N ILE B 674 29.44 -29.60 -7.93
CA ILE B 674 29.39 -28.19 -8.41
C ILE B 674 30.72 -27.77 -9.06
N LEU B 675 30.61 -27.16 -10.23
CA LEU B 675 31.73 -26.53 -10.94
C LEU B 675 31.65 -25.05 -10.56
N GLU B 676 32.64 -24.55 -9.84
CA GLU B 676 32.54 -23.26 -9.12
C GLU B 676 32.26 -22.13 -10.14
N ILE B 677 32.71 -22.22 -11.39
CA ILE B 677 32.64 -21.06 -12.33
C ILE B 677 31.77 -21.40 -13.53
N SER B 678 31.62 -22.67 -13.90
CA SER B 678 30.96 -23.05 -15.18
C SER B 678 29.45 -22.84 -15.05
N SER B 679 28.80 -22.12 -15.97
CA SER B 679 27.31 -21.99 -16.02
C SER B 679 26.80 -21.77 -17.45
N LEU B 680 25.47 -21.80 -17.68
CA LEU B 680 24.80 -21.30 -18.90
C LEU B 680 23.87 -20.15 -18.54
N PHE B 681 23.72 -19.17 -19.42
CA PHE B 681 22.73 -18.08 -19.32
C PHE B 681 21.55 -18.40 -20.24
N ILE B 682 20.32 -18.43 -19.72
CA ILE B 682 19.13 -18.97 -20.45
C ILE B 682 17.92 -18.08 -20.26
N ASN B 683 17.02 -18.10 -21.24
CA ASN B 683 15.66 -17.50 -21.10
C ASN B 683 14.68 -18.67 -21.14
N SER B 684 13.59 -18.60 -20.40
CA SER B 684 12.45 -19.55 -20.50
C SER B 684 11.15 -18.78 -20.33
N ARG B 685 10.11 -19.32 -20.95
CA ARG B 685 8.74 -18.76 -20.98
C ARG B 685 7.80 -19.94 -20.92
N ARG B 686 6.60 -19.73 -20.38
CA ARG B 686 5.54 -20.78 -20.30
C ARG B 686 4.19 -20.13 -20.59
N MET B 687 3.34 -20.81 -21.35
CA MET B 687 2.04 -20.30 -21.81
C MET B 687 0.95 -21.35 -21.58
N GLU B 688 -0.32 -20.95 -21.62
CA GLU B 688 -1.47 -21.90 -21.67
C GLU B 688 -2.54 -21.44 -22.66
N THR B 695 -11.07 -25.30 -23.26
CA THR B 695 -11.96 -26.24 -22.54
C THR B 695 -11.10 -26.98 -21.47
N ARG B 696 -9.87 -27.42 -21.77
CA ARG B 696 -9.10 -28.25 -20.80
C ARG B 696 -7.59 -28.02 -20.88
N PRO B 697 -7.00 -27.05 -20.14
CA PRO B 697 -5.56 -27.01 -19.92
C PRO B 697 -5.05 -28.19 -19.07
N ALA B 698 -3.93 -28.81 -19.44
CA ALA B 698 -3.42 -30.04 -18.81
C ALA B 698 -3.18 -29.78 -17.33
N SER B 699 -2.53 -28.67 -16.97
CA SER B 699 -2.03 -28.43 -15.58
C SER B 699 -3.21 -28.30 -14.59
N LEU B 700 -4.43 -28.13 -15.11
CA LEU B 700 -5.68 -28.08 -14.31
C LEU B 700 -6.29 -29.49 -14.26
N MET B 701 -6.18 -30.23 -15.36
CA MET B 701 -6.61 -31.64 -15.46
C MET B 701 -5.78 -32.53 -14.55
N PHE B 702 -4.52 -32.20 -14.30
CA PHE B 702 -3.60 -33.05 -13.48
C PHE B 702 -3.53 -32.53 -12.03
N ASN B 703 -4.34 -31.52 -11.72
CA ASN B 703 -4.29 -30.79 -10.43
C ASN B 703 -5.38 -31.28 -9.51
N THR B 704 -5.43 -30.75 -8.29
CA THR B 704 -6.52 -30.95 -7.31
C THR B 704 -6.84 -29.57 -6.74
N GLU B 705 -8.03 -29.35 -6.21
CA GLU B 705 -8.38 -28.01 -5.67
C GLU B 705 -7.63 -27.84 -4.35
N GLU B 706 -7.23 -28.93 -3.71
CA GLU B 706 -6.44 -28.92 -2.44
C GLU B 706 -4.99 -28.47 -2.70
N ARG B 707 -4.35 -28.94 -3.78
CA ARG B 707 -2.94 -28.56 -4.09
C ARG B 707 -2.93 -27.10 -4.54
N LYS B 708 -3.81 -26.74 -5.47
CA LYS B 708 -4.02 -25.34 -5.90
C LYS B 708 -4.01 -24.41 -4.69
N CYS B 709 -4.92 -24.60 -3.74
CA CYS B 709 -5.20 -23.65 -2.63
C CYS B 709 -4.07 -23.67 -1.60
N SER B 710 -3.18 -24.66 -1.67
CA SER B 710 -1.97 -24.76 -0.82
C SER B 710 -0.75 -24.16 -1.51
N GLN B 711 -0.70 -24.12 -2.85
CA GLN B 711 0.41 -23.50 -3.61
C GLN B 711 0.38 -21.97 -3.46
N THR B 712 1.39 -21.38 -2.82
CA THR B 712 1.58 -19.90 -2.73
C THR B 712 1.94 -19.37 -4.11
N HIS B 713 1.31 -18.27 -4.48
CA HIS B 713 1.68 -17.47 -5.67
C HIS B 713 1.51 -15.99 -5.29
N LYS B 714 2.28 -15.09 -5.89
CA LYS B 714 2.13 -13.64 -5.67
C LYS B 714 1.46 -13.03 -6.90
N VAL B 715 0.66 -11.99 -6.69
CA VAL B 715 0.07 -11.18 -7.78
C VAL B 715 0.39 -9.71 -7.51
N THR B 716 0.72 -8.95 -8.55
CA THR B 716 0.87 -7.48 -8.50
C THR B 716 -0.40 -6.86 -9.09
N VAL B 717 -0.95 -5.84 -8.42
CA VAL B 717 -2.20 -5.12 -8.79
C VAL B 717 -1.91 -3.61 -8.76
N HIS B 718 -2.14 -2.91 -9.87
CA HIS B 718 -1.95 -1.44 -10.02
C HIS B 718 -3.23 -0.76 -9.52
N GLY B 719 -3.17 0.47 -9.03
CA GLY B 719 -4.35 1.33 -8.76
C GLY B 719 -4.96 1.08 -7.39
N VAL B 720 -4.27 0.37 -6.51
CA VAL B 720 -4.72 0.09 -5.11
C VAL B 720 -4.65 1.38 -4.32
N PRO B 721 -5.76 1.92 -3.77
CA PRO B 721 -5.70 3.14 -2.98
C PRO B 721 -4.50 3.04 -2.03
N GLY B 722 -3.60 4.02 -2.07
CA GLY B 722 -2.42 4.07 -1.18
C GLY B 722 -1.32 5.01 -1.68
N PRO B 723 -0.15 5.00 -1.02
CA PRO B 723 0.99 5.78 -1.48
C PRO B 723 1.45 5.27 -2.85
N GLU B 724 1.94 4.02 -2.86
CA GLU B 724 2.64 3.35 -3.99
C GLU B 724 1.67 3.28 -5.17
N PRO B 725 2.14 3.22 -6.43
CA PRO B 725 1.24 3.01 -7.56
C PRO B 725 0.82 1.54 -7.80
N PHE B 726 1.53 0.56 -7.24
CA PHE B 726 1.18 -0.88 -7.32
C PHE B 726 1.58 -1.62 -6.04
N ALA B 727 0.69 -2.47 -5.55
CA ALA B 727 0.92 -3.32 -4.35
C ALA B 727 1.02 -4.79 -4.74
N VAL B 728 1.71 -5.59 -3.94
CA VAL B 728 1.75 -7.07 -4.05
C VAL B 728 0.82 -7.69 -2.99
N PHE B 729 0.28 -8.86 -3.31
CA PHE B 729 -0.55 -9.69 -2.42
C PHE B 729 -0.09 -11.14 -2.51
N THR B 730 -0.09 -11.83 -1.37
CA THR B 730 0.17 -13.28 -1.32
C THR B 730 -1.18 -13.98 -1.48
N ILE B 731 -1.26 -14.95 -2.41
CA ILE B 731 -2.51 -15.65 -2.81
C ILE B 731 -2.13 -17.12 -3.10
N ASN B 732 -3.06 -17.89 -3.67
CA ASN B 732 -2.82 -19.31 -4.06
C ASN B 732 -3.33 -19.48 -5.49
N GLU B 733 -2.93 -20.55 -6.16
CA GLU B 733 -3.34 -20.89 -7.55
C GLU B 733 -4.85 -21.08 -7.65
N GLY B 734 -5.54 -21.12 -6.50
CA GLY B 734 -6.99 -21.35 -6.36
C GLY B 734 -7.74 -20.07 -6.13
N THR B 735 -7.06 -19.04 -5.61
CA THR B 735 -7.66 -17.71 -5.37
C THR B 735 -8.38 -17.23 -6.64
N LYS B 736 -9.53 -16.59 -6.45
CA LYS B 736 -10.40 -16.09 -7.53
C LYS B 736 -10.59 -14.58 -7.37
N ALA B 737 -10.88 -13.89 -8.47
CA ALA B 737 -11.05 -12.42 -8.57
C ALA B 737 -11.81 -11.86 -7.36
N LYS B 738 -12.93 -12.49 -6.97
CA LYS B 738 -13.81 -11.99 -5.89
C LYS B 738 -13.06 -12.03 -4.55
N GLN B 739 -12.19 -13.03 -4.38
CA GLN B 739 -11.39 -13.26 -3.14
C GLN B 739 -10.25 -12.24 -3.06
N LEU B 740 -9.52 -12.02 -4.17
CA LEU B 740 -8.44 -10.99 -4.26
C LEU B 740 -9.01 -9.59 -3.96
N LEU B 741 -10.23 -9.30 -4.41
CA LEU B 741 -10.92 -8.00 -4.20
C LEU B 741 -11.11 -7.75 -2.70
N GLN B 742 -11.60 -8.77 -1.97
CA GLN B 742 -11.81 -8.71 -0.49
C GLN B 742 -10.45 -8.42 0.17
N GLN B 743 -9.40 -9.13 -0.27
CA GLN B 743 -8.05 -9.07 0.32
C GLN B 743 -7.48 -7.65 0.19
N ILE B 744 -7.60 -7.03 -1.00
CA ILE B 744 -7.09 -5.67 -1.29
C ILE B 744 -7.73 -4.66 -0.33
N LEU B 745 -9.05 -4.73 -0.19
CA LEU B 745 -9.85 -3.69 0.51
C LEU B 745 -9.92 -3.97 2.01
N ALA B 746 -9.41 -5.13 2.45
CA ALA B 746 -9.10 -5.41 3.87
C ALA B 746 -8.29 -4.25 4.48
N VAL B 747 -7.23 -3.79 3.78
CA VAL B 747 -6.26 -2.76 4.28
C VAL B 747 -7.00 -1.53 4.86
N ASP B 748 -8.02 -0.98 4.17
CA ASP B 748 -8.91 0.11 4.66
C ASP B 748 -10.02 -0.49 5.53
N THR B 754 -15.55 -0.74 1.20
CA THR B 754 -16.45 -0.78 0.02
C THR B 754 -15.91 -1.82 -0.99
N ALA B 755 -16.41 -3.06 -0.94
CA ALA B 755 -15.84 -4.27 -1.58
C ALA B 755 -16.29 -4.43 -3.06
N ALA B 756 -17.48 -3.91 -3.42
CA ALA B 756 -18.09 -4.07 -4.76
C ALA B 756 -18.37 -2.69 -5.40
N ASP B 757 -17.65 -1.63 -4.95
CA ASP B 757 -17.50 -0.34 -5.68
C ASP B 757 -16.26 -0.41 -6.58
N TYR B 758 -15.72 -1.63 -6.76
CA TYR B 758 -14.49 -1.93 -7.52
C TYR B 758 -14.67 -3.25 -8.30
N PHE B 759 -13.90 -3.43 -9.37
CA PHE B 759 -13.61 -4.71 -10.07
C PHE B 759 -12.16 -4.70 -10.55
N LEU B 760 -11.55 -5.86 -10.80
CA LEU B 760 -10.18 -5.98 -11.40
C LEU B 760 -10.32 -5.96 -12.93
N MET B 761 -9.36 -5.34 -13.62
CA MET B 761 -9.27 -5.30 -15.11
C MET B 761 -7.95 -5.96 -15.54
N GLU B 762 -7.97 -6.85 -16.53
CA GLU B 762 -6.75 -7.41 -17.19
C GLU B 762 -6.36 -6.41 -18.29
N GLU B 763 -5.23 -5.69 -18.12
CA GLU B 763 -4.67 -4.72 -19.10
C GLU B 763 -3.48 -5.35 -19.81
N LYS B 764 -3.38 -5.13 -21.13
CA LYS B 764 -2.15 -5.36 -21.91
C LYS B 764 -1.73 -4.01 -22.51
N HIS B 765 -0.49 -3.60 -22.22
CA HIS B 765 0.17 -2.38 -22.74
C HIS B 765 1.17 -2.86 -23.79
N PHE B 766 1.30 -2.16 -24.93
CA PHE B 766 2.06 -2.64 -26.11
C PHE B 766 3.38 -1.89 -26.28
N ILE B 767 4.23 -2.33 -27.21
CA ILE B 767 5.45 -1.60 -27.67
C ILE B 767 5.39 -1.47 -29.21
N PRO B 778 -4.54 0.08 -25.62
CA PRO B 778 -4.34 -1.03 -24.65
C PRO B 778 -5.56 -1.92 -24.43
N PHE B 779 -5.39 -3.22 -24.69
CA PHE B 779 -6.34 -4.33 -24.42
C PHE B 779 -6.86 -4.18 -22.99
N GLN B 780 -8.17 -4.29 -22.80
CA GLN B 780 -8.84 -4.20 -21.48
C GLN B 780 -9.97 -5.23 -21.45
N ARG B 781 -9.93 -6.15 -20.49
CA ARG B 781 -10.99 -7.15 -20.22
C ARG B 781 -11.32 -7.12 -18.73
N ALA B 782 -12.55 -6.73 -18.36
CA ALA B 782 -13.06 -6.81 -16.96
C ALA B 782 -12.92 -8.28 -16.53
N VAL B 783 -12.59 -8.54 -15.27
CA VAL B 783 -12.35 -9.91 -14.75
C VAL B 783 -13.63 -10.40 -14.06
N GLY B 784 -14.05 -11.64 -14.34
CA GLY B 784 -15.27 -12.21 -13.75
C GLY B 784 -15.07 -12.48 -12.27
N PRO B 785 -15.97 -12.01 -11.37
CA PRO B 785 -15.90 -12.36 -9.96
C PRO B 785 -15.44 -13.79 -9.63
N GLU B 786 -15.80 -14.80 -10.41
CA GLU B 786 -15.52 -16.23 -10.05
C GLU B 786 -14.28 -16.75 -10.81
N GLU B 787 -13.50 -15.87 -11.44
CA GLU B 787 -12.35 -16.26 -12.32
C GLU B 787 -11.06 -16.40 -11.51
N ASP B 788 -10.30 -17.45 -11.78
CA ASP B 788 -8.99 -17.77 -11.15
C ASP B 788 -7.94 -16.74 -11.63
N ILE B 789 -7.21 -16.12 -10.70
CA ILE B 789 -6.23 -15.00 -10.94
C ILE B 789 -4.96 -15.57 -11.55
N VAL B 790 -4.36 -16.55 -10.89
CA VAL B 790 -3.08 -17.16 -11.35
C VAL B 790 -3.24 -17.68 -12.77
N GLN B 791 -4.44 -18.10 -13.18
CA GLN B 791 -4.70 -18.62 -14.55
C GLN B 791 -4.53 -17.47 -15.54
N ILE B 792 -4.91 -16.25 -15.17
CA ILE B 792 -4.74 -15.01 -15.97
C ILE B 792 -3.24 -14.72 -16.14
N LEU B 793 -2.45 -14.74 -15.06
CA LEU B 793 -0.99 -14.43 -15.09
C LEU B 793 -0.27 -15.46 -15.98
N ASN B 794 -0.79 -16.68 -16.11
CA ASN B 794 -0.15 -17.79 -16.86
C ASN B 794 -0.59 -17.81 -18.32
N SER B 795 -1.60 -17.02 -18.64
CA SER B 795 -2.12 -16.85 -20.02
C SER B 795 -1.16 -15.92 -20.77
N TRP B 796 -0.60 -14.91 -20.09
CA TRP B 796 0.41 -13.95 -20.64
C TRP B 796 1.63 -14.69 -21.20
N PHE B 797 2.18 -14.24 -22.31
CA PHE B 797 3.47 -14.71 -22.88
C PHE B 797 4.31 -13.47 -23.13
N PRO B 798 5.55 -13.40 -22.59
CA PRO B 798 6.41 -12.25 -22.84
C PRO B 798 7.04 -12.29 -24.26
N GLU B 799 7.70 -11.20 -24.66
CA GLU B 799 8.38 -11.04 -25.97
C GLU B 799 7.39 -11.33 -27.10
N GLU B 800 6.17 -10.84 -26.95
CA GLU B 800 5.15 -10.76 -28.03
C GLU B 800 4.43 -9.42 -27.94
N GLY B 801 5.17 -8.37 -27.58
CA GLY B 801 4.80 -6.97 -27.84
C GLY B 801 3.81 -6.41 -26.85
N TYR B 802 3.53 -7.12 -25.76
CA TYR B 802 2.70 -6.61 -24.65
C TYR B 802 3.33 -6.96 -23.31
N VAL B 803 3.01 -6.16 -22.29
CA VAL B 803 3.24 -6.48 -20.86
C VAL B 803 1.87 -6.48 -20.17
N GLY B 804 1.61 -7.52 -19.39
CA GLY B 804 0.37 -7.68 -18.62
C GLY B 804 0.42 -6.97 -17.31
N ARG B 805 -0.72 -6.38 -16.94
CA ARG B 805 -1.03 -5.88 -15.60
C ARG B 805 -2.41 -6.37 -15.15
N ILE B 806 -2.64 -6.38 -13.83
CA ILE B 806 -3.99 -6.47 -13.21
C ILE B 806 -4.27 -5.13 -12.53
N VAL B 807 -5.41 -4.49 -12.84
CA VAL B 807 -5.69 -3.08 -12.44
C VAL B 807 -6.99 -3.04 -11.63
N LEU B 808 -6.98 -2.27 -10.56
CA LEU B 808 -8.18 -1.99 -9.73
C LEU B 808 -8.83 -0.74 -10.31
N LYS B 809 -10.14 -0.79 -10.59
CA LYS B 809 -10.87 0.26 -11.34
C LYS B 809 -12.16 0.58 -10.63
N PRO B 810 -12.61 1.85 -10.64
CA PRO B 810 -13.90 2.21 -10.05
C PRO B 810 -15.04 1.76 -10.96
N GLN B 811 -16.01 1.01 -10.41
CA GLN B 811 -17.20 0.52 -11.14
C GLN B 811 -17.98 1.75 -11.60
N GLN B 812 -18.24 1.83 -12.90
CA GLN B 812 -19.08 2.92 -13.46
C GLN B 812 -20.48 2.33 -13.66
N GLU B 813 -21.51 3.14 -13.41
CA GLU B 813 -22.93 2.87 -13.74
C GLU B 813 -23.23 3.62 -15.03
N THR B 814 -23.51 2.89 -16.12
CA THR B 814 -23.54 3.40 -17.52
C THR B 814 -24.97 3.38 -18.10
N LEU B 815 -25.52 4.55 -18.44
CA LEU B 815 -26.70 4.72 -19.33
C LEU B 815 -26.27 4.46 -20.79
N GLU B 816 -27.24 4.12 -21.65
CA GLU B 816 -27.08 3.84 -23.10
C GLU B 816 -25.96 2.81 -23.30
N PHE C 23 -50.10 29.28 29.86
CA PHE C 23 -49.72 27.94 29.28
C PHE C 23 -48.72 28.04 28.10
N GLY C 24 -48.32 29.25 27.66
CA GLY C 24 -47.33 29.46 26.59
C GLY C 24 -46.59 30.78 26.73
N VAL C 25 -45.86 31.18 25.67
CA VAL C 25 -44.99 32.40 25.62
C VAL C 25 -45.67 33.42 24.70
N GLY C 26 -45.94 34.65 25.16
CA GLY C 26 -46.54 35.74 24.34
C GLY C 26 -45.61 36.24 23.23
N ILE C 27 -46.04 37.21 22.43
CA ILE C 27 -45.19 37.80 21.34
C ILE C 27 -44.15 38.72 22.00
N LEU C 28 -44.61 39.63 22.89
CA LEU C 28 -43.76 40.61 23.64
C LEU C 28 -42.60 39.88 24.31
N GLN C 29 -42.85 38.66 24.82
CA GLN C 29 -41.91 37.88 25.65
C GLN C 29 -41.03 37.03 24.74
N LEU C 30 -41.53 36.61 23.58
CA LEU C 30 -40.74 35.82 22.60
C LEU C 30 -39.75 36.77 21.89
N ASN C 31 -40.14 38.03 21.74
CA ASN C 31 -39.28 39.09 21.13
C ASN C 31 -38.13 39.42 22.08
N ASP C 32 -38.40 39.60 23.37
CA ASP C 32 -37.33 39.89 24.36
C ASP C 32 -36.34 38.71 24.32
N PHE C 33 -36.82 37.47 24.28
CA PHE C 33 -35.92 36.28 24.26
C PHE C 33 -35.06 36.33 22.99
N LEU C 34 -35.62 36.76 21.86
CA LEU C 34 -34.92 36.63 20.54
C LEU C 34 -33.84 37.72 20.42
N VAL C 35 -34.22 38.96 20.74
CA VAL C 35 -33.33 40.15 20.86
C VAL C 35 -32.17 39.78 21.81
N ASN C 36 -32.47 39.38 23.04
CA ASN C 36 -31.46 39.25 24.12
C ASN C 36 -30.63 37.98 23.95
N CYS C 37 -31.18 36.81 23.62
CA CYS C 37 -30.41 35.53 23.59
C CYS C 37 -29.86 35.27 22.19
N GLN C 38 -30.68 35.54 21.19
CA GLN C 38 -30.48 35.04 19.81
C GLN C 38 -29.95 36.20 18.98
N GLY C 39 -30.09 37.42 19.49
CA GLY C 39 -29.68 38.63 18.78
C GLY C 39 -30.30 38.68 17.41
N GLU C 40 -31.62 38.45 17.35
CA GLU C 40 -32.45 38.45 16.12
C GLU C 40 -33.58 39.43 16.36
N HIS C 41 -33.63 40.48 15.53
CA HIS C 41 -34.64 41.55 15.61
C HIS C 41 -35.71 41.25 14.56
N CYS C 42 -36.80 40.61 15.00
CA CYS C 42 -37.99 40.29 14.18
C CYS C 42 -39.08 41.30 14.47
N THR C 43 -39.94 41.51 13.46
CA THR C 43 -41.12 42.40 13.49
C THR C 43 -42.27 41.63 14.15
N TYR C 44 -43.33 42.33 14.58
CA TYR C 44 -44.54 41.71 15.17
C TYR C 44 -45.00 40.56 14.28
N ASP C 45 -45.02 40.75 12.95
CA ASP C 45 -45.57 39.80 11.94
C ASP C 45 -44.66 38.58 11.81
N GLU C 46 -43.33 38.73 11.71
CA GLU C 46 -42.40 37.59 11.52
C GLU C 46 -42.46 36.64 12.72
N ILE C 47 -42.80 37.15 13.91
CA ILE C 47 -42.87 36.39 15.20
C ILE C 47 -44.22 35.65 15.26
N LEU C 48 -45.33 36.33 14.94
CA LEU C 48 -46.67 35.70 14.76
C LEU C 48 -46.54 34.55 13.75
N SER C 49 -45.65 34.68 12.75
CA SER C 49 -45.31 33.63 11.75
C SER C 49 -44.60 32.43 12.40
N ILE C 50 -43.57 32.67 13.21
CA ILE C 50 -42.80 31.61 13.92
C ILE C 50 -43.75 30.79 14.81
N ILE C 51 -44.74 31.44 15.44
CA ILE C 51 -45.73 30.75 16.34
C ILE C 51 -46.60 29.83 15.47
N GLN C 52 -47.24 30.41 14.43
CA GLN C 52 -48.05 29.71 13.40
C GLN C 52 -47.27 28.51 12.85
N LYS C 53 -45.95 28.59 12.71
CA LYS C 53 -45.14 27.53 12.07
C LYS C 53 -44.71 26.45 13.08
N PHE C 54 -44.80 26.68 14.39
CA PHE C 54 -44.19 25.75 15.38
C PHE C 54 -45.16 25.37 16.50
N GLU C 55 -46.29 26.06 16.59
CA GLU C 55 -47.42 25.67 17.48
C GLU C 55 -48.48 24.88 16.70
N PRO C 56 -48.55 23.53 16.85
CA PRO C 56 -49.54 22.71 16.16
C PRO C 56 -50.98 23.01 16.61
N ASN C 57 -51.18 23.13 17.93
CA ASN C 57 -52.48 23.44 18.60
C ASN C 57 -52.99 24.80 18.10
N ILE C 58 -54.11 24.81 17.38
CA ILE C 58 -54.62 25.98 16.58
C ILE C 58 -55.13 27.11 17.51
N SER C 59 -55.73 26.79 18.66
CA SER C 59 -56.40 27.80 19.55
C SER C 59 -55.33 28.61 20.28
N MET C 60 -54.20 28.00 20.60
CA MET C 60 -52.94 28.66 21.03
C MET C 60 -52.48 29.62 19.92
N CYS C 61 -52.25 29.08 18.71
CA CYS C 61 -51.89 29.81 17.47
C CYS C 61 -52.77 31.06 17.27
N HIS C 62 -54.07 30.92 17.51
CA HIS C 62 -55.11 31.97 17.27
C HIS C 62 -55.04 33.06 18.35
N GLN C 63 -54.28 32.84 19.42
CA GLN C 63 -54.16 33.76 20.59
C GLN C 63 -52.74 34.34 20.68
N GLY C 64 -51.85 33.95 19.74
CA GLY C 64 -50.45 34.41 19.64
C GLY C 64 -49.58 33.93 20.81
N LEU C 65 -49.71 32.64 21.15
CA LEU C 65 -48.98 31.97 22.25
C LEU C 65 -48.26 30.74 21.70
N LEU C 66 -46.94 30.69 21.84
CA LEU C 66 -46.12 29.48 21.53
C LEU C 66 -46.06 28.64 22.81
N SER C 67 -46.44 27.37 22.71
CA SER C 67 -46.39 26.40 23.82
C SER C 67 -44.92 26.14 24.17
N PHE C 68 -44.67 25.61 25.35
CA PHE C 68 -43.33 25.22 25.87
C PHE C 68 -42.70 24.16 24.96
N GLU C 69 -43.48 23.18 24.52
CA GLU C 69 -43.05 22.09 23.60
C GLU C 69 -42.63 22.73 22.27
N GLY C 70 -43.32 23.80 21.88
CA GLY C 70 -43.17 24.46 20.57
C GLY C 70 -41.97 25.38 20.52
N PHE C 71 -41.73 26.11 21.62
CA PHE C 71 -40.49 26.88 21.89
C PHE C 71 -39.27 25.96 21.75
N ALA C 72 -39.31 24.76 22.29
CA ALA C 72 -38.23 23.76 22.17
C ALA C 72 -38.10 23.31 20.71
N ARG C 73 -39.20 23.20 19.99
CA ARG C 73 -39.22 22.67 18.60
C ARG C 73 -38.55 23.74 17.71
N PHE C 74 -38.91 25.00 17.95
CA PHE C 74 -38.39 26.20 17.25
C PHE C 74 -36.84 26.27 17.26
N LEU C 75 -36.18 25.96 18.38
CA LEU C 75 -34.70 26.10 18.55
C LEU C 75 -33.99 24.79 18.23
N MET C 76 -34.65 23.64 18.42
CA MET C 76 -34.05 22.31 18.11
C MET C 76 -34.10 22.11 16.59
N ASP C 77 -34.93 22.88 15.89
CA ASP C 77 -35.07 22.87 14.41
C ASP C 77 -33.70 22.81 13.74
N LYS C 78 -33.55 21.98 12.71
CA LYS C 78 -32.23 21.69 12.08
C LYS C 78 -31.79 22.88 11.25
N ASP C 79 -32.68 23.84 10.98
CA ASP C 79 -32.37 25.02 10.13
C ASP C 79 -32.01 26.21 11.02
N ASN C 80 -31.66 25.99 12.29
CA ASN C 80 -31.23 27.04 13.26
C ASN C 80 -29.69 27.03 13.39
N PHE C 81 -28.97 27.24 12.27
CA PHE C 81 -27.52 26.97 12.13
C PHE C 81 -26.72 28.01 12.94
N ALA C 82 -25.45 27.70 13.19
CA ALA C 82 -24.56 28.55 14.01
C ALA C 82 -23.93 29.62 13.12
N SER C 83 -23.42 29.25 11.92
CA SER C 83 -22.56 30.10 11.05
C SER C 83 -23.42 31.18 10.38
N LYS C 84 -22.91 32.40 10.28
CA LYS C 84 -23.49 33.48 9.44
C LYS C 84 -23.01 33.34 8.00
N ASN C 85 -22.02 32.45 7.75
CA ASN C 85 -21.27 32.38 6.46
C ASN C 85 -22.10 31.70 5.36
N ASP C 86 -23.18 31.01 5.73
CA ASP C 86 -24.23 30.55 4.77
C ASP C 86 -24.53 31.73 3.83
N GLU C 87 -24.69 32.94 4.41
CA GLU C 87 -25.26 34.11 3.71
C GLU C 87 -24.20 35.19 3.46
N SER C 88 -22.91 34.85 3.43
CA SER C 88 -21.86 35.80 2.96
C SER C 88 -21.70 35.63 1.44
N ARG C 89 -21.46 36.76 0.78
CA ARG C 89 -21.22 36.88 -0.69
C ARG C 89 -20.24 38.02 -1.00
N GLU C 90 -19.52 37.92 -2.13
CA GLU C 90 -18.57 38.95 -2.62
C GLU C 90 -19.16 40.34 -2.36
N ASN C 91 -18.35 41.23 -1.78
CA ASN C 91 -18.67 42.66 -1.64
C ASN C 91 -17.78 43.40 -2.62
N LYS C 92 -18.36 44.19 -3.52
CA LYS C 92 -17.58 44.78 -4.61
C LYS C 92 -16.67 45.86 -4.00
N LYS C 93 -17.20 46.69 -3.09
CA LYS C 93 -16.45 47.77 -2.37
C LYS C 93 -15.24 47.19 -1.61
N ASP C 94 -15.46 46.14 -0.82
CA ASP C 94 -14.38 45.45 -0.05
C ASP C 94 -13.30 44.92 -0.98
N LEU C 95 -13.48 44.92 -2.30
CA LEU C 95 -12.49 44.37 -3.24
C LEU C 95 -11.84 45.51 -4.04
N GLN C 96 -11.94 46.74 -3.55
CA GLN C 96 -11.54 47.95 -4.32
C GLN C 96 -10.30 48.61 -3.68
N LEU C 97 -9.58 47.92 -2.81
CA LEU C 97 -8.33 48.44 -2.20
C LEU C 97 -7.16 47.64 -2.77
N PRO C 98 -5.91 48.12 -2.61
CA PRO C 98 -4.74 47.40 -3.13
C PRO C 98 -4.66 45.91 -2.81
N LEU C 99 -4.00 45.18 -3.69
CA LEU C 99 -3.90 43.71 -3.69
C LEU C 99 -3.28 43.21 -2.38
N SER C 100 -2.49 44.04 -1.71
CA SER C 100 -1.61 43.67 -0.58
C SER C 100 -2.35 43.77 0.75
N TYR C 101 -3.54 44.37 0.75
CA TYR C 101 -4.45 44.53 1.92
C TYR C 101 -5.34 43.30 2.12
N TYR C 102 -5.06 42.16 1.46
CA TYR C 102 -5.98 40.98 1.38
C TYR C 102 -5.23 39.73 1.75
N TYR C 103 -5.90 38.80 2.44
CA TYR C 103 -5.40 37.42 2.45
C TYR C 103 -5.86 36.85 1.12
N ILE C 104 -5.06 35.95 0.55
CA ILE C 104 -5.22 35.44 -0.83
C ILE C 104 -4.94 33.96 -0.72
N GLU C 105 -5.97 33.14 -0.95
CA GLU C 105 -5.95 31.68 -0.69
C GLU C 105 -4.90 31.12 -1.62
N SER C 106 -4.00 30.25 -1.12
CA SER C 106 -2.77 29.88 -1.85
C SER C 106 -2.45 28.40 -1.72
N SER C 107 -1.95 27.81 -2.82
CA SER C 107 -1.57 26.38 -2.91
C SER C 107 -0.06 26.24 -3.00
N HIS C 108 0.52 25.37 -2.19
CA HIS C 108 1.90 24.88 -2.34
C HIS C 108 1.96 23.57 -3.16
N ASN C 109 2.87 23.59 -4.17
CA ASN C 109 3.23 22.44 -5.04
C ASN C 109 1.95 21.73 -5.47
N THR C 110 1.13 22.49 -6.19
CA THR C 110 -0.26 22.18 -6.51
C THR C 110 -0.32 20.83 -7.22
N TYR C 111 0.72 20.53 -8.01
CA TYR C 111 0.78 19.33 -8.89
C TYR C 111 0.89 18.05 -8.08
N LEU C 112 1.08 18.09 -6.77
CA LEU C 112 1.34 16.86 -5.97
C LEU C 112 0.04 16.39 -5.30
N THR C 113 -0.17 15.07 -5.35
CA THR C 113 -1.39 14.39 -4.82
C THR C 113 -1.16 13.95 -3.38
N GLY C 114 0.04 13.48 -3.03
CA GLY C 114 0.35 13.00 -1.67
C GLY C 114 1.72 13.47 -1.18
N HIS C 115 2.65 12.50 -1.10
CA HIS C 115 4.00 12.70 -0.51
C HIS C 115 4.78 13.68 -1.38
N GLN C 116 5.75 14.34 -0.79
CA GLN C 116 6.52 15.45 -1.41
C GLN C 116 7.61 14.87 -2.31
N LEU C 117 8.06 13.64 -2.02
CA LEU C 117 9.23 12.98 -2.67
C LEU C 117 8.82 11.72 -3.42
N LYS C 118 7.58 11.25 -3.28
CA LYS C 118 7.09 9.95 -3.78
C LYS C 118 5.68 10.16 -4.33
N GLY C 119 5.23 9.25 -5.18
CA GLY C 119 3.84 9.24 -5.65
C GLY C 119 3.61 10.17 -6.84
N GLU C 120 2.36 10.31 -7.25
CA GLU C 120 1.97 10.86 -8.56
C GLU C 120 1.85 12.38 -8.48
N SER C 121 2.24 13.06 -9.56
CA SER C 121 1.79 14.43 -9.89
C SER C 121 0.54 14.33 -10.77
N SER C 122 -0.41 15.24 -10.64
CA SER C 122 -1.68 15.20 -11.41
C SER C 122 -1.99 16.59 -11.96
N VAL C 123 -2.40 16.65 -13.21
CA VAL C 123 -2.82 17.91 -13.88
C VAL C 123 -4.15 18.38 -13.29
N GLU C 124 -5.07 17.42 -13.05
CA GLU C 124 -6.44 17.72 -12.58
C GLU C 124 -6.39 18.49 -11.27
N LEU C 125 -5.39 18.21 -10.43
CA LEU C 125 -5.25 18.91 -9.12
C LEU C 125 -5.26 20.43 -9.28
N TYR C 126 -4.76 20.97 -10.39
CA TYR C 126 -4.84 22.43 -10.65
C TYR C 126 -6.32 22.81 -10.81
N SER C 127 -7.07 22.05 -11.63
CA SER C 127 -8.54 22.20 -11.79
C SER C 127 -9.24 22.12 -10.42
N GLN C 128 -8.98 21.10 -9.61
CA GLN C 128 -9.73 20.95 -8.33
C GLN C 128 -9.48 22.15 -7.41
N VAL C 129 -8.20 22.48 -7.21
CA VAL C 129 -7.77 23.55 -6.29
C VAL C 129 -8.43 24.86 -6.71
N LEU C 130 -8.42 25.17 -8.02
CA LEU C 130 -8.86 26.50 -8.51
C LEU C 130 -10.39 26.57 -8.42
N LEU C 131 -11.09 25.47 -8.76
CA LEU C 131 -12.56 25.34 -8.58
C LEU C 131 -12.95 25.62 -7.13
N GLN C 132 -12.21 25.06 -6.16
CA GLN C 132 -12.42 25.25 -4.69
C GLN C 132 -12.37 26.76 -4.30
N GLY C 133 -11.66 27.63 -5.02
CA GLY C 133 -11.66 29.09 -4.77
C GLY C 133 -10.26 29.65 -4.57
N CYS C 134 -9.29 28.73 -4.49
CA CYS C 134 -7.84 29.05 -4.44
C CYS C 134 -7.52 30.04 -5.55
N ARG C 135 -6.61 30.99 -5.32
CA ARG C 135 -6.21 32.03 -6.32
C ARG C 135 -4.70 32.04 -6.58
N SER C 136 -3.88 31.43 -5.75
CA SER C 136 -2.45 31.25 -6.05
C SER C 136 -2.18 29.75 -6.23
N ILE C 137 -1.44 29.38 -7.27
CA ILE C 137 -0.96 28.00 -7.50
C ILE C 137 0.54 28.06 -7.84
N GLU C 138 1.24 26.91 -7.89
CA GLU C 138 2.71 26.83 -8.05
C GLU C 138 3.06 25.85 -9.19
N LEU C 139 3.78 26.31 -10.22
CA LEU C 139 4.41 25.41 -11.23
C LEU C 139 5.89 25.29 -10.87
N ASP C 140 6.43 24.07 -10.86
CA ASP C 140 7.87 23.75 -10.72
C ASP C 140 8.37 23.22 -12.05
N CYS C 141 8.85 24.09 -12.94
CA CYS C 141 9.11 23.78 -14.37
C CYS C 141 10.56 23.32 -14.56
N TRP C 142 10.75 22.19 -15.22
CA TRP C 142 12.04 21.51 -15.48
C TRP C 142 12.13 21.14 -16.95
N ASP C 143 13.31 20.69 -17.37
CA ASP C 143 13.57 20.32 -18.79
C ASP C 143 13.01 18.93 -19.05
N GLY C 144 12.26 18.79 -20.15
CA GLY C 144 11.78 17.51 -20.67
C GLY C 144 12.65 17.03 -21.81
N ASP C 145 12.69 15.71 -22.00
CA ASP C 145 13.64 14.98 -22.89
C ASP C 145 13.45 15.38 -24.37
N ASP C 146 12.37 16.10 -24.69
CA ASP C 146 11.90 16.39 -26.08
C ASP C 146 11.80 17.90 -26.32
N GLY C 147 12.49 18.73 -25.54
CA GLY C 147 12.49 20.20 -25.69
C GLY C 147 11.19 20.85 -25.26
N MET C 148 10.38 20.17 -24.46
CA MET C 148 9.12 20.73 -23.89
C MET C 148 9.20 20.68 -22.37
N PRO C 149 8.89 21.79 -21.66
CA PRO C 149 8.99 21.81 -20.21
C PRO C 149 7.96 20.87 -19.57
N ILE C 150 8.37 20.25 -18.46
CA ILE C 150 7.58 19.26 -17.66
C ILE C 150 7.50 19.76 -16.21
N ILE C 151 6.51 19.34 -15.44
CA ILE C 151 6.31 19.73 -14.02
C ILE C 151 6.47 18.49 -13.16
N TYR C 152 7.35 18.57 -12.16
CA TYR C 152 7.56 17.52 -11.13
C TYR C 152 8.44 18.08 -10.05
N HIS C 153 8.53 17.39 -8.90
CA HIS C 153 9.39 17.82 -7.76
C HIS C 153 10.83 17.40 -8.06
N GLY C 154 11.73 18.40 -8.23
CA GLY C 154 13.11 18.22 -8.73
C GLY C 154 13.85 17.10 -8.02
N HIS C 155 14.57 16.26 -8.77
CA HIS C 155 15.51 15.21 -8.30
C HIS C 155 14.85 14.25 -7.30
N THR C 156 13.61 13.82 -7.58
CA THR C 156 12.83 12.87 -6.73
C THR C 156 12.09 11.83 -7.59
N LEU C 157 11.40 10.91 -6.93
CA LEU C 157 10.61 9.80 -7.54
C LEU C 157 9.16 10.24 -7.80
N THR C 158 8.84 11.55 -7.84
CA THR C 158 7.52 12.04 -8.28
C THR C 158 7.39 11.78 -9.78
N THR C 159 6.19 11.50 -10.29
CA THR C 159 5.95 11.33 -11.75
C THR C 159 5.94 12.73 -12.38
N LYS C 160 6.29 12.83 -13.66
CA LYS C 160 6.33 14.11 -14.40
C LYS C 160 5.02 14.33 -15.15
N ILE C 161 4.49 15.56 -15.17
CA ILE C 161 3.32 15.94 -16.01
C ILE C 161 3.77 17.01 -17.01
N PRO C 162 3.20 17.06 -18.23
CA PRO C 162 3.59 18.05 -19.22
C PRO C 162 3.18 19.46 -18.78
N PHE C 163 4.08 20.43 -19.03
CA PHE C 163 3.85 21.85 -18.70
C PHE C 163 2.60 22.37 -19.40
N LYS C 164 2.47 22.07 -20.69
CA LYS C 164 1.35 22.55 -21.54
C LYS C 164 0.02 22.08 -20.96
N GLU C 165 -0.09 20.80 -20.62
CA GLU C 165 -1.37 20.24 -20.10
C GLU C 165 -1.82 21.07 -18.89
N VAL C 166 -0.87 21.45 -18.03
CA VAL C 166 -1.15 22.16 -16.75
C VAL C 166 -1.70 23.55 -17.05
N VAL C 167 -1.08 24.24 -18.00
CA VAL C 167 -1.47 25.63 -18.31
C VAL C 167 -2.91 25.60 -18.87
N GLU C 168 -3.23 24.60 -19.67
CA GLU C 168 -4.59 24.46 -20.27
C GLU C 168 -5.61 24.26 -19.13
N ALA C 169 -5.30 23.34 -18.20
CA ALA C 169 -6.15 23.07 -17.04
C ALA C 169 -6.39 24.38 -16.26
N ILE C 170 -5.37 25.24 -16.07
CA ILE C 170 -5.54 26.51 -15.31
C ILE C 170 -6.49 27.46 -16.08
N ASP C 171 -6.24 27.69 -17.38
CA ASP C 171 -7.12 28.49 -18.29
C ASP C 171 -8.61 28.11 -18.15
N ARG C 172 -8.95 26.82 -18.18
CA ARG C 172 -10.37 26.37 -18.23
C ARG C 172 -11.07 26.72 -16.92
N SER C 173 -10.33 26.53 -15.81
CA SER C 173 -10.91 26.37 -14.45
C SER C 173 -10.64 27.57 -13.56
N ALA C 174 -9.73 28.46 -13.95
CA ALA C 174 -9.30 29.61 -13.11
C ALA C 174 -10.51 30.43 -12.67
N PHE C 175 -11.51 30.65 -13.54
CA PHE C 175 -12.55 31.68 -13.34
C PHE C 175 -13.98 31.11 -13.27
N ILE C 176 -14.09 29.80 -13.09
CA ILE C 176 -15.38 29.08 -12.97
C ILE C 176 -16.04 29.50 -11.65
N THR C 177 -15.32 29.39 -10.53
CA THR C 177 -15.89 29.64 -9.18
C THR C 177 -15.82 31.12 -8.77
N SER C 178 -14.76 31.81 -9.15
CA SER C 178 -14.47 33.23 -8.80
C SER C 178 -13.80 33.92 -10.00
N ASP C 179 -14.18 35.14 -10.35
CA ASP C 179 -13.52 35.86 -11.48
C ASP C 179 -12.44 36.81 -10.94
N LEU C 180 -11.90 36.53 -9.76
CA LEU C 180 -10.86 37.37 -9.12
C LEU C 180 -9.51 36.80 -9.48
N PRO C 181 -8.48 37.66 -9.62
CA PRO C 181 -7.28 37.32 -10.36
C PRO C 181 -6.52 36.22 -9.65
N ILE C 182 -5.89 35.34 -10.43
CA ILE C 182 -4.94 34.32 -9.89
C ILE C 182 -3.49 34.83 -10.00
N ILE C 183 -2.63 34.31 -9.13
CA ILE C 183 -1.16 34.52 -9.14
C ILE C 183 -0.48 33.15 -9.30
N ILE C 184 0.13 32.93 -10.45
CA ILE C 184 0.91 31.70 -10.75
C ILE C 184 2.33 31.89 -10.23
N SER C 185 2.75 31.06 -9.29
CA SER C 185 4.12 31.03 -8.75
C SER C 185 4.97 30.06 -9.57
N ILE C 186 5.85 30.58 -10.40
CA ILE C 186 6.74 29.76 -11.26
C ILE C 186 8.03 29.53 -10.50
N GLU C 187 8.40 28.26 -10.33
CA GLU C 187 9.72 27.85 -9.79
C GLU C 187 10.49 27.41 -11.03
N ASN C 188 11.22 28.33 -11.63
CA ASN C 188 11.80 28.19 -12.98
C ASN C 188 13.14 27.45 -12.84
N HIS C 189 13.22 26.21 -13.33
CA HIS C 189 14.45 25.36 -13.37
C HIS C 189 14.73 24.92 -14.82
N CYS C 190 14.23 25.65 -15.81
CA CYS C 190 14.42 25.31 -17.24
C CYS C 190 15.65 26.02 -17.80
N SER C 191 16.25 25.44 -18.85
CA SER C 191 17.16 26.12 -19.81
C SER C 191 16.50 27.38 -20.37
N LEU C 192 17.25 28.19 -21.11
CA LEU C 192 16.71 29.30 -21.94
C LEU C 192 15.85 28.76 -23.08
N PRO C 193 16.26 27.70 -23.83
CA PRO C 193 15.38 27.13 -24.88
C PRO C 193 13.95 26.83 -24.37
N GLN C 194 13.84 26.12 -23.26
CA GLN C 194 12.55 25.64 -22.68
C GLN C 194 11.86 26.77 -21.89
N GLN C 195 12.58 27.80 -21.49
CA GLN C 195 11.98 29.00 -20.85
C GLN C 195 11.24 29.83 -21.88
N ARG C 196 11.64 29.71 -23.16
CA ARG C 196 10.99 30.40 -24.30
C ARG C 196 9.70 29.63 -24.62
N LYS C 197 9.77 28.30 -24.72
CA LYS C 197 8.59 27.40 -24.80
C LYS C 197 7.56 27.83 -23.75
N MET C 198 7.99 27.89 -22.49
CA MET C 198 7.12 28.33 -21.37
C MET C 198 6.41 29.64 -21.74
N ALA C 199 7.10 30.56 -22.38
CA ALA C 199 6.58 31.93 -22.59
C ALA C 199 5.59 31.90 -23.75
N GLU C 200 5.89 31.15 -24.82
CA GLU C 200 4.96 30.95 -25.97
C GLU C 200 3.64 30.42 -25.43
N ILE C 201 3.75 29.38 -24.59
CA ILE C 201 2.60 28.59 -24.09
C ILE C 201 1.75 29.45 -23.15
N PHE C 202 2.38 30.29 -22.32
CA PHE C 202 1.63 31.20 -21.42
C PHE C 202 0.81 32.17 -22.28
N LYS C 203 1.41 32.77 -23.31
CA LYS C 203 0.71 33.74 -24.21
C LYS C 203 -0.38 33.02 -25.04
N SER C 204 -0.06 31.91 -25.71
CA SER C 204 -0.99 31.24 -26.66
C SER C 204 -2.20 30.67 -25.90
N VAL C 205 -2.04 30.26 -24.64
CA VAL C 205 -3.14 29.59 -23.89
C VAL C 205 -3.97 30.65 -23.16
N PHE C 206 -3.35 31.54 -22.38
CA PHE C 206 -4.10 32.49 -21.52
C PHE C 206 -4.64 33.65 -22.32
N GLY C 207 -4.02 33.98 -23.46
CA GLY C 207 -4.43 35.10 -24.32
C GLY C 207 -4.65 36.36 -23.53
N GLU C 208 -5.81 37.00 -23.69
CA GLU C 208 -6.05 38.42 -23.26
C GLU C 208 -6.25 38.47 -21.71
N LYS C 209 -6.36 37.30 -21.06
CA LYS C 209 -6.46 37.21 -19.58
C LYS C 209 -5.06 37.44 -18.94
N LEU C 210 -3.96 37.09 -19.64
CA LEU C 210 -2.58 37.19 -19.08
C LEU C 210 -2.14 38.66 -19.09
N VAL C 211 -1.81 39.19 -17.93
CA VAL C 211 -1.24 40.56 -17.75
C VAL C 211 0.20 40.53 -18.30
N ALA C 212 0.43 41.21 -19.42
CA ALA C 212 1.72 41.26 -20.17
C ALA C 212 2.25 42.70 -20.24
N LYS C 213 1.62 43.62 -19.52
CA LYS C 213 1.96 45.06 -19.46
C LYS C 213 1.25 45.69 -18.25
N PHE C 214 1.72 46.82 -17.77
CA PHE C 214 1.04 47.60 -16.70
C PHE C 214 -0.27 48.09 -17.29
N LEU C 215 -1.36 47.94 -16.58
CA LEU C 215 -2.73 48.10 -17.14
C LEU C 215 -3.37 49.43 -16.70
N PHE C 216 -2.87 50.09 -15.65
CA PHE C 216 -3.65 51.16 -14.96
C PHE C 216 -2.86 52.46 -14.89
N GLU C 217 -3.58 53.58 -14.97
CA GLU C 217 -3.01 54.96 -15.02
C GLU C 217 -2.29 55.21 -13.69
N THR C 218 -2.78 54.58 -12.62
CA THR C 218 -2.27 54.65 -11.23
C THR C 218 -0.90 53.97 -11.09
N ASP C 219 -0.46 53.18 -12.07
CA ASP C 219 0.81 52.38 -12.00
C ASP C 219 2.01 53.23 -12.43
N PHE C 220 1.79 54.40 -13.05
CA PHE C 220 2.88 55.30 -13.50
C PHE C 220 2.93 56.53 -12.58
N SER C 221 2.84 56.31 -11.26
CA SER C 221 2.81 57.34 -10.19
C SER C 221 4.00 57.12 -9.23
N PRO C 224 3.23 54.68 -5.96
CA PRO C 224 2.40 53.68 -6.61
C PRO C 224 2.21 52.47 -5.70
N MET C 225 0.99 51.92 -5.74
CA MET C 225 0.48 50.75 -4.97
C MET C 225 0.08 49.66 -5.97
N LEU C 226 0.00 48.39 -5.57
CA LEU C 226 -0.64 47.33 -6.39
C LEU C 226 -2.09 47.73 -6.68
N PRO C 227 -2.67 47.32 -7.83
CA PRO C 227 -4.06 47.66 -8.15
C PRO C 227 -5.00 46.73 -7.39
N SER C 228 -6.29 47.08 -7.28
CA SER C 228 -7.35 46.32 -6.56
C SER C 228 -7.62 44.96 -7.21
N PRO C 229 -8.00 43.90 -6.45
CA PRO C 229 -8.38 42.61 -7.06
C PRO C 229 -9.59 42.78 -7.96
N ASP C 230 -10.45 43.78 -7.69
CA ASP C 230 -11.60 44.17 -8.54
C ASP C 230 -11.15 44.57 -9.96
N GLN C 231 -10.30 45.58 -10.08
CA GLN C 231 -9.68 46.09 -11.33
C GLN C 231 -9.13 44.96 -12.22
N LEU C 232 -8.67 43.86 -11.60
CA LEU C 232 -7.93 42.72 -12.24
C LEU C 232 -8.86 41.48 -12.42
N ARG C 233 -10.19 41.65 -12.54
CA ARG C 233 -11.09 40.48 -12.78
C ARG C 233 -10.61 39.73 -14.01
N ARG C 234 -10.67 38.40 -13.97
CA ARG C 234 -10.40 37.50 -15.13
C ARG C 234 -9.00 37.81 -15.69
N LYS C 235 -8.02 37.95 -14.80
CA LYS C 235 -6.58 38.19 -15.14
C LYS C 235 -5.70 37.16 -14.44
N VAL C 236 -4.59 36.82 -15.08
CA VAL C 236 -3.55 35.85 -14.61
C VAL C 236 -2.21 36.60 -14.44
N LEU C 237 -1.68 36.70 -13.21
CA LEU C 237 -0.39 37.36 -12.92
C LEU C 237 0.69 36.28 -12.77
N LEU C 238 1.75 36.36 -13.58
CA LEU C 238 2.94 35.48 -13.40
C LEU C 238 3.80 36.08 -12.26
N LYS C 239 4.36 35.19 -11.45
CA LYS C 239 5.33 35.49 -10.40
C LYS C 239 6.56 34.68 -10.76
N ASN C 240 7.57 35.34 -11.33
CA ASN C 240 8.88 34.75 -11.75
C ASN C 240 9.91 35.84 -11.43
N LYS C 241 11.20 35.49 -11.48
CA LYS C 241 12.30 36.49 -11.51
C LYS C 241 12.11 37.40 -12.73
N LYS C 242 12.58 38.65 -12.62
CA LYS C 242 12.58 39.61 -13.76
C LYS C 242 14.01 40.12 -13.99
N LEU C 243 14.50 40.01 -15.23
CA LEU C 243 15.77 40.62 -15.66
C LEU C 243 15.75 42.10 -15.27
N LYS C 244 16.90 42.59 -14.76
CA LYS C 244 17.27 44.01 -14.54
C LYS C 244 17.07 44.81 -15.82
N ALA C 245 16.40 45.96 -15.70
CA ALA C 245 16.12 46.91 -16.79
C ALA C 245 17.43 47.61 -17.21
N HIS C 246 17.81 47.48 -18.49
CA HIS C 246 18.89 48.26 -19.16
C HIS C 246 18.56 49.74 -19.06
N GLN C 247 19.56 50.56 -18.70
CA GLN C 247 19.34 52.02 -18.47
C GLN C 247 19.46 52.76 -19.81
N THR C 248 20.26 52.27 -20.76
CA THR C 248 20.55 53.00 -22.00
C THR C 248 20.64 52.08 -23.22
N PRO C 249 20.42 52.64 -24.43
CA PRO C 249 20.64 51.91 -25.67
C PRO C 249 22.00 51.19 -25.77
N VAL C 250 23.03 51.80 -25.17
CA VAL C 250 24.46 51.37 -25.26
C VAL C 250 24.64 50.08 -24.46
N ASP C 251 23.97 49.99 -23.31
CA ASP C 251 24.07 48.81 -22.40
C ASP C 251 23.53 47.57 -23.12
N ILE C 252 22.41 47.73 -23.84
CA ILE C 252 21.82 46.65 -24.70
C ILE C 252 22.87 46.17 -25.69
N LEU C 253 23.47 47.08 -26.46
CA LEU C 253 24.44 46.76 -27.52
C LEU C 253 25.70 46.14 -26.92
N LYS C 254 26.15 46.67 -25.77
CA LYS C 254 27.37 46.18 -25.09
C LYS C 254 27.13 44.74 -24.63
N GLN C 255 25.99 44.46 -23.98
CA GLN C 255 25.62 43.09 -23.55
C GLN C 255 25.58 42.15 -24.77
N LYS C 256 25.03 42.61 -25.89
CA LYS C 256 24.98 41.85 -27.17
C LYS C 256 26.40 41.53 -27.67
N ALA C 257 27.34 42.47 -27.54
CA ALA C 257 28.74 42.29 -27.95
C ALA C 257 29.44 41.26 -27.03
N HIS C 258 29.12 41.28 -25.73
CA HIS C 258 29.58 40.27 -24.72
C HIS C 258 29.21 38.86 -25.20
N GLN C 259 27.92 38.61 -25.52
CA GLN C 259 27.42 37.30 -26.03
C GLN C 259 28.28 36.82 -27.20
N LEU C 260 28.44 37.66 -28.23
CA LEU C 260 29.22 37.32 -29.45
C LEU C 260 30.63 36.94 -29.03
N ALA C 261 31.26 37.79 -28.23
CA ALA C 261 32.69 37.77 -27.85
C ALA C 261 33.12 36.37 -27.39
N SER C 262 32.30 35.69 -26.58
CA SER C 262 32.54 34.30 -26.08
C SER C 262 31.65 33.31 -26.85
N MET C 263 32.08 32.91 -28.06
CA MET C 263 31.32 32.08 -29.05
C MET C 263 32.27 31.46 -30.10
N LYS C 340 19.06 13.44 4.37
CA LYS C 340 18.73 12.12 4.98
C LYS C 340 17.73 12.35 6.13
N VAL C 341 16.56 11.71 6.07
CA VAL C 341 15.41 12.00 6.99
C VAL C 341 14.43 10.82 6.92
N TYR C 342 13.49 10.74 7.89
CA TYR C 342 12.53 9.64 8.15
C TYR C 342 11.11 10.22 8.35
N ASP C 343 10.12 9.66 7.63
CA ASP C 343 8.65 9.91 7.77
C ASP C 343 8.05 8.93 8.79
N MET C 344 7.53 9.43 9.92
CA MET C 344 6.95 8.59 11.01
C MET C 344 5.72 7.84 10.49
N GLU C 345 4.81 8.56 9.84
CA GLU C 345 3.51 8.07 9.30
C GLU C 345 3.73 6.76 8.52
N LEU C 346 4.71 6.78 7.59
CA LEU C 346 4.88 5.87 6.42
C LEU C 346 5.99 4.83 6.64
N GLY C 347 6.81 4.98 7.70
CA GLY C 347 7.89 4.05 8.08
C GLY C 347 8.99 3.93 7.02
N GLU C 348 9.49 5.05 6.49
CA GLU C 348 10.46 5.07 5.34
C GLU C 348 11.51 6.18 5.48
N GLU C 349 12.68 5.97 4.85
CA GLU C 349 13.82 6.91 4.80
C GLU C 349 13.88 7.51 3.41
N PHE C 350 14.24 8.79 3.30
CA PHE C 350 14.48 9.53 2.03
C PHE C 350 15.60 10.56 2.24
N TYR C 351 16.48 10.74 1.24
CA TYR C 351 17.39 11.91 1.13
C TYR C 351 16.54 13.10 0.72
N LEU C 352 16.41 14.11 1.58
CA LEU C 352 15.80 15.42 1.23
C LEU C 352 16.52 15.93 -0.03
N PRO C 353 15.84 16.37 -1.12
CA PRO C 353 16.53 16.93 -2.28
C PRO C 353 17.07 18.32 -1.91
N GLN C 354 18.15 18.78 -2.58
CA GLN C 354 18.82 20.08 -2.31
C GLN C 354 18.56 21.02 -3.50
N ASN C 355 17.32 21.08 -4.00
CA ASN C 355 17.01 21.56 -5.37
C ASN C 355 16.34 22.94 -5.40
N LYS C 356 16.32 23.71 -4.29
CA LYS C 356 15.61 25.02 -4.14
C LYS C 356 16.16 26.07 -5.14
N LYS C 357 17.50 26.22 -5.21
CA LYS C 357 18.21 27.19 -6.10
C LYS C 357 17.78 27.00 -7.56
N GLU C 358 16.90 27.88 -8.07
CA GLU C 358 16.39 28.03 -9.47
C GLU C 358 17.54 28.15 -10.49
N SER C 359 17.24 28.26 -11.79
CA SER C 359 18.25 28.50 -12.85
C SER C 359 18.62 29.99 -12.84
N ARG C 360 19.90 30.26 -13.07
CA ARG C 360 20.48 31.62 -13.00
C ARG C 360 20.07 32.44 -14.24
N GLN C 361 20.20 31.89 -15.45
CA GLN C 361 19.85 32.60 -16.71
C GLN C 361 18.31 32.66 -16.86
N ILE C 362 17.78 33.77 -17.40
CA ILE C 362 16.33 34.08 -17.56
C ILE C 362 16.04 34.56 -18.99
N ALA C 363 15.34 33.76 -19.80
CA ALA C 363 14.81 34.12 -21.13
C ALA C 363 14.05 35.44 -21.04
N PRO C 364 14.38 36.41 -21.92
CA PRO C 364 13.73 37.72 -21.89
C PRO C 364 12.24 37.59 -22.25
N GLU C 365 11.93 36.66 -23.14
CA GLU C 365 10.54 36.44 -23.63
C GLU C 365 9.64 36.13 -22.42
N LEU C 366 10.16 35.41 -21.40
CA LEU C 366 9.45 35.07 -20.12
C LEU C 366 9.44 36.27 -19.16
N SER C 367 10.60 36.91 -18.99
CA SER C 367 10.77 38.09 -18.09
C SER C 367 9.79 39.19 -18.50
N ASP C 368 9.51 39.35 -19.80
CA ASP C 368 8.64 40.45 -20.30
C ASP C 368 7.20 40.21 -19.82
N LEU C 369 6.85 38.96 -19.44
CA LEU C 369 5.49 38.59 -18.99
C LEU C 369 5.32 38.76 -17.46
N VAL C 370 6.36 39.16 -16.76
CA VAL C 370 6.31 39.42 -15.29
C VAL C 370 6.06 40.91 -15.07
N ILE C 371 4.97 41.27 -14.41
CA ILE C 371 4.55 42.69 -14.28
C ILE C 371 4.42 43.07 -12.80
N TYR C 372 3.34 42.65 -12.13
CA TYR C 372 2.98 43.07 -10.75
C TYR C 372 3.65 42.21 -9.67
N CYS C 373 4.22 41.06 -10.03
CA CYS C 373 4.78 40.08 -9.07
C CYS C 373 6.20 39.71 -9.53
N GLN C 374 7.17 40.57 -9.20
CA GLN C 374 8.60 40.40 -9.55
C GLN C 374 9.25 39.69 -8.36
N ALA C 375 9.56 38.42 -8.51
CA ALA C 375 10.23 37.59 -7.48
C ALA C 375 11.63 38.16 -7.20
N VAL C 376 11.97 38.28 -5.93
CA VAL C 376 13.27 38.78 -5.42
C VAL C 376 13.60 38.01 -4.15
N LYS C 377 14.78 37.39 -4.08
CA LYS C 377 15.43 37.03 -2.80
C LYS C 377 15.18 38.15 -1.79
N PHE C 378 14.75 37.79 -0.58
CA PHE C 378 14.11 38.72 0.38
C PHE C 378 15.17 39.65 0.91
N PRO C 379 14.98 40.98 0.82
CA PRO C 379 16.02 41.96 1.18
C PRO C 379 16.22 42.25 2.68
N GLY C 380 15.22 41.89 3.50
CA GLY C 380 15.16 42.20 4.94
C GLY C 380 14.12 43.28 5.23
N LEU C 381 14.10 43.76 6.48
CA LEU C 381 13.28 44.94 6.86
C LEU C 381 14.15 46.01 7.52
N ARG C 449 16.07 50.05 -9.39
CA ARG C 449 15.08 48.97 -9.66
C ARG C 449 13.64 49.52 -9.79
N THR C 450 12.68 48.62 -9.90
CA THR C 450 11.23 48.91 -10.11
C THR C 450 10.64 49.40 -8.78
N PRO C 451 9.53 50.19 -8.77
CA PRO C 451 8.88 50.57 -7.52
C PRO C 451 8.64 49.32 -6.67
N LYS C 452 8.63 49.47 -5.34
CA LYS C 452 8.81 48.34 -4.39
C LYS C 452 7.50 47.52 -4.25
N CYS C 453 6.36 48.15 -4.48
CA CYS C 453 5.05 47.48 -4.35
C CYS C 453 4.88 46.33 -5.39
N TYR C 454 5.69 46.27 -6.45
CA TYR C 454 5.69 45.19 -7.47
C TYR C 454 6.69 44.07 -7.13
N HIS C 455 7.35 44.17 -5.98
CA HIS C 455 8.31 43.14 -5.52
C HIS C 455 7.59 42.18 -4.59
N ILE C 456 7.93 40.91 -4.67
CA ILE C 456 7.26 39.83 -3.88
C ILE C 456 8.36 38.83 -3.53
N SER C 457 8.32 38.26 -2.35
CA SER C 457 9.32 37.27 -1.93
C SER C 457 8.62 36.00 -1.37
N SER C 458 9.39 34.92 -1.32
CA SER C 458 8.90 33.55 -1.06
C SER C 458 9.79 33.01 0.05
N LEU C 459 9.26 32.91 1.26
CA LEU C 459 10.05 32.45 2.42
C LEU C 459 9.50 31.11 2.88
N ASN C 460 10.38 30.12 3.03
CA ASN C 460 10.02 28.90 3.79
C ASN C 460 9.52 29.36 5.16
N GLU C 461 8.65 28.52 5.75
CA GLU C 461 7.85 28.82 6.98
C GLU C 461 8.76 29.19 8.15
N ASN C 462 9.96 28.63 8.19
CA ASN C 462 10.90 28.81 9.33
C ASN C 462 11.44 30.24 9.30
N ALA C 463 11.95 30.67 8.14
CA ALA C 463 12.45 32.04 7.88
C ALA C 463 11.31 33.04 8.09
N ALA C 464 10.06 32.69 7.76
CA ALA C 464 8.93 33.61 7.90
C ALA C 464 8.56 33.75 9.37
N LYS C 465 8.79 32.73 10.19
CA LYS C 465 8.43 32.74 11.64
C LYS C 465 9.48 33.57 12.40
N ARG C 466 10.75 33.28 12.18
CA ARG C 466 11.89 34.16 12.58
C ARG C 466 11.53 35.61 12.29
N LEU C 467 11.07 35.90 11.07
CA LEU C 467 10.70 37.28 10.67
C LEU C 467 9.60 37.83 11.55
N CYS C 468 8.64 37.00 11.96
CA CYS C 468 7.45 37.39 12.76
C CYS C 468 7.81 37.63 14.24
N ARG C 469 8.71 36.84 14.82
CA ARG C 469 9.21 37.06 16.21
C ARG C 469 10.04 38.35 16.26
N ARG C 470 11.04 38.46 15.39
CA ARG C 470 12.05 39.53 15.40
C ARG C 470 11.41 40.88 15.01
N TYR C 471 10.66 40.96 13.91
CA TYR C 471 10.25 42.26 13.36
C TYR C 471 8.73 42.34 13.26
N SER C 472 8.01 41.89 14.27
CA SER C 472 6.51 41.90 14.29
C SER C 472 5.96 43.15 13.58
N GLN C 473 6.18 44.37 14.11
CA GLN C 473 5.48 45.61 13.66
C GLN C 473 5.98 46.01 12.28
N LYS C 474 7.27 45.79 12.03
CA LYS C 474 7.90 46.10 10.72
C LYS C 474 7.31 45.17 9.65
N LEU C 475 7.18 43.88 9.93
CA LEU C 475 6.56 42.93 8.96
C LEU C 475 5.12 43.37 8.59
N ILE C 476 4.32 43.85 9.54
CA ILE C 476 2.98 44.47 9.33
C ILE C 476 3.10 45.75 8.49
N GLN C 477 4.09 46.61 8.69
CA GLN C 477 4.20 47.85 7.87
C GLN C 477 4.58 47.46 6.43
N HIS C 478 5.38 46.39 6.28
CA HIS C 478 5.85 45.83 5.00
C HIS C 478 4.69 45.22 4.21
N THR C 479 3.89 44.35 4.82
CA THR C 479 2.74 43.67 4.17
C THR C 479 1.65 44.68 3.82
N ALA C 480 1.64 45.88 4.39
CA ALA C 480 0.65 46.91 4.02
C ALA C 480 0.82 47.23 2.53
N CYS C 481 2.05 47.37 2.03
CA CYS C 481 2.33 47.84 0.64
C CYS C 481 2.83 46.73 -0.29
N GLN C 482 3.44 45.65 0.21
CA GLN C 482 3.98 44.56 -0.65
C GLN C 482 3.35 43.20 -0.39
N LEU C 483 3.32 42.31 -1.38
CA LEU C 483 2.86 40.90 -1.16
C LEU C 483 4.03 40.08 -0.66
N LEU C 484 3.81 39.19 0.29
CA LEU C 484 4.80 38.20 0.78
C LEU C 484 4.14 36.83 0.81
N ARG C 485 4.91 35.79 0.47
CA ARG C 485 4.37 34.41 0.31
C ARG C 485 5.18 33.47 1.19
N THR C 486 4.51 32.74 2.08
CA THR C 486 5.12 31.69 2.92
C THR C 486 4.78 30.36 2.30
N TYR C 487 5.65 29.37 2.45
CA TYR C 487 5.32 27.99 2.04
C TYR C 487 5.86 27.00 3.09
N PRO C 488 5.34 25.76 3.14
CA PRO C 488 5.85 24.74 4.03
C PRO C 488 7.37 24.56 3.92
N ALA C 489 8.05 24.42 5.06
CA ALA C 489 9.46 23.96 5.18
C ALA C 489 9.66 22.72 4.30
N ALA C 490 10.86 22.51 3.76
CA ALA C 490 11.20 21.35 2.91
C ALA C 490 11.17 20.06 3.74
N THR C 491 11.31 20.23 5.05
CA THR C 491 11.45 19.14 6.05
C THR C 491 10.12 18.36 6.16
N ARG C 492 9.01 18.96 5.72
CA ARG C 492 7.65 18.37 5.77
C ARG C 492 7.38 17.45 4.57
N ILE C 493 8.13 16.38 4.42
CA ILE C 493 8.08 15.50 3.20
C ILE C 493 6.75 14.72 3.15
N ASP C 494 5.99 14.70 4.23
CA ASP C 494 4.69 13.99 4.30
C ASP C 494 3.58 14.96 3.89
N SER C 495 3.94 16.13 3.41
CA SER C 495 3.02 17.20 2.96
C SER C 495 2.09 17.62 4.11
N SER C 496 2.59 17.60 5.35
CA SER C 496 1.99 18.32 6.50
C SER C 496 2.00 19.82 6.22
N ASN C 497 1.30 20.60 7.05
CA ASN C 497 1.08 22.05 6.79
C ASN C 497 1.44 22.81 8.07
N PRO C 498 1.92 24.06 7.99
CA PRO C 498 2.21 24.86 9.17
C PRO C 498 0.96 25.61 9.60
N ASN C 499 0.89 26.12 10.82
CA ASN C 499 -0.30 26.90 11.25
C ASN C 499 -0.27 28.22 10.50
N PRO C 500 -1.32 28.59 9.75
CA PRO C 500 -1.38 29.89 9.10
C PRO C 500 -1.52 31.14 9.99
N LEU C 501 -1.99 30.99 11.24
CA LEU C 501 -2.33 32.17 12.11
C LEU C 501 -1.12 33.06 12.31
N MET C 502 0.04 32.50 12.62
CA MET C 502 1.25 33.32 12.87
C MET C 502 1.39 34.36 11.75
N PHE C 503 1.37 33.87 10.51
CA PHE C 503 1.60 34.63 9.26
C PHE C 503 0.44 35.58 8.98
N TRP C 504 -0.80 35.16 9.14
CA TRP C 504 -1.92 36.07 8.82
C TRP C 504 -1.94 37.26 9.78
N LEU C 505 -1.48 37.06 11.02
CA LEU C 505 -1.56 38.10 12.08
C LEU C 505 -0.53 39.19 11.76
N HIS C 506 0.54 38.84 11.04
CA HIS C 506 1.52 39.80 10.49
C HIS C 506 1.14 40.21 9.06
N GLY C 507 -0.06 39.83 8.61
CA GLY C 507 -0.62 40.36 7.36
C GLY C 507 0.02 39.74 6.12
N ILE C 508 0.71 38.61 6.27
CA ILE C 508 1.20 37.81 5.11
C ILE C 508 -0.03 37.32 4.33
N GLN C 509 -0.05 37.55 3.01
CA GLN C 509 -1.24 37.39 2.15
C GLN C 509 -1.27 35.97 1.60
N LEU C 510 -0.14 35.48 1.06
CA LEU C 510 -0.12 34.14 0.41
C LEU C 510 0.40 33.09 1.40
N VAL C 511 -0.44 32.48 2.23
CA VAL C 511 0.06 31.34 3.02
C VAL C 511 -0.32 30.09 2.23
N ALA C 512 0.71 29.48 1.66
CA ALA C 512 0.60 28.38 0.68
C ALA C 512 0.60 27.05 1.42
N LEU C 513 -0.52 26.33 1.36
CA LEU C 513 -0.69 25.04 2.06
C LEU C 513 -0.71 23.91 1.04
N ASN C 514 -0.44 22.70 1.49
CA ASN C 514 -0.65 21.46 0.71
C ASN C 514 -2.14 21.12 0.74
N TYR C 515 -2.85 21.29 -0.37
CA TYR C 515 -4.34 21.10 -0.40
C TYR C 515 -4.70 19.63 -0.31
N GLN C 516 -3.73 18.75 -0.48
CA GLN C 516 -3.94 17.29 -0.59
C GLN C 516 -3.90 16.65 0.79
N THR C 517 -3.67 17.45 1.84
CA THR C 517 -3.46 16.94 3.21
C THR C 517 -4.52 17.53 4.14
N ASP C 518 -5.49 16.71 4.56
CA ASP C 518 -6.56 17.21 5.45
C ASP C 518 -5.95 17.20 6.85
N ASP C 519 -5.77 18.39 7.40
CA ASP C 519 -5.13 18.58 8.72
C ASP C 519 -5.68 19.90 9.22
N LEU C 520 -5.45 20.22 10.49
CA LEU C 520 -6.13 21.37 11.12
C LEU C 520 -5.80 22.64 10.34
N PRO C 521 -4.57 22.81 9.81
CA PRO C 521 -4.23 24.05 9.11
C PRO C 521 -5.04 24.19 7.82
N LEU C 522 -5.18 23.12 7.04
CA LEU C 522 -5.98 23.25 5.79
C LEU C 522 -7.42 23.64 6.15
N HIS C 523 -7.95 23.16 7.28
CA HIS C 523 -9.34 23.46 7.72
C HIS C 523 -9.41 24.91 8.23
N LEU C 524 -8.35 25.41 8.87
CA LEU C 524 -8.22 26.84 9.24
C LEU C 524 -8.28 27.69 7.97
N ASN C 525 -7.50 27.30 6.97
CA ASN C 525 -7.52 27.95 5.63
C ASN C 525 -8.99 28.08 5.17
N ALA C 526 -9.71 26.96 5.17
CA ALA C 526 -11.08 26.89 4.62
C ALA C 526 -11.98 27.84 5.41
N ALA C 527 -11.87 27.89 6.73
CA ALA C 527 -12.75 28.74 7.57
C ALA C 527 -12.53 30.24 7.22
N MET C 528 -11.28 30.65 7.08
CA MET C 528 -10.84 32.02 6.65
C MET C 528 -11.50 32.41 5.32
N PHE C 529 -11.41 31.56 4.28
CA PHE C 529 -11.85 31.91 2.91
C PHE C 529 -13.32 31.50 2.63
N GLU C 530 -14.12 31.26 3.69
CA GLU C 530 -15.62 31.26 3.58
C GLU C 530 -16.05 32.72 3.39
N ALA C 531 -15.31 33.65 3.97
CA ALA C 531 -15.66 35.09 3.96
C ALA C 531 -15.74 35.59 2.52
N ASN C 532 -16.58 36.61 2.33
CA ASN C 532 -16.60 37.38 1.06
C ASN C 532 -16.96 36.45 -0.10
N GLY C 533 -17.83 35.47 0.18
CA GLY C 533 -18.45 34.56 -0.79
C GLY C 533 -17.47 33.46 -1.22
N GLY C 534 -16.46 33.12 -0.47
CA GLY C 534 -15.54 32.02 -0.84
C GLY C 534 -14.66 32.34 -2.06
N CYS C 535 -14.62 33.60 -2.52
CA CYS C 535 -13.89 34.06 -3.74
C CYS C 535 -12.35 34.01 -3.59
N GLY C 536 -11.78 33.92 -2.38
CA GLY C 536 -10.35 33.63 -2.22
C GLY C 536 -9.51 34.88 -1.90
N TYR C 537 -10.14 36.06 -1.90
CA TYR C 537 -9.60 37.37 -1.53
C TYR C 537 -10.44 37.87 -0.36
N VAL C 538 -9.87 38.03 0.84
CA VAL C 538 -10.53 38.54 2.08
C VAL C 538 -9.75 39.76 2.54
N LEU C 539 -10.43 40.91 2.64
CA LEU C 539 -9.85 42.17 3.20
C LEU C 539 -9.30 41.89 4.59
N LYS C 540 -8.19 42.52 4.94
CA LYS C 540 -7.45 42.22 6.19
C LYS C 540 -8.08 43.03 7.31
N PRO C 541 -7.91 42.55 8.57
CA PRO C 541 -8.32 43.32 9.74
C PRO C 541 -7.69 44.70 9.61
N PRO C 542 -8.48 45.79 9.66
CA PRO C 542 -7.96 47.14 9.36
C PRO C 542 -6.79 47.65 10.23
N VAL C 543 -6.46 46.99 11.32
CA VAL C 543 -5.29 47.40 12.13
C VAL C 543 -4.00 47.18 11.33
N LEU C 544 -4.00 46.37 10.27
CA LEU C 544 -2.75 46.05 9.49
C LEU C 544 -2.68 46.84 8.18
N TRP C 545 -3.46 47.93 8.01
CA TRP C 545 -3.37 48.80 6.82
C TRP C 545 -4.14 50.13 6.98
N ASP C 546 -5.25 50.20 7.70
CA ASP C 546 -6.04 51.46 7.71
C ASP C 546 -5.44 52.42 8.75
N LYS C 547 -4.92 53.57 8.28
CA LYS C 547 -4.29 54.64 9.11
C LYS C 547 -5.26 55.13 10.19
N SER C 548 -6.58 55.10 9.95
CA SER C 548 -7.61 55.70 10.84
C SER C 548 -8.05 54.71 11.94
N CYS C 549 -7.40 53.55 12.04
CA CYS C 549 -7.60 52.58 13.13
C CYS C 549 -6.78 52.96 14.35
N PRO C 550 -7.42 53.31 15.50
CA PRO C 550 -6.71 53.60 16.74
C PRO C 550 -5.44 52.80 17.04
N MET C 551 -5.31 51.56 16.57
CA MET C 551 -4.18 50.67 16.93
C MET C 551 -3.21 50.51 15.74
N TYR C 552 -3.42 51.24 14.64
CA TYR C 552 -2.44 51.28 13.52
C TYR C 552 -1.05 51.55 14.09
N GLN C 553 -0.12 50.60 13.87
CA GLN C 553 1.35 50.70 14.13
C GLN C 553 1.67 50.47 15.62
N LYS C 554 0.69 50.59 16.51
CA LYS C 554 0.79 50.15 17.93
C LYS C 554 0.58 48.64 18.12
N PHE C 555 0.00 47.88 17.17
CA PHE C 555 -0.35 46.45 17.37
C PHE C 555 0.80 45.53 16.94
N SER C 556 1.26 44.70 17.89
CA SER C 556 2.07 43.47 17.65
C SER C 556 1.34 42.26 18.19
N PRO C 557 0.96 41.29 17.34
CA PRO C 557 0.14 40.18 17.80
C PRO C 557 0.84 39.18 18.76
N LEU C 558 2.17 39.26 18.95
CA LEU C 558 2.88 38.29 19.84
C LEU C 558 3.06 38.87 21.24
N GLU C 559 2.44 40.01 21.55
CA GLU C 559 2.67 40.81 22.80
C GLU C 559 1.50 40.58 23.77
N ARG C 560 1.80 40.32 25.05
CA ARG C 560 0.83 40.02 26.14
C ARG C 560 0.23 41.28 26.78
N ASP C 561 1.00 42.37 26.91
CA ASP C 561 0.60 43.50 27.80
C ASP C 561 -0.37 44.42 27.03
N LEU C 562 -1.57 43.91 26.69
CA LEU C 562 -2.68 44.78 26.27
C LEU C 562 -3.58 45.03 27.49
N ASP C 563 -3.11 45.85 28.44
CA ASP C 563 -3.89 46.35 29.59
C ASP C 563 -4.54 47.71 29.23
N ALA C 564 -4.15 48.28 28.09
CA ALA C 564 -4.77 49.47 27.45
C ALA C 564 -6.28 49.25 27.27
N MET C 565 -6.73 48.02 27.00
CA MET C 565 -8.13 47.75 26.58
C MET C 565 -8.81 46.61 27.38
N ASP C 566 -10.14 46.67 27.38
CA ASP C 566 -11.09 45.66 27.95
C ASP C 566 -11.47 44.65 26.86
N PRO C 567 -11.10 43.37 26.97
CA PRO C 567 -11.50 42.41 25.96
C PRO C 567 -13.01 42.13 26.04
N ALA C 568 -13.60 41.58 24.97
CA ALA C 568 -14.99 41.07 24.96
C ALA C 568 -15.04 39.74 25.72
N THR C 569 -16.09 39.53 26.52
CA THR C 569 -16.29 38.29 27.31
C THR C 569 -17.23 37.35 26.55
N TYR C 570 -16.72 36.19 26.15
CA TYR C 570 -17.45 35.12 25.45
C TYR C 570 -17.78 34.01 26.45
N SER C 571 -19.02 33.57 26.44
CA SER C 571 -19.51 32.37 27.15
C SER C 571 -20.00 31.38 26.10
N LEU C 572 -19.57 30.11 26.20
CA LEU C 572 -19.88 29.06 25.20
C LEU C 572 -20.31 27.80 25.95
N THR C 573 -21.61 27.48 25.93
CA THR C 573 -22.18 26.23 26.49
C THR C 573 -22.24 25.16 25.38
N ILE C 574 -21.51 24.05 25.55
CA ILE C 574 -21.70 22.78 24.79
C ILE C 574 -22.85 22.04 25.48
N ILE C 575 -24.07 22.17 24.97
CA ILE C 575 -25.27 21.52 25.57
C ILE C 575 -25.24 20.05 25.20
N SER C 576 -25.19 19.74 23.92
CA SER C 576 -25.32 18.32 23.48
C SER C 576 -24.86 18.13 22.04
N GLY C 577 -24.81 16.84 21.68
CA GLY C 577 -24.42 16.37 20.34
C GLY C 577 -25.41 15.36 19.77
N GLN C 578 -25.24 15.12 18.48
CA GLN C 578 -25.96 14.10 17.71
C GLN C 578 -24.98 13.38 16.79
N ASN C 579 -24.93 12.04 16.91
CA ASN C 579 -24.19 11.13 16.00
C ASN C 579 -22.77 11.68 15.87
N VAL C 580 -22.11 11.89 17.01
CA VAL C 580 -20.80 12.62 17.04
C VAL C 580 -19.67 11.68 16.64
N CYS C 581 -19.79 10.35 16.72
CA CYS C 581 -18.78 9.40 16.13
C CYS C 581 -19.43 8.41 15.18
N PRO C 582 -19.68 8.77 13.91
CA PRO C 582 -20.20 7.84 12.91
C PRO C 582 -19.68 6.39 12.88
N SER C 583 -20.58 5.43 13.01
CA SER C 583 -20.33 3.97 12.97
C SER C 583 -19.81 3.52 14.32
N ASN C 584 -20.07 4.29 15.36
CA ASN C 584 -19.61 3.94 16.72
C ASN C 584 -20.65 4.45 17.70
N SER C 585 -21.75 3.72 17.86
CA SER C 585 -22.87 4.15 18.74
C SER C 585 -22.35 4.16 20.18
N THR C 586 -21.43 3.23 20.47
CA THR C 586 -20.98 2.83 21.84
C THR C 586 -19.61 3.41 22.22
N GLY C 587 -19.08 4.37 21.45
CA GLY C 587 -17.86 5.11 21.86
C GLY C 587 -18.16 6.06 23.01
N SER C 588 -17.14 6.55 23.71
CA SER C 588 -17.31 7.55 24.78
C SER C 588 -16.71 8.89 24.37
N PRO C 589 -17.51 9.85 23.87
CA PRO C 589 -17.00 11.09 23.33
C PRO C 589 -16.89 12.23 24.34
N CYS C 590 -15.90 13.08 24.15
CA CYS C 590 -15.87 14.45 24.71
C CYS C 590 -15.57 15.41 23.57
N ILE C 591 -15.90 16.68 23.80
CA ILE C 591 -15.66 17.81 22.87
C ILE C 591 -14.44 18.62 23.34
N GLU C 592 -13.41 18.70 22.50
CA GLU C 592 -12.31 19.72 22.60
C GLU C 592 -12.81 21.00 21.94
N VAL C 593 -12.82 22.13 22.64
CA VAL C 593 -13.00 23.48 22.03
C VAL C 593 -11.71 24.26 22.21
N ASP C 594 -11.11 24.66 21.09
CA ASP C 594 -9.81 25.38 21.01
C ASP C 594 -10.10 26.79 20.49
N VAL C 595 -9.76 27.82 21.25
CA VAL C 595 -9.78 29.22 20.73
C VAL C 595 -8.39 29.47 20.15
N LEU C 596 -8.32 29.74 18.82
CA LEU C 596 -7.09 29.93 18.02
C LEU C 596 -7.03 31.38 17.51
N GLY C 597 -6.04 32.11 17.95
CA GLY C 597 -5.85 33.52 17.56
C GLY C 597 -4.46 33.98 17.92
N MET C 598 -4.28 35.25 18.26
CA MET C 598 -2.95 35.62 18.78
C MET C 598 -2.79 34.83 20.08
N PRO C 599 -1.56 34.52 20.52
CA PRO C 599 -1.32 33.85 21.79
C PRO C 599 -2.19 34.29 23.00
N LEU C 600 -2.38 35.61 23.18
CA LEU C 600 -3.15 36.20 24.30
C LEU C 600 -4.61 35.73 24.26
N ASP C 601 -5.11 35.47 23.06
CA ASP C 601 -6.52 35.08 22.82
C ASP C 601 -6.62 33.56 22.80
N SER C 602 -5.51 32.82 22.68
CA SER C 602 -5.53 31.34 22.58
C SER C 602 -5.85 30.66 23.92
N CYS C 603 -6.63 29.57 23.87
CA CYS C 603 -6.91 28.68 25.03
C CYS C 603 -7.64 27.40 24.57
N HIS C 604 -7.57 26.32 25.36
CA HIS C 604 -8.17 24.99 25.12
C HIS C 604 -9.22 24.69 26.22
N PHE C 605 -10.36 24.10 25.85
CA PHE C 605 -11.33 23.45 26.76
C PHE C 605 -11.62 22.04 26.27
N ARG C 606 -12.17 21.24 27.15
CA ARG C 606 -12.46 19.82 26.90
C ARG C 606 -13.52 19.42 27.91
N THR C 607 -14.63 18.83 27.47
CA THR C 607 -15.71 18.34 28.35
C THR C 607 -15.27 17.04 29.02
N LYS C 608 -16.07 16.60 29.99
CA LYS C 608 -16.05 15.22 30.52
C LYS C 608 -16.43 14.27 29.39
N PRO C 609 -15.94 13.01 29.38
CA PRO C 609 -16.44 12.01 28.44
C PRO C 609 -17.77 11.40 28.91
N ILE C 610 -18.80 11.40 28.02
CA ILE C 610 -20.10 10.68 28.19
C ILE C 610 -19.85 9.20 27.91
N HIS C 611 -20.26 8.34 28.84
CA HIS C 611 -19.98 6.89 28.81
C HIS C 611 -20.96 6.22 27.83
N ARG C 612 -20.42 5.74 26.71
CA ARG C 612 -21.03 4.79 25.74
C ARG C 612 -22.33 5.40 25.18
N ASN C 613 -22.25 6.57 24.58
CA ASN C 613 -23.39 7.26 23.95
C ASN C 613 -22.77 8.31 23.02
N THR C 614 -22.70 8.03 21.74
CA THR C 614 -22.22 8.97 20.72
C THR C 614 -23.41 9.45 19.88
N LEU C 615 -24.63 9.00 20.24
CA LEU C 615 -25.85 9.22 19.41
C LEU C 615 -26.58 10.45 19.92
N ASN C 616 -26.72 10.59 21.22
CA ASN C 616 -27.33 11.85 21.71
C ASN C 616 -26.75 12.25 23.07
N PRO C 617 -25.41 12.23 23.20
CA PRO C 617 -24.73 12.61 24.43
C PRO C 617 -25.12 14.02 24.83
N MET C 618 -25.27 14.21 26.13
CA MET C 618 -25.51 15.55 26.71
C MET C 618 -24.43 15.89 27.74
N TRP C 619 -23.81 17.06 27.59
CA TRP C 619 -22.68 17.55 28.40
C TRP C 619 -23.13 18.72 29.29
N ASN C 620 -23.87 19.67 28.74
CA ASN C 620 -24.29 20.96 29.35
C ASN C 620 -23.12 21.63 30.12
N GLU C 621 -21.94 21.68 29.50
CA GLU C 621 -20.72 22.29 30.07
C GLU C 621 -20.51 23.66 29.43
N GLN C 622 -20.12 24.63 30.24
CA GLN C 622 -19.90 26.04 29.84
C GLN C 622 -18.43 26.41 29.96
N PHE C 623 -17.87 27.14 28.99
CA PHE C 623 -16.50 27.73 29.09
C PHE C 623 -16.64 29.24 28.91
N LEU C 624 -15.91 30.02 29.72
CA LEU C 624 -15.69 31.48 29.54
C LEU C 624 -14.31 31.71 28.95
N PHE C 625 -14.18 32.72 28.08
CA PHE C 625 -12.89 33.18 27.53
C PHE C 625 -13.05 34.64 27.11
N ARG C 626 -11.98 35.43 27.27
CA ARG C 626 -11.90 36.84 26.81
C ARG C 626 -11.09 36.87 25.51
N VAL C 627 -11.41 37.81 24.63
CA VAL C 627 -10.68 38.02 23.34
C VAL C 627 -10.61 39.52 23.05
N HIS C 628 -9.42 39.95 22.67
CA HIS C 628 -9.07 41.34 22.29
C HIS C 628 -9.24 41.51 20.78
N PHE C 629 -8.62 40.63 20.00
CA PHE C 629 -8.61 40.68 18.51
C PHE C 629 -9.67 39.72 17.94
N GLU C 630 -10.94 40.14 17.92
CA GLU C 630 -12.04 39.30 17.42
C GLU C 630 -11.89 39.00 15.93
N ASP C 631 -11.21 39.86 15.17
CA ASP C 631 -11.17 39.84 13.67
C ASP C 631 -10.45 38.60 13.16
N LEU C 632 -9.74 37.87 14.00
CA LEU C 632 -8.94 36.70 13.57
C LEU C 632 -8.78 35.75 14.75
N VAL C 633 -9.91 35.38 15.34
CA VAL C 633 -10.03 34.23 16.27
C VAL C 633 -10.85 33.19 15.51
N PHE C 634 -10.41 31.94 15.61
CA PHE C 634 -11.08 30.73 15.06
C PHE C 634 -11.51 29.84 16.23
N LEU C 635 -12.77 29.40 16.23
CA LEU C 635 -13.28 28.41 17.20
C LEU C 635 -13.16 27.05 16.54
N ARG C 636 -12.39 26.16 17.10
CA ARG C 636 -12.33 24.76 16.65
C ARG C 636 -13.10 23.87 17.64
N PHE C 637 -14.18 23.24 17.17
CA PHE C 637 -14.87 22.13 17.85
C PHE C 637 -14.34 20.82 17.28
N ALA C 638 -13.76 19.96 18.10
CA ALA C 638 -13.43 18.58 17.70
C ALA C 638 -14.12 17.60 18.64
N VAL C 639 -14.60 16.48 18.08
CA VAL C 639 -15.19 15.37 18.86
C VAL C 639 -14.10 14.33 19.02
N VAL C 640 -13.86 13.90 20.24
CA VAL C 640 -12.72 13.00 20.57
C VAL C 640 -13.27 11.78 21.29
N GLU C 641 -12.98 10.61 20.73
CA GLU C 641 -13.44 9.31 21.25
C GLU C 641 -12.43 8.91 22.32
N ASN C 642 -12.82 9.00 23.59
CA ASN C 642 -11.92 9.01 24.77
C ASN C 642 -11.07 7.75 24.87
N ASN C 643 -11.57 6.58 24.41
CA ASN C 643 -10.83 5.30 24.42
C ASN C 643 -9.62 5.37 23.47
N SER C 644 -9.88 5.41 22.15
CA SER C 644 -8.86 5.51 21.08
C SER C 644 -8.24 6.93 20.98
N SER C 645 -8.82 7.92 21.66
CA SER C 645 -8.41 9.35 21.62
C SER C 645 -8.38 9.86 20.18
N ALA C 646 -9.21 9.27 19.30
CA ALA C 646 -9.31 9.62 17.86
C ALA C 646 -10.36 10.73 17.66
N ILE C 647 -10.12 11.57 16.67
CA ILE C 647 -11.02 12.70 16.30
C ILE C 647 -11.98 12.15 15.24
N THR C 648 -13.27 12.19 15.56
CA THR C 648 -14.34 11.49 14.80
C THR C 648 -15.17 12.51 14.02
N ALA C 649 -15.21 13.77 14.47
CA ALA C 649 -15.87 14.88 13.77
C ALA C 649 -15.20 16.18 14.17
N GLN C 650 -15.32 17.21 13.35
CA GLN C 650 -14.49 18.42 13.48
C GLN C 650 -15.26 19.58 12.87
N ARG C 651 -15.17 20.77 13.42
CA ARG C 651 -15.68 21.98 12.75
C ARG C 651 -14.90 23.21 13.22
N ILE C 652 -14.54 24.08 12.29
CA ILE C 652 -13.88 25.37 12.59
C ILE C 652 -14.78 26.49 12.12
N ILE C 653 -14.97 27.51 12.94
CA ILE C 653 -15.84 28.67 12.61
C ILE C 653 -15.18 29.98 13.05
N PRO C 654 -15.03 31.01 12.17
CA PRO C 654 -14.52 32.30 12.62
C PRO C 654 -15.38 32.80 13.79
N LEU C 655 -14.81 33.39 14.84
CA LEU C 655 -15.59 33.79 16.03
C LEU C 655 -16.69 34.77 15.65
N LYS C 656 -16.39 35.66 14.72
CA LYS C 656 -17.30 36.76 14.33
C LYS C 656 -18.41 36.20 13.46
N ALA C 657 -18.27 34.94 13.00
CA ALA C 657 -19.27 34.19 12.22
C ALA C 657 -20.30 33.51 13.14
N LEU C 658 -19.93 33.18 14.39
CA LEU C 658 -20.78 32.43 15.34
C LEU C 658 -21.98 33.30 15.73
N LYS C 659 -23.21 32.79 15.61
CA LYS C 659 -24.44 33.52 16.01
C LYS C 659 -24.68 33.34 17.52
N ARG C 660 -25.17 34.41 18.14
CA ARG C 660 -25.45 34.44 19.58
C ARG C 660 -26.58 33.44 19.79
N GLY C 661 -26.65 32.76 20.93
CA GLY C 661 -27.86 32.07 21.42
C GLY C 661 -27.83 30.57 21.17
N TYR C 662 -28.97 29.94 21.34
CA TYR C 662 -29.16 28.48 21.09
C TYR C 662 -29.18 28.23 19.58
N ARG C 663 -28.36 27.28 19.14
CA ARG C 663 -27.97 27.07 17.72
C ARG C 663 -27.43 25.65 17.52
N HIS C 664 -27.56 25.15 16.29
CA HIS C 664 -27.02 23.85 15.85
C HIS C 664 -25.73 24.07 15.08
N LEU C 665 -24.72 23.29 15.36
CA LEU C 665 -23.42 23.46 14.69
C LEU C 665 -23.14 22.23 13.83
N GLN C 666 -23.38 22.31 12.54
CA GLN C 666 -23.10 21.18 11.60
C GLN C 666 -21.62 20.80 11.77
N LEU C 667 -21.33 19.57 12.13
CA LEU C 667 -19.95 19.06 12.22
C LEU C 667 -19.57 18.48 10.86
N ARG C 668 -18.30 18.13 10.68
CA ARG C 668 -17.79 17.60 9.40
C ARG C 668 -16.77 16.49 9.65
N ASN C 669 -16.55 15.64 8.64
CA ASN C 669 -15.62 14.49 8.77
C ASN C 669 -14.23 15.09 8.65
N LEU C 670 -13.21 14.24 8.72
CA LEU C 670 -11.80 14.71 8.77
C LEU C 670 -11.33 15.17 7.39
N HIS C 671 -12.17 15.12 6.36
CA HIS C 671 -11.89 15.66 5.02
C HIS C 671 -12.64 16.97 4.80
N ASN C 672 -13.21 17.50 5.87
CA ASN C 672 -13.97 18.77 5.86
C ASN C 672 -15.24 18.67 4.99
N GLU C 673 -15.67 17.42 4.71
CA GLU C 673 -16.96 17.09 4.04
C GLU C 673 -18.08 17.17 5.07
N ILE C 674 -19.26 17.68 4.68
CA ILE C 674 -20.48 17.69 5.56
C ILE C 674 -20.91 16.27 5.94
N LEU C 675 -21.17 16.06 7.24
CA LEU C 675 -21.80 14.85 7.82
C LEU C 675 -23.27 15.21 7.94
N GLU C 676 -24.14 14.62 7.12
CA GLU C 676 -25.51 15.18 6.99
C GLU C 676 -26.25 15.08 8.34
N ILE C 677 -25.89 14.19 9.28
CA ILE C 677 -26.68 14.07 10.54
C ILE C 677 -25.92 14.54 11.78
N SER C 678 -24.60 14.51 11.76
CA SER C 678 -23.80 14.76 12.99
C SER C 678 -23.81 16.26 13.30
N SER C 679 -24.18 16.68 14.51
CA SER C 679 -24.11 18.12 14.91
C SER C 679 -23.88 18.28 16.43
N LEU C 680 -23.58 19.50 16.90
CA LEU C 680 -23.60 19.89 18.35
C LEU C 680 -24.62 21.00 18.56
N PHE C 681 -25.31 20.96 19.70
CA PHE C 681 -26.27 22.02 20.13
C PHE C 681 -25.54 22.89 21.16
N ILE C 682 -25.52 24.22 20.98
CA ILE C 682 -24.66 25.13 21.78
C ILE C 682 -25.42 26.41 22.14
N ASN C 683 -25.04 27.02 23.26
CA ASN C 683 -25.39 28.43 23.59
C ASN C 683 -24.10 29.24 23.50
N SER C 684 -24.19 30.49 23.05
CA SER C 684 -23.09 31.47 23.17
C SER C 684 -23.67 32.82 23.58
N ARG C 685 -22.84 33.60 24.27
CA ARG C 685 -23.16 34.96 24.76
C ARG C 685 -21.89 35.79 24.60
N ARG C 686 -22.02 37.11 24.45
CA ARG C 686 -20.88 38.05 24.31
C ARG C 686 -21.20 39.32 25.09
N MET C 687 -20.21 39.87 25.78
CA MET C 687 -20.36 41.03 26.71
C MET C 687 -19.26 42.06 26.42
N GLU C 688 -19.49 43.30 26.85
CA GLU C 688 -18.59 44.46 26.68
C GLU C 688 -18.89 45.47 27.80
N ASP C 689 -18.03 45.54 28.84
CA ASP C 689 -18.11 46.57 29.93
C ASP C 689 -18.85 47.80 29.39
N ARG C 696 -10.63 51.23 27.46
CA ARG C 696 -11.59 51.30 26.31
C ARG C 696 -11.82 49.91 25.72
N PRO C 697 -12.99 49.65 25.08
CA PRO C 697 -13.29 48.31 24.55
C PRO C 697 -12.40 47.95 23.35
N ALA C 698 -11.92 46.71 23.28
CA ALA C 698 -10.99 46.24 22.24
C ALA C 698 -11.62 46.46 20.86
N SER C 699 -12.88 46.04 20.68
CA SER C 699 -13.55 45.96 19.34
C SER C 699 -13.69 47.37 18.73
N LEU C 700 -13.52 48.43 19.55
CA LEU C 700 -13.57 49.84 19.11
C LEU C 700 -12.14 50.31 18.83
N MET C 701 -11.17 49.84 19.62
CA MET C 701 -9.72 50.11 19.44
C MET C 701 -9.23 49.47 18.15
N PHE C 702 -9.79 48.34 17.71
CA PHE C 702 -9.31 47.61 16.51
C PHE C 702 -10.17 47.94 15.31
N ASN C 703 -11.10 48.89 15.47
CA ASN C 703 -12.13 49.22 14.46
C ASN C 703 -11.71 50.47 13.68
N THR C 704 -12.51 50.84 12.68
CA THR C 704 -12.41 52.11 11.93
C THR C 704 -13.82 52.69 11.88
N GLU C 705 -13.98 53.99 11.72
CA GLU C 705 -15.35 54.60 11.69
C GLU C 705 -15.99 54.23 10.35
N GLU C 706 -15.17 53.90 9.35
CA GLU C 706 -15.64 53.48 8.00
C GLU C 706 -16.24 52.06 8.06
N ARG C 707 -15.63 51.11 8.77
CA ARG C 707 -16.13 49.72 8.84
C ARG C 707 -17.41 49.72 9.69
N LYS C 708 -17.38 50.36 10.87
CA LYS C 708 -18.57 50.57 11.74
C LYS C 708 -19.77 50.96 10.86
N CYS C 709 -19.68 52.07 10.12
CA CYS C 709 -20.83 52.70 9.43
C CYS C 709 -21.26 51.87 8.20
N SER C 710 -20.43 50.91 7.79
CA SER C 710 -20.74 49.96 6.70
C SER C 710 -21.31 48.63 7.25
N GLN C 711 -21.01 48.27 8.50
CA GLN C 711 -21.58 47.04 9.15
C GLN C 711 -23.07 47.24 9.44
N THR C 712 -23.93 46.47 8.76
CA THR C 712 -25.39 46.43 9.02
C THR C 712 -25.64 45.78 10.38
N HIS C 713 -26.53 46.38 11.16
CA HIS C 713 -27.07 45.77 12.41
C HIS C 713 -28.55 46.15 12.49
N LYS C 714 -29.39 45.36 13.16
CA LYS C 714 -30.82 45.70 13.37
C LYS C 714 -31.01 46.12 14.83
N VAL C 715 -31.95 47.02 15.08
CA VAL C 715 -32.39 47.39 16.45
C VAL C 715 -33.92 47.25 16.51
N THR C 716 -34.45 46.76 17.63
CA THR C 716 -35.88 46.78 17.99
C THR C 716 -36.09 47.91 18.99
N VAL C 717 -37.12 48.71 18.77
CA VAL C 717 -37.52 49.89 19.60
C VAL C 717 -39.01 49.77 19.93
N HIS C 718 -39.33 49.72 21.23
CA HIS C 718 -40.72 49.64 21.76
C HIS C 718 -41.30 51.06 21.77
N GLY C 719 -42.62 51.20 21.64
CA GLY C 719 -43.34 52.45 21.91
C GLY C 719 -43.31 53.41 20.74
N VAL C 720 -42.98 52.93 19.53
CA VAL C 720 -43.01 53.74 18.29
C VAL C 720 -44.48 53.97 17.93
N PRO C 721 -44.99 55.22 17.90
CA PRO C 721 -46.41 55.43 17.59
C PRO C 721 -46.74 54.59 16.35
N GLY C 722 -47.78 53.76 16.44
CA GLY C 722 -48.20 52.86 15.36
C GLY C 722 -49.08 51.71 15.85
N PRO C 723 -49.41 50.74 14.97
CA PRO C 723 -50.27 49.62 15.36
C PRO C 723 -49.52 48.74 16.37
N GLU C 724 -48.43 48.14 15.88
CA GLU C 724 -47.58 47.12 16.56
C GLU C 724 -46.99 47.76 17.81
N PRO C 725 -46.69 46.98 18.87
CA PRO C 725 -46.08 47.53 20.09
C PRO C 725 -44.55 47.77 20.01
N PHE C 726 -43.87 47.18 19.04
CA PHE C 726 -42.43 47.38 18.73
C PHE C 726 -42.18 47.30 17.24
N ALA C 727 -41.33 48.19 16.73
CA ALA C 727 -40.91 48.24 15.31
C ALA C 727 -39.43 47.89 15.19
N VAL C 728 -39.00 47.36 14.04
CA VAL C 728 -37.56 47.14 13.73
C VAL C 728 -37.06 48.24 12.78
N PHE C 729 -35.76 48.54 12.88
CA PHE C 729 -35.03 49.50 12.02
C PHE C 729 -33.71 48.86 11.61
N THR C 730 -33.28 49.11 10.37
CA THR C 730 -31.92 48.73 9.90
C THR C 730 -31.02 49.93 10.19
N ILE C 731 -29.86 49.68 10.82
CA ILE C 731 -28.87 50.71 11.25
C ILE C 731 -27.45 50.17 11.00
N ASN C 732 -26.44 50.86 11.52
CA ASN C 732 -25.01 50.41 11.44
C ASN C 732 -24.41 50.53 12.84
N GLU C 733 -23.30 49.84 13.09
CA GLU C 733 -22.60 49.84 14.40
C GLU C 733 -22.13 51.26 14.76
N GLY C 734 -22.24 52.22 13.84
CA GLY C 734 -21.85 53.63 14.04
C GLY C 734 -23.03 54.53 14.33
N THR C 735 -24.24 54.13 13.94
CA THR C 735 -25.49 54.89 14.17
C THR C 735 -25.56 55.32 15.63
N LYS C 736 -26.05 56.53 15.88
CA LYS C 736 -26.14 57.13 17.23
C LYS C 736 -27.60 57.48 17.56
N ALA C 737 -27.95 57.51 18.84
CA ALA C 737 -29.30 57.79 19.37
C ALA C 737 -30.03 58.89 18.56
N LYS C 738 -29.36 60.01 18.29
CA LYS C 738 -30.01 61.18 17.65
C LYS C 738 -30.35 60.83 16.21
N GLN C 739 -29.54 59.98 15.56
CA GLN C 739 -29.72 59.53 14.16
C GLN C 739 -30.89 58.53 14.09
N LEU C 740 -30.95 57.54 14.99
CA LEU C 740 -32.08 56.56 15.08
C LEU C 740 -33.40 57.30 15.29
N LEU C 741 -33.43 58.37 16.09
CA LEU C 741 -34.64 59.18 16.38
C LEU C 741 -35.16 59.80 15.08
N GLN C 742 -34.27 60.39 14.28
CA GLN C 742 -34.61 61.01 12.97
C GLN C 742 -35.15 59.91 12.04
N GLN C 743 -34.53 58.74 12.03
CA GLN C 743 -34.89 57.60 11.12
C GLN C 743 -36.32 57.14 11.43
N ILE C 744 -36.67 56.98 12.71
CA ILE C 744 -38.02 56.54 13.17
C ILE C 744 -39.08 57.51 12.64
N LEU C 745 -38.85 58.81 12.82
CA LEU C 745 -39.81 59.89 12.47
C LEU C 745 -39.75 60.30 10.98
N ALA C 746 -38.75 59.85 10.22
CA ALA C 746 -38.40 60.30 8.85
C ALA C 746 -39.61 60.91 8.14
N ASP C 757 -37.63 67.01 22.73
CA ASP C 757 -39.00 66.67 22.24
C ASP C 757 -39.33 65.21 22.60
N TYR C 758 -38.54 64.30 22.05
CA TYR C 758 -38.56 62.83 22.31
C TYR C 758 -37.10 62.32 22.43
N PHE C 759 -36.91 61.25 23.20
CA PHE C 759 -35.61 60.59 23.46
C PHE C 759 -35.85 59.09 23.61
N LEU C 760 -34.81 58.28 23.38
CA LEU C 760 -34.81 56.81 23.61
C LEU C 760 -34.44 56.55 25.07
N MET C 761 -34.99 55.50 25.66
CA MET C 761 -34.68 55.01 27.04
C MET C 761 -34.14 53.57 26.96
N GLU C 762 -33.04 53.25 27.63
CA GLU C 762 -32.56 51.85 27.83
C GLU C 762 -33.33 51.27 29.04
N GLU C 763 -34.23 50.31 28.83
CA GLU C 763 -35.01 49.61 29.91
C GLU C 763 -34.43 48.23 30.16
N LYS C 764 -34.33 47.81 31.43
CA LYS C 764 -34.07 46.41 31.82
C LYS C 764 -35.24 45.95 32.69
N HIS C 765 -35.91 44.87 32.29
CA HIS C 765 -37.04 44.23 33.00
C HIS C 765 -36.49 42.94 33.60
N PHE C 766 -36.88 42.59 34.84
CA PHE C 766 -36.23 41.54 35.66
C PHE C 766 -37.08 40.27 35.74
N ILE C 767 -36.53 39.23 36.37
CA ILE C 767 -37.27 38.06 36.94
C ILE C 767 -36.87 37.94 38.43
N PRO C 778 -38.15 48.20 37.06
CA PRO C 778 -37.25 48.20 35.90
C PRO C 778 -36.25 49.37 35.86
N PHE C 779 -34.95 49.05 35.77
CA PHE C 779 -33.83 49.96 35.43
C PHE C 779 -34.24 50.81 34.21
N GLN C 780 -34.01 52.12 34.27
CA GLN C 780 -34.29 53.07 33.17
C GLN C 780 -33.15 54.09 33.10
N ARG C 781 -32.48 54.19 31.94
CA ARG C 781 -31.44 55.20 31.66
C ARG C 781 -31.75 55.90 30.35
N ALA C 782 -32.04 57.22 30.39
CA ALA C 782 -32.22 58.07 29.20
C ALA C 782 -30.94 57.94 28.35
N VAL C 783 -31.06 57.93 27.03
CA VAL C 783 -29.92 57.70 26.10
C VAL C 783 -29.47 59.08 25.59
N GLY C 784 -28.15 59.32 25.61
CA GLY C 784 -27.57 60.60 25.18
C GLY C 784 -27.69 60.75 23.67
N PRO C 785 -28.22 61.89 23.16
CA PRO C 785 -28.25 62.16 21.72
C PRO C 785 -27.03 61.66 20.93
N GLU C 786 -25.80 61.72 21.47
CA GLU C 786 -24.56 61.41 20.72
C GLU C 786 -24.09 59.96 20.98
N GLU C 787 -24.90 59.11 21.63
CA GLU C 787 -24.48 57.76 22.09
C GLU C 787 -24.74 56.71 21.00
N ASP C 788 -23.76 55.82 20.80
CA ASP C 788 -23.81 54.68 19.86
C ASP C 788 -24.85 53.64 20.35
N ILE C 789 -25.80 53.24 19.49
CA ILE C 789 -26.96 52.33 19.81
C ILE C 789 -26.44 50.90 19.95
N VAL C 790 -25.76 50.40 18.93
CA VAL C 790 -25.28 48.99 18.89
C VAL C 790 -24.39 48.73 20.10
N GLN C 791 -23.70 49.76 20.61
CA GLN C 791 -22.80 49.62 21.79
C GLN C 791 -23.67 49.29 23.02
N ILE C 792 -24.87 49.87 23.10
CA ILE C 792 -25.88 49.60 24.18
C ILE C 792 -26.35 48.12 24.08
N LEU C 793 -26.71 47.65 22.88
CA LEU C 793 -27.22 46.24 22.68
C LEU C 793 -26.12 45.24 23.07
N ASN C 794 -24.85 45.61 22.96
CA ASN C 794 -23.68 44.71 23.20
C ASN C 794 -23.23 44.77 24.67
N SER C 795 -23.77 45.73 25.41
CA SER C 795 -23.51 45.88 26.87
C SER C 795 -24.37 44.83 27.61
N TRP C 796 -25.58 44.54 27.12
CA TRP C 796 -26.51 43.52 27.67
C TRP C 796 -25.83 42.15 27.71
N PHE C 797 -26.10 41.36 28.74
CA PHE C 797 -25.68 39.93 28.86
C PHE C 797 -26.94 39.17 29.25
N PRO C 798 -27.32 38.12 28.50
CA PRO C 798 -28.52 37.35 28.86
C PRO C 798 -28.25 36.38 30.02
N GLU C 799 -29.32 35.75 30.53
CA GLU C 799 -29.28 34.75 31.63
C GLU C 799 -28.57 35.32 32.84
N GLU C 800 -28.85 36.58 33.15
CA GLU C 800 -28.48 37.23 34.44
C GLU C 800 -29.66 38.13 34.88
N GLY C 801 -30.88 37.61 34.73
CA GLY C 801 -32.06 38.08 35.48
C GLY C 801 -32.73 39.29 34.85
N TYR C 802 -32.30 39.74 33.67
CA TYR C 802 -32.95 40.89 32.98
C TYR C 802 -33.07 40.62 31.48
N VAL C 803 -34.05 41.26 30.83
CA VAL C 803 -34.12 41.39 29.35
C VAL C 803 -34.09 42.88 29.00
N GLY C 804 -33.23 43.24 28.06
CA GLY C 804 -33.05 44.62 27.57
C GLY C 804 -34.06 44.98 26.50
N ARG C 805 -34.53 46.22 26.57
CA ARG C 805 -35.28 46.90 25.47
C ARG C 805 -34.71 48.30 25.24
N ILE C 806 -34.98 48.86 24.05
CA ILE C 806 -34.81 50.32 23.76
C ILE C 806 -36.22 50.92 23.54
N VAL C 807 -36.59 51.99 24.25
CA VAL C 807 -37.99 52.50 24.34
C VAL C 807 -38.04 53.97 23.94
N LEU C 808 -39.08 54.36 23.21
CA LEU C 808 -39.34 55.77 22.84
C LEU C 808 -40.24 56.39 23.92
N LYS C 809 -39.88 57.57 24.41
CA LYS C 809 -40.59 58.26 25.53
C LYS C 809 -40.78 59.73 25.18
N PRO C 810 -41.92 60.34 25.57
CA PRO C 810 -42.11 61.78 25.44
C PRO C 810 -41.35 62.54 26.54
N PHE D 23 -31.70 51.84 -15.25
CA PHE D 23 -31.11 50.70 -16.02
C PHE D 23 -31.20 49.42 -15.17
N GLY D 24 -32.36 49.18 -14.57
CA GLY D 24 -32.66 47.98 -13.75
C GLY D 24 -34.13 47.60 -13.74
N VAL D 25 -34.50 46.67 -12.88
CA VAL D 25 -35.86 46.06 -12.79
C VAL D 25 -36.57 46.63 -11.55
N GLY D 26 -37.75 47.26 -11.71
CA GLY D 26 -38.58 47.84 -10.63
C GLY D 26 -39.12 46.77 -9.69
N ILE D 27 -39.86 47.17 -8.64
CA ILE D 27 -40.45 46.18 -7.68
C ILE D 27 -41.68 45.54 -8.35
N LEU D 28 -42.58 46.37 -8.91
CA LEU D 28 -43.80 45.99 -9.69
C LEU D 28 -43.45 44.88 -10.68
N GLN D 29 -42.31 45.02 -11.35
CA GLN D 29 -41.89 44.20 -12.51
C GLN D 29 -41.12 42.97 -12.00
N LEU D 30 -40.46 43.07 -10.84
CA LEU D 30 -39.74 41.93 -10.23
C LEU D 30 -40.77 40.99 -9.59
N ASN D 31 -41.90 41.55 -9.12
CA ASN D 31 -43.02 40.78 -8.54
C ASN D 31 -43.73 39.97 -9.64
N ASP D 32 -44.00 40.59 -10.78
CA ASP D 32 -44.62 39.90 -11.95
C ASP D 32 -43.72 38.72 -12.34
N PHE D 33 -42.42 38.92 -12.41
CA PHE D 33 -41.48 37.84 -12.78
C PHE D 33 -41.54 36.73 -11.73
N LEU D 34 -41.68 37.05 -10.45
CA LEU D 34 -41.54 36.04 -9.35
C LEU D 34 -42.82 35.19 -9.25
N VAL D 35 -43.97 35.86 -9.26
CA VAL D 35 -45.33 35.26 -9.36
C VAL D 35 -45.36 34.33 -10.58
N ASN D 36 -45.07 34.85 -11.76
CA ASN D 36 -45.31 34.13 -13.04
C ASN D 36 -44.26 33.06 -13.31
N CYS D 37 -42.97 33.29 -13.11
CA CYS D 37 -41.91 32.31 -13.47
C CYS D 37 -41.59 31.39 -12.30
N GLN D 38 -41.53 31.98 -11.11
CA GLN D 38 -40.89 31.35 -9.92
C GLN D 38 -42.01 30.86 -9.02
N GLY D 39 -43.22 31.34 -9.26
CA GLY D 39 -44.39 30.97 -8.46
C GLY D 39 -44.11 31.21 -7.00
N GLU D 40 -43.59 32.40 -6.68
CA GLU D 40 -43.26 32.84 -5.31
C GLU D 40 -43.96 34.18 -5.12
N HIS D 41 -44.85 34.23 -4.15
CA HIS D 41 -45.66 35.42 -3.80
C HIS D 41 -44.98 36.10 -2.62
N CYS D 42 -44.16 37.11 -2.90
CA CYS D 42 -43.41 37.93 -1.92
C CYS D 42 -44.15 39.24 -1.71
N THR D 43 -43.99 39.79 -0.51
CA THR D 43 -44.57 41.09 -0.07
C THR D 43 -43.67 42.20 -0.60
N TYR D 44 -44.17 43.42 -0.68
CA TYR D 44 -43.36 44.60 -1.10
C TYR D 44 -42.04 44.61 -0.33
N ASP D 45 -42.06 44.33 0.98
CA ASP D 45 -40.91 44.28 1.94
C ASP D 45 -39.85 43.25 1.53
N GLU D 46 -40.28 42.00 1.35
CA GLU D 46 -39.37 40.84 1.06
C GLU D 46 -38.63 41.08 -0.26
N ILE D 47 -39.23 41.83 -1.20
CA ILE D 47 -38.68 42.12 -2.57
C ILE D 47 -37.66 43.26 -2.46
N LEU D 48 -38.01 44.35 -1.76
CA LEU D 48 -37.06 45.45 -1.40
C LEU D 48 -35.85 44.83 -0.71
N SER D 49 -36.02 43.74 0.05
CA SER D 49 -34.95 42.96 0.72
C SER D 49 -34.06 42.23 -0.31
N ILE D 50 -34.64 41.53 -1.27
CA ILE D 50 -33.90 40.81 -2.36
C ILE D 50 -33.02 41.81 -3.13
N ILE D 51 -33.50 43.04 -3.36
CA ILE D 51 -32.75 44.10 -4.10
C ILE D 51 -31.54 44.51 -3.25
N GLN D 52 -31.82 44.90 -2.00
CA GLN D 52 -30.81 45.27 -0.96
C GLN D 52 -29.74 44.18 -0.86
N LYS D 53 -30.10 42.91 -1.04
CA LYS D 53 -29.17 41.77 -0.84
C LYS D 53 -28.37 41.47 -2.11
N PHE D 54 -28.75 41.97 -3.28
CA PHE D 54 -28.14 41.52 -4.57
C PHE D 54 -27.69 42.70 -5.43
N GLU D 55 -28.13 43.92 -5.12
CA GLU D 55 -27.68 45.16 -5.81
C GLU D 55 -26.58 45.85 -4.99
N PRO D 56 -25.28 45.75 -5.39
CA PRO D 56 -24.18 46.42 -4.70
C PRO D 56 -24.29 47.95 -4.74
N ASN D 57 -24.60 48.48 -5.93
CA ASN D 57 -24.75 49.94 -6.21
C ASN D 57 -25.88 50.51 -5.35
N ILE D 58 -25.57 51.40 -4.40
CA ILE D 58 -26.51 51.85 -3.32
C ILE D 58 -27.57 52.81 -3.88
N SER D 59 -27.28 53.62 -4.91
CA SER D 59 -28.21 54.67 -5.43
C SER D 59 -29.33 53.99 -6.25
N MET D 60 -29.01 52.87 -6.92
CA MET D 60 -29.99 51.91 -7.50
C MET D 60 -30.87 51.37 -6.36
N CYS D 61 -30.25 50.76 -5.34
CA CYS D 61 -30.90 50.23 -4.12
C CYS D 61 -31.87 51.26 -3.50
N HIS D 62 -31.49 52.53 -3.48
CA HIS D 62 -32.24 53.66 -2.84
C HIS D 62 -33.44 54.07 -3.72
N GLN D 63 -33.52 53.56 -4.94
CA GLN D 63 -34.59 53.87 -5.94
C GLN D 63 -35.44 52.60 -6.21
N GLY D 64 -35.13 51.48 -5.55
CA GLY D 64 -35.87 50.20 -5.65
C GLY D 64 -35.70 49.53 -7.01
N LEU D 65 -34.47 49.50 -7.53
CA LEU D 65 -34.12 48.90 -8.85
C LEU D 65 -33.01 47.86 -8.64
N LEU D 66 -33.25 46.62 -9.04
CA LEU D 66 -32.21 45.58 -9.18
C LEU D 66 -31.62 45.69 -10.58
N SER D 67 -30.30 45.80 -10.67
CA SER D 67 -29.56 45.89 -11.95
C SER D 67 -29.70 44.56 -12.67
N PHE D 68 -29.46 44.54 -13.98
CA PHE D 68 -29.48 43.33 -14.86
C PHE D 68 -28.45 42.31 -14.37
N GLU D 69 -27.25 42.76 -13.98
CA GLU D 69 -26.15 41.93 -13.43
C GLU D 69 -26.64 41.26 -12.14
N GLY D 70 -27.44 42.01 -11.38
CA GLY D 70 -27.90 41.62 -10.03
C GLY D 70 -29.06 40.64 -10.07
N PHE D 71 -29.99 40.86 -10.99
CA PHE D 71 -31.07 39.90 -11.38
C PHE D 71 -30.46 38.54 -11.73
N ALA D 72 -29.38 38.51 -12.51
CA ALA D 72 -28.69 37.25 -12.87
C ALA D 72 -28.05 36.63 -11.62
N ARG D 73 -27.56 37.46 -10.70
CA ARG D 73 -26.81 36.99 -9.49
C ARG D 73 -27.85 36.34 -8.56
N PHE D 74 -29.02 36.97 -8.45
CA PHE D 74 -30.18 36.55 -7.61
C PHE D 74 -30.60 35.10 -7.94
N LEU D 75 -30.65 34.72 -9.23
CA LEU D 75 -31.17 33.41 -9.69
C LEU D 75 -30.04 32.38 -9.78
N MET D 76 -28.80 32.81 -10.08
CA MET D 76 -27.65 31.87 -10.19
C MET D 76 -27.21 31.48 -8.76
N ASP D 77 -27.58 32.29 -7.76
CA ASP D 77 -27.24 32.10 -6.32
C ASP D 77 -27.42 30.64 -5.91
N LYS D 78 -26.50 30.11 -5.09
CA LYS D 78 -26.52 28.71 -4.57
C LYS D 78 -27.72 28.48 -3.63
N ASP D 79 -28.37 29.54 -3.14
CA ASP D 79 -29.52 29.45 -2.21
C ASP D 79 -30.83 29.59 -2.98
N ASN D 80 -30.82 29.29 -4.27
CA ASN D 80 -32.04 29.23 -5.12
C ASN D 80 -32.33 27.77 -5.46
N PHE D 81 -32.50 26.91 -4.46
CA PHE D 81 -32.56 25.42 -4.57
C PHE D 81 -33.85 25.00 -5.32
N ALA D 82 -33.83 23.78 -5.88
CA ALA D 82 -34.92 23.29 -6.74
C ALA D 82 -36.02 22.63 -5.89
N SER D 83 -35.62 21.77 -4.93
CA SER D 83 -36.53 20.90 -4.12
C SER D 83 -37.25 21.76 -3.08
N LYS D 84 -38.53 21.55 -2.85
CA LYS D 84 -39.29 22.06 -1.67
C LYS D 84 -38.99 21.20 -0.46
N ASN D 85 -38.48 19.98 -0.66
CA ASN D 85 -38.23 18.95 0.39
C ASN D 85 -36.96 19.33 1.18
N ASP D 86 -36.10 20.21 0.62
CA ASP D 86 -34.98 20.83 1.40
C ASP D 86 -35.55 21.33 2.73
N GLU D 87 -36.75 21.97 2.68
CA GLU D 87 -37.32 22.77 3.79
C GLU D 87 -38.59 22.10 4.34
N SER D 88 -38.73 20.77 4.20
CA SER D 88 -40.01 20.09 4.56
C SER D 88 -39.87 19.57 5.97
N ARG D 89 -40.99 19.51 6.71
CA ARG D 89 -41.07 18.96 8.09
C ARG D 89 -42.38 18.18 8.34
N GLU D 90 -42.32 17.22 9.27
CA GLU D 90 -43.47 16.38 9.74
C GLU D 90 -44.70 17.26 9.85
N ASN D 91 -45.81 16.78 9.31
CA ASN D 91 -47.15 17.40 9.47
C ASN D 91 -47.93 16.50 10.41
N LYS D 92 -48.48 17.05 11.50
CA LYS D 92 -49.08 16.19 12.53
C LYS D 92 -50.36 15.56 11.96
N LYS D 93 -51.20 16.34 11.28
CA LYS D 93 -52.48 15.90 10.65
C LYS D 93 -52.21 14.78 9.63
N ASP D 94 -51.24 14.97 8.72
CA ASP D 94 -50.86 13.95 7.70
C ASP D 94 -50.44 12.63 8.36
N LEU D 95 -50.23 12.59 9.68
CA LEU D 95 -49.75 11.37 10.37
C LEU D 95 -50.87 10.78 11.23
N GLN D 96 -52.11 11.18 10.98
CA GLN D 96 -53.26 10.86 11.85
C GLN D 96 -54.23 9.87 11.17
N LEU D 97 -53.82 9.19 10.11
CA LEU D 97 -54.68 8.17 9.42
C LEU D 97 -54.07 6.80 9.68
N PRO D 98 -54.81 5.71 9.40
CA PRO D 98 -54.29 4.36 9.58
C PRO D 98 -52.92 4.07 8.98
N LEU D 99 -52.19 3.15 9.63
CA LEU D 99 -50.78 2.79 9.36
C LEU D 99 -50.63 2.32 7.91
N SER D 100 -51.69 1.82 7.30
CA SER D 100 -51.67 1.12 5.98
C SER D 100 -51.80 2.11 4.81
N TYR D 101 -52.16 3.35 5.11
CA TYR D 101 -52.31 4.47 4.14
C TYR D 101 -50.95 5.17 3.85
N TYR D 102 -49.82 4.59 4.24
CA TYR D 102 -48.48 5.25 4.27
C TYR D 102 -47.48 4.37 3.55
N TYR D 103 -46.56 4.98 2.81
CA TYR D 103 -45.33 4.27 2.47
C TYR D 103 -44.48 4.40 3.73
N ILE D 104 -43.67 3.39 4.00
CA ILE D 104 -42.92 3.22 5.27
C ILE D 104 -41.55 2.71 4.83
N GLU D 105 -40.52 3.52 5.08
CA GLU D 105 -39.14 3.31 4.57
C GLU D 105 -38.66 2.01 5.22
N SER D 106 -38.07 1.09 4.46
CA SER D 106 -37.86 -0.30 4.91
C SER D 106 -36.49 -0.83 4.47
N SER D 107 -35.84 -1.59 5.34
CA SER D 107 -34.53 -2.25 5.10
C SER D 107 -34.69 -3.77 4.97
N HIS D 108 -34.10 -4.35 3.92
CA HIS D 108 -33.89 -5.81 3.75
C HIS D 108 -32.53 -6.25 4.29
N ASN D 109 -32.57 -7.29 5.15
CA ASN D 109 -31.41 -7.98 5.79
C ASN D 109 -30.41 -6.92 6.28
N THR D 110 -30.88 -6.10 7.21
CA THR D 110 -30.21 -4.86 7.67
C THR D 110 -28.79 -5.17 8.16
N TYR D 111 -28.59 -6.36 8.71
CA TYR D 111 -27.32 -6.80 9.34
C TYR D 111 -26.20 -6.98 8.32
N LEU D 112 -26.50 -6.95 7.03
CA LEU D 112 -25.49 -7.27 5.99
C LEU D 112 -24.88 -5.98 5.44
N THR D 113 -23.55 -6.02 5.28
CA THR D 113 -22.70 -4.89 4.82
C THR D 113 -22.56 -4.95 3.30
N GLY D 114 -22.41 -6.13 2.72
CA GLY D 114 -22.24 -6.29 1.26
C GLY D 114 -23.01 -7.50 0.73
N HIS D 115 -22.27 -8.53 0.30
CA HIS D 115 -22.79 -9.70 -0.46
C HIS D 115 -23.75 -10.45 0.45
N GLN D 116 -24.69 -11.16 -0.15
CA GLN D 116 -25.83 -11.80 0.54
C GLN D 116 -25.34 -13.12 1.16
N LEU D 117 -24.30 -13.74 0.60
CA LEU D 117 -23.81 -15.10 0.95
C LEU D 117 -22.38 -15.07 1.53
N LYS D 118 -21.70 -13.93 1.46
CA LYS D 118 -20.28 -13.76 1.86
C LYS D 118 -20.15 -12.46 2.63
N GLY D 119 -19.06 -12.31 3.38
CA GLY D 119 -18.71 -11.02 3.99
C GLY D 119 -19.39 -10.84 5.34
N GLU D 120 -19.21 -9.67 5.94
CA GLU D 120 -19.39 -9.43 7.39
C GLU D 120 -20.86 -9.02 7.62
N SER D 121 -21.43 -9.45 8.77
CA SER D 121 -22.63 -8.84 9.37
C SER D 121 -22.16 -7.80 10.38
N SER D 122 -22.89 -6.72 10.57
CA SER D 122 -22.49 -5.60 11.47
C SER D 122 -23.71 -5.17 12.27
N VAL D 123 -23.51 -4.96 13.57
CA VAL D 123 -24.55 -4.46 14.50
C VAL D 123 -24.81 -2.99 14.19
N GLU D 124 -23.75 -2.24 13.91
CA GLU D 124 -23.80 -0.77 13.70
C GLU D 124 -24.74 -0.45 12.55
N LEU D 125 -24.80 -1.31 11.55
CA LEU D 125 -25.69 -1.09 10.38
C LEU D 125 -27.13 -0.82 10.79
N TYR D 126 -27.60 -1.42 11.88
CA TYR D 126 -28.95 -1.14 12.44
C TYR D 126 -29.01 0.31 12.91
N SER D 127 -27.99 0.75 13.68
CA SER D 127 -27.82 2.17 14.11
C SER D 127 -27.83 3.08 12.87
N GLN D 128 -27.02 2.82 11.86
CA GLN D 128 -26.90 3.79 10.72
C GLN D 128 -28.25 3.92 10.01
N VAL D 129 -28.84 2.78 9.67
CA VAL D 129 -30.11 2.71 8.90
C VAL D 129 -31.19 3.47 9.65
N LEU D 130 -31.29 3.28 10.97
CA LEU D 130 -32.41 3.84 11.77
C LEU D 130 -32.21 5.35 11.94
N LEU D 131 -30.98 5.76 12.18
CA LEU D 131 -30.58 7.20 12.23
C LEU D 131 -30.98 7.91 10.94
N GLN D 132 -30.73 7.29 9.79
CA GLN D 132 -31.11 7.81 8.43
C GLN D 132 -32.63 8.12 8.34
N GLY D 133 -33.49 7.42 9.06
CA GLY D 133 -34.95 7.69 9.07
C GLY D 133 -35.77 6.45 8.71
N CYS D 134 -35.08 5.38 8.32
CA CYS D 134 -35.67 4.03 8.08
C CYS D 134 -36.53 3.68 9.28
N ARG D 135 -37.69 3.01 9.05
CA ARG D 135 -38.64 2.63 10.13
C ARG D 135 -38.88 1.12 10.18
N SER D 136 -38.56 0.36 9.15
CA SER D 136 -38.65 -1.12 9.19
C SER D 136 -37.25 -1.69 9.02
N ILE D 137 -36.89 -2.64 9.87
CA ILE D 137 -35.61 -3.38 9.78
C ILE D 137 -35.91 -4.88 9.92
N GLU D 138 -34.92 -5.76 9.66
CA GLU D 138 -35.09 -7.23 9.57
C GLU D 138 -34.03 -7.91 10.46
N LEU D 139 -34.46 -8.71 11.44
CA LEU D 139 -33.58 -9.67 12.16
C LEU D 139 -33.83 -11.06 11.58
N ASP D 140 -32.76 -11.80 11.29
CA ASP D 140 -32.78 -13.23 10.86
C ASP D 140 -32.18 -14.06 11.99
N CYS D 141 -32.99 -14.52 12.95
CA CYS D 141 -32.51 -15.06 14.26
C CYS D 141 -32.32 -16.57 14.18
N TRP D 142 -31.16 -17.07 14.61
CA TRP D 142 -30.74 -18.49 14.59
C TRP D 142 -30.21 -18.90 15.97
N ASP D 143 -30.00 -20.20 16.17
CA ASP D 143 -29.49 -20.74 17.45
C ASP D 143 -27.98 -20.49 17.55
N GLY D 144 -27.54 -19.99 18.70
CA GLY D 144 -26.11 -19.90 19.09
C GLY D 144 -25.74 -21.06 19.99
N ASP D 145 -24.47 -21.47 19.97
CA ASP D 145 -23.92 -22.69 20.63
C ASP D 145 -24.10 -22.64 22.17
N ASP D 146 -24.46 -21.48 22.72
CA ASP D 146 -24.40 -21.14 24.17
C ASP D 146 -25.78 -20.70 24.66
N GLY D 147 -26.84 -21.10 23.97
CA GLY D 147 -28.24 -20.82 24.36
C GLY D 147 -28.62 -19.36 24.19
N MET D 148 -27.88 -18.59 23.39
CA MET D 148 -28.21 -17.18 23.06
C MET D 148 -28.40 -17.04 21.55
N PRO D 149 -29.51 -16.41 21.12
CA PRO D 149 -29.77 -16.27 19.70
C PRO D 149 -28.73 -15.34 19.04
N ILE D 150 -28.36 -15.67 17.80
CA ILE D 150 -27.36 -14.94 16.96
C ILE D 150 -28.05 -14.54 15.65
N ILE D 151 -27.56 -13.52 14.96
CA ILE D 151 -28.11 -13.02 13.66
C ILE D 151 -27.06 -13.26 12.57
N TYR D 152 -27.45 -13.88 11.46
CA TYR D 152 -26.61 -14.10 10.26
C TYR D 152 -27.48 -14.68 9.16
N HIS D 153 -26.99 -14.67 7.91
CA HIS D 153 -27.75 -15.25 6.77
C HIS D 153 -27.60 -16.77 6.77
N GLY D 154 -28.71 -17.50 6.97
CA GLY D 154 -28.73 -18.94 7.25
C GLY D 154 -27.89 -19.75 6.24
N HIS D 155 -27.12 -20.71 6.74
CA HIS D 155 -26.36 -21.75 5.98
C HIS D 155 -25.44 -21.10 4.93
N THR D 156 -24.73 -20.03 5.29
CA THR D 156 -23.78 -19.29 4.41
C THR D 156 -22.51 -18.90 5.17
N LEU D 157 -21.54 -18.30 4.48
CA LEU D 157 -20.27 -17.82 5.07
C LEU D 157 -20.37 -16.36 5.53
N THR D 158 -21.56 -15.83 5.81
CA THR D 158 -21.72 -14.53 6.52
C THR D 158 -21.24 -14.72 7.97
N THR D 159 -20.65 -13.70 8.59
CA THR D 159 -20.23 -13.74 10.02
C THR D 159 -21.49 -13.58 10.87
N LYS D 160 -21.49 -14.14 12.09
CA LYS D 160 -22.65 -14.07 13.02
C LYS D 160 -22.47 -12.92 14.00
N ILE D 161 -23.52 -12.18 14.32
CA ILE D 161 -23.54 -11.12 15.38
C ILE D 161 -24.54 -11.52 16.47
N PRO D 162 -24.28 -11.18 17.76
CA PRO D 162 -25.18 -11.59 18.85
C PRO D 162 -26.53 -10.87 18.78
N PHE D 163 -27.62 -11.58 19.03
CA PHE D 163 -29.00 -11.06 18.95
C PHE D 163 -29.17 -9.90 19.92
N LYS D 164 -28.70 -10.07 21.16
CA LYS D 164 -28.82 -9.04 22.22
C LYS D 164 -28.17 -7.72 21.76
N GLU D 165 -26.95 -7.78 21.26
CA GLU D 165 -26.20 -6.55 20.85
C GLU D 165 -27.06 -5.78 19.82
N VAL D 166 -27.72 -6.48 18.91
CA VAL D 166 -28.55 -5.85 17.83
C VAL D 166 -29.75 -5.13 18.42
N VAL D 167 -30.41 -5.75 19.37
CA VAL D 167 -31.65 -5.19 19.99
C VAL D 167 -31.24 -3.91 20.75
N GLU D 168 -30.08 -3.91 21.41
CA GLU D 168 -29.60 -2.71 22.15
C GLU D 168 -29.35 -1.59 21.14
N ALA D 169 -28.70 -1.91 20.03
CA ALA D 169 -28.42 -0.94 18.96
C ALA D 169 -29.74 -0.30 18.48
N ILE D 170 -30.80 -1.10 18.30
CA ILE D 170 -32.12 -0.60 17.83
C ILE D 170 -32.72 0.34 18.89
N ASP D 171 -32.79 -0.08 20.16
CA ASP D 171 -33.27 0.75 21.32
C ASP D 171 -32.62 2.14 21.33
N ARG D 172 -31.30 2.24 21.17
CA ARG D 172 -30.59 3.54 21.38
C ARG D 172 -30.98 4.49 20.24
N SER D 173 -31.09 3.96 19.03
CA SER D 173 -31.04 4.73 17.77
C SER D 173 -32.40 4.83 17.06
N ALA D 174 -33.37 4.03 17.48
CA ALA D 174 -34.72 3.98 16.88
C ALA D 174 -35.33 5.38 16.78
N PHE D 175 -35.20 6.21 17.82
CA PHE D 175 -36.01 7.45 17.94
C PHE D 175 -35.17 8.73 18.02
N ILE D 176 -33.86 8.64 17.69
CA ILE D 176 -32.94 9.81 17.66
C ILE D 176 -33.39 10.79 16.56
N THR D 177 -33.56 10.32 15.33
CA THR D 177 -33.89 11.14 14.12
C THR D 177 -35.40 11.39 13.98
N SER D 178 -36.24 10.40 14.32
CA SER D 178 -37.71 10.43 14.11
C SER D 178 -38.37 9.65 15.26
N ASP D 179 -39.44 10.16 15.87
CA ASP D 179 -40.11 9.47 16.99
C ASP D 179 -41.34 8.69 16.46
N LEU D 180 -41.34 8.33 15.19
CA LEU D 180 -42.45 7.57 14.55
C LEU D 180 -42.10 6.09 14.61
N PRO D 181 -43.12 5.22 14.70
CA PRO D 181 -42.92 3.86 15.17
C PRO D 181 -42.08 3.08 14.20
N ILE D 182 -41.25 2.18 14.71
CA ILE D 182 -40.52 1.18 13.87
C ILE D 182 -41.29 -0.15 13.89
N ILE D 183 -41.11 -0.93 12.83
CA ILE D 183 -41.59 -2.32 12.68
C ILE D 183 -40.37 -3.23 12.47
N ILE D 184 -40.08 -4.05 13.46
CA ILE D 184 -39.01 -5.09 13.40
C ILE D 184 -39.56 -6.33 12.71
N SER D 185 -38.98 -6.71 11.58
CA SER D 185 -39.34 -7.91 10.79
C SER D 185 -38.46 -9.08 11.26
N ILE D 186 -39.06 -10.00 12.03
CA ILE D 186 -38.30 -11.15 12.58
C ILE D 186 -38.43 -12.31 11.61
N GLU D 187 -37.33 -12.87 11.14
CA GLU D 187 -37.27 -14.09 10.33
C GLU D 187 -36.84 -15.17 11.32
N ASN D 188 -37.80 -15.87 11.90
CA ASN D 188 -37.56 -16.67 13.12
C ASN D 188 -37.08 -18.06 12.71
N HIS D 189 -35.81 -18.41 13.00
CA HIS D 189 -35.21 -19.75 12.75
C HIS D 189 -34.63 -20.36 14.04
N CYS D 190 -35.10 -19.94 15.21
CA CYS D 190 -34.59 -20.45 16.53
C CYS D 190 -35.47 -21.62 17.00
N SER D 191 -34.91 -22.50 17.83
CA SER D 191 -35.66 -23.39 18.75
C SER D 191 -36.63 -22.57 19.61
N LEU D 192 -37.51 -23.27 20.34
CA LEU D 192 -38.38 -22.69 21.38
C LEU D 192 -37.54 -22.17 22.56
N PRO D 193 -36.50 -22.89 23.05
CA PRO D 193 -35.65 -22.36 24.12
C PRO D 193 -35.14 -20.93 23.86
N GLN D 194 -34.55 -20.72 22.68
CA GLN D 194 -33.91 -19.46 22.28
C GLN D 194 -34.94 -18.45 21.78
N GLN D 195 -36.14 -18.90 21.38
CA GLN D 195 -37.26 -17.99 21.02
C GLN D 195 -37.79 -17.32 22.29
N ARG D 196 -37.63 -17.96 23.46
CA ARG D 196 -38.01 -17.39 24.76
C ARG D 196 -36.94 -16.34 25.18
N LYS D 197 -35.65 -16.67 25.06
CA LYS D 197 -34.52 -15.70 25.17
C LYS D 197 -34.85 -14.45 24.37
N MET D 198 -35.17 -14.63 23.10
CA MET D 198 -35.52 -13.51 22.20
C MET D 198 -36.58 -12.64 22.87
N ALA D 199 -37.55 -13.27 23.52
CA ALA D 199 -38.74 -12.54 24.02
C ALA D 199 -38.37 -11.79 25.31
N GLU D 200 -37.58 -12.42 26.19
CA GLU D 200 -37.04 -11.77 27.43
C GLU D 200 -36.31 -10.50 27.02
N ILE D 201 -35.43 -10.62 26.03
CA ILE D 201 -34.50 -9.56 25.59
C ILE D 201 -35.30 -8.43 24.95
N PHE D 202 -36.32 -8.72 24.17
CA PHE D 202 -37.19 -7.68 23.57
C PHE D 202 -37.84 -6.87 24.71
N LYS D 203 -38.41 -7.54 25.72
CA LYS D 203 -39.08 -6.87 26.87
C LYS D 203 -38.07 -6.11 27.74
N SER D 204 -36.96 -6.74 28.15
CA SER D 204 -35.99 -6.11 29.10
C SER D 204 -35.31 -4.91 28.46
N VAL D 205 -35.10 -4.91 27.14
CA VAL D 205 -34.34 -3.83 26.44
C VAL D 205 -35.28 -2.69 26.04
N PHE D 206 -36.40 -2.98 25.36
CA PHE D 206 -37.27 -1.92 24.82
C PHE D 206 -38.17 -1.34 25.92
N GLY D 207 -38.45 -2.13 26.97
CA GLY D 207 -39.38 -1.74 28.04
C GLY D 207 -40.69 -1.19 27.50
N GLU D 208 -41.10 0.00 27.95
CA GLU D 208 -42.45 0.58 27.78
C GLU D 208 -42.67 1.04 26.31
N LYS D 209 -41.61 1.05 25.50
CA LYS D 209 -41.67 1.42 24.06
C LYS D 209 -42.25 0.24 23.25
N LEU D 210 -42.03 -1.01 23.71
CA LEU D 210 -42.48 -2.23 22.97
C LEU D 210 -43.99 -2.41 23.14
N VAL D 211 -44.72 -2.42 22.04
CA VAL D 211 -46.19 -2.73 22.01
C VAL D 211 -46.35 -4.21 22.32
N ALA D 212 -46.90 -4.52 23.50
CA ALA D 212 -47.11 -5.90 24.02
C ALA D 212 -48.62 -6.18 24.23
N LYS D 213 -49.49 -5.28 23.78
CA LYS D 213 -50.96 -5.34 23.95
C LYS D 213 -51.63 -4.34 22.98
N PHE D 214 -52.91 -4.52 22.65
CA PHE D 214 -53.68 -3.52 21.88
C PHE D 214 -53.79 -2.27 22.74
N LEU D 215 -53.50 -1.09 22.22
CA LEU D 215 -53.32 0.15 23.01
C LEU D 215 -54.53 1.09 22.88
N PHE D 216 -55.42 0.92 21.89
CA PHE D 216 -56.36 2.01 21.48
C PHE D 216 -57.81 1.55 21.48
N GLU D 217 -58.69 2.52 21.74
CA GLU D 217 -60.16 2.38 21.89
C GLU D 217 -60.69 1.87 20.53
N THR D 218 -60.08 2.33 19.45
CA THR D 218 -60.45 2.05 18.04
C THR D 218 -60.13 0.60 17.66
N ASP D 219 -59.34 -0.13 18.46
CA ASP D 219 -58.88 -1.51 18.12
C ASP D 219 -59.95 -2.57 18.48
N PHE D 220 -60.88 -2.20 19.36
CA PHE D 220 -61.90 -3.11 19.93
C PHE D 220 -63.27 -2.72 19.34
N SER D 221 -63.33 -2.38 18.04
CA SER D 221 -64.51 -1.76 17.37
C SER D 221 -65.02 -2.61 16.19
N ASP D 222 -66.06 -2.12 15.50
CA ASP D 222 -66.54 -2.53 14.14
C ASP D 222 -65.37 -2.72 13.17
N PRO D 224 -62.46 -2.63 12.56
CA PRO D 224 -61.21 -2.06 13.08
C PRO D 224 -60.16 -1.86 11.99
N MET D 225 -59.41 -0.76 12.12
CA MET D 225 -58.29 -0.33 11.25
C MET D 225 -57.00 -0.31 12.06
N LEU D 226 -55.84 -0.39 11.41
CA LEU D 226 -54.55 -0.12 12.10
C LEU D 226 -54.56 1.29 12.69
N PRO D 227 -53.87 1.55 13.81
CA PRO D 227 -53.86 2.89 14.40
C PRO D 227 -52.89 3.79 13.63
N SER D 228 -52.99 5.10 13.82
CA SER D 228 -52.14 6.13 13.12
C SER D 228 -50.68 6.04 13.54
N PRO D 229 -49.70 6.34 12.66
CA PRO D 229 -48.30 6.40 13.07
C PRO D 229 -48.08 7.47 14.16
N ASP D 230 -48.90 8.51 14.21
CA ASP D 230 -48.93 9.55 15.28
C ASP D 230 -49.20 8.93 16.66
N GLN D 231 -50.33 8.24 16.81
CA GLN D 231 -50.77 7.52 18.04
C GLN D 231 -49.66 6.62 18.62
N LEU D 232 -48.79 6.09 17.73
CA LEU D 232 -47.72 5.10 18.04
C LEU D 232 -46.32 5.75 18.14
N ARG D 233 -46.22 7.02 18.48
CA ARG D 233 -44.88 7.68 18.64
C ARG D 233 -44.07 6.87 19.66
N ARG D 234 -42.77 6.73 19.42
CA ARG D 234 -41.81 6.11 20.37
C ARG D 234 -42.32 4.71 20.74
N LYS D 235 -42.77 3.93 19.75
CA LYS D 235 -43.21 2.53 19.92
C LYS D 235 -42.49 1.61 18.93
N VAL D 236 -42.31 0.35 19.34
CA VAL D 236 -41.63 -0.73 18.56
C VAL D 236 -42.65 -1.86 18.30
N LEU D 237 -43.02 -2.13 17.06
CA LEU D 237 -43.93 -3.22 16.66
C LEU D 237 -43.11 -4.40 16.18
N LEU D 238 -43.28 -5.58 16.80
CA LEU D 238 -42.73 -6.86 16.29
C LEU D 238 -43.64 -7.35 15.14
N LYS D 239 -43.00 -7.93 14.14
CA LYS D 239 -43.65 -8.61 13.00
C LYS D 239 -43.07 -10.02 13.00
N ASN D 240 -43.83 -10.97 13.53
CA ASN D 240 -43.45 -12.41 13.65
C ASN D 240 -44.74 -13.20 13.33
N LYS D 241 -44.62 -14.51 13.13
CA LYS D 241 -45.82 -15.41 13.12
C LYS D 241 -46.47 -15.36 14.50
N LYS D 242 -47.78 -15.59 14.59
CA LYS D 242 -48.52 -15.62 15.89
C LYS D 242 -49.29 -16.93 16.00
N LEU D 243 -49.17 -17.61 17.14
CA LEU D 243 -49.97 -18.84 17.42
C LEU D 243 -51.46 -18.59 17.14
N LYS D 244 -52.07 -19.54 16.39
CA LYS D 244 -53.51 -19.59 16.02
C LYS D 244 -54.27 -19.83 17.33
N ALA D 245 -55.34 -19.09 17.59
CA ALA D 245 -56.17 -19.25 18.81
C ALA D 245 -57.03 -20.53 18.72
N HIS D 246 -56.86 -21.46 19.65
CA HIS D 246 -57.71 -22.67 19.85
C HIS D 246 -59.09 -22.23 20.30
N GLN D 247 -60.14 -22.98 19.93
CA GLN D 247 -61.55 -22.73 20.33
C GLN D 247 -61.82 -23.19 21.76
N THR D 248 -61.23 -24.29 22.23
CA THR D 248 -61.58 -24.88 23.55
C THR D 248 -60.38 -25.47 24.27
N PRO D 249 -60.44 -25.57 25.61
CA PRO D 249 -59.41 -26.25 26.40
C PRO D 249 -59.04 -27.65 25.90
N VAL D 250 -60.01 -28.37 25.35
CA VAL D 250 -59.87 -29.81 24.94
C VAL D 250 -59.00 -29.88 23.68
N ASP D 251 -59.18 -28.93 22.78
CA ASP D 251 -58.43 -28.88 21.49
C ASP D 251 -56.95 -28.68 21.81
N ILE D 252 -56.62 -27.80 22.77
CA ILE D 252 -55.23 -27.58 23.26
C ILE D 252 -54.65 -28.93 23.71
N LEU D 253 -55.35 -29.63 24.60
CA LEU D 253 -54.87 -30.90 25.20
C LEU D 253 -54.75 -31.98 24.13
N LYS D 254 -55.71 -32.03 23.19
CA LYS D 254 -55.70 -33.03 22.10
C LYS D 254 -54.47 -32.79 21.22
N GLN D 255 -54.22 -31.54 20.80
CA GLN D 255 -53.03 -31.20 19.98
C GLN D 255 -51.75 -31.59 20.75
N LYS D 256 -51.70 -31.34 22.05
CA LYS D 256 -50.56 -31.72 22.93
C LYS D 256 -50.34 -33.24 22.93
N ALA D 257 -51.43 -34.02 22.94
CA ALA D 257 -51.37 -35.50 22.94
C ALA D 257 -50.87 -35.98 21.58
N HIS D 258 -51.26 -35.32 20.48
CA HIS D 258 -50.74 -35.57 19.11
C HIS D 258 -49.22 -35.50 19.09
N GLN D 259 -48.64 -34.37 19.56
CA GLN D 259 -47.15 -34.17 19.63
C GLN D 259 -46.49 -35.36 20.33
N LEU D 260 -46.97 -35.70 21.54
CA LEU D 260 -46.42 -36.81 22.36
C LEU D 260 -46.46 -38.10 21.53
N ALA D 261 -47.65 -38.39 20.97
CA ALA D 261 -48.02 -39.67 20.32
C ALA D 261 -46.97 -40.10 19.30
N SER D 262 -46.46 -39.16 18.48
CA SER D 262 -45.40 -39.41 17.47
C SER D 262 -44.03 -38.90 17.95
N MET D 263 -43.26 -39.79 18.59
CA MET D 263 -41.96 -39.47 19.26
C MET D 263 -41.98 -38.00 19.71
N LYS D 357 -38.11 -22.76 5.16
CA LYS D 357 -36.99 -22.14 5.94
C LYS D 357 -37.42 -21.91 7.41
N GLU D 358 -38.37 -21.01 7.72
CA GLU D 358 -38.67 -20.60 9.13
C GLU D 358 -39.06 -21.83 9.98
N SER D 359 -38.97 -21.72 11.31
CA SER D 359 -39.37 -22.80 12.27
C SER D 359 -40.90 -22.85 12.32
N ARG D 360 -41.45 -24.07 12.41
CA ARG D 360 -42.93 -24.29 12.44
C ARG D 360 -43.47 -23.90 13.83
N GLN D 361 -42.82 -24.38 14.91
CA GLN D 361 -43.23 -24.07 16.30
C GLN D 361 -42.83 -22.63 16.64
N ILE D 362 -43.66 -21.99 17.48
CA ILE D 362 -43.60 -20.58 17.97
C ILE D 362 -43.76 -20.58 19.50
N ALA D 363 -42.72 -20.23 20.26
CA ALA D 363 -42.78 -19.95 21.70
C ALA D 363 -43.92 -18.97 21.99
N PRO D 364 -44.80 -19.28 22.95
CA PRO D 364 -45.90 -18.38 23.32
C PRO D 364 -45.40 -17.04 23.85
N GLU D 365 -44.27 -17.05 24.55
CA GLU D 365 -43.64 -15.86 25.19
C GLU D 365 -43.44 -14.80 24.10
N LEU D 366 -43.00 -15.23 22.90
CA LEU D 366 -42.73 -14.38 21.70
C LEU D 366 -44.03 -14.04 20.98
N SER D 367 -44.93 -15.03 20.77
CA SER D 367 -46.26 -14.85 20.15
C SER D 367 -47.05 -13.77 20.87
N ASP D 368 -46.94 -13.67 22.19
CA ASP D 368 -47.70 -12.69 23.03
C ASP D 368 -47.23 -11.27 22.67
N LEU D 369 -46.05 -11.09 22.07
CA LEU D 369 -45.49 -9.76 21.73
C LEU D 369 -45.88 -9.34 20.31
N VAL D 370 -46.63 -10.19 19.60
CA VAL D 370 -47.12 -9.88 18.23
C VAL D 370 -48.55 -9.35 18.32
N ILE D 371 -48.78 -8.11 17.92
CA ILE D 371 -50.09 -7.42 18.14
C ILE D 371 -50.64 -6.94 16.79
N TYR D 372 -50.06 -5.86 16.24
CA TYR D 372 -50.55 -5.15 15.03
C TYR D 372 -49.99 -5.76 13.74
N CYS D 373 -48.94 -6.58 13.82
CA CYS D 373 -48.22 -7.11 12.64
C CYS D 373 -48.09 -8.63 12.76
N GLN D 374 -49.17 -9.37 12.44
CA GLN D 374 -49.21 -10.85 12.52
C GLN D 374 -48.84 -11.37 11.13
N ALA D 375 -47.63 -11.91 11.00
CA ALA D 375 -47.09 -12.47 9.74
C ALA D 375 -47.91 -13.69 9.36
N VAL D 376 -48.31 -13.80 8.11
CA VAL D 376 -49.16 -14.90 7.56
C VAL D 376 -48.72 -15.13 6.12
N LYS D 377 -48.40 -16.37 5.78
CA LYS D 377 -48.44 -16.90 4.40
C LYS D 377 -49.62 -16.22 3.66
N PHE D 378 -49.36 -15.70 2.47
CA PHE D 378 -50.24 -14.71 1.79
C PHE D 378 -51.51 -15.43 1.33
N PRO D 379 -52.71 -14.95 1.71
CA PRO D 379 -53.96 -15.66 1.45
C PRO D 379 -54.54 -15.56 0.02
N GLY D 380 -54.08 -14.56 -0.75
CA GLY D 380 -54.62 -14.18 -2.08
C GLY D 380 -55.44 -12.90 -1.98
N LEU D 381 -56.17 -12.57 -3.05
CA LEU D 381 -57.12 -11.43 -3.07
C LEU D 381 -58.54 -11.92 -3.42
N SER D 382 -58.84 -13.23 -3.20
CA SER D 382 -60.19 -13.90 -3.21
C SER D 382 -60.24 -14.92 -2.06
N THR D 450 -58.00 -13.52 13.67
CA THR D 450 -57.92 -12.12 14.16
C THR D 450 -58.46 -11.19 13.05
N PRO D 451 -59.01 -9.99 13.36
CA PRO D 451 -59.41 -9.04 12.32
C PRO D 451 -58.25 -8.85 11.33
N LYS D 452 -58.57 -8.56 10.08
CA LYS D 452 -57.65 -8.77 8.92
C LYS D 452 -56.64 -7.62 8.85
N CYS D 453 -56.99 -6.45 9.35
CA CYS D 453 -56.10 -5.25 9.30
C CYS D 453 -54.81 -5.46 10.12
N TYR D 454 -54.77 -6.44 11.02
CA TYR D 454 -53.59 -6.83 11.83
C TYR D 454 -52.75 -7.91 11.14
N HIS D 455 -53.12 -8.31 9.92
CA HIS D 455 -52.41 -9.36 9.16
C HIS D 455 -51.48 -8.66 8.18
N ILE D 456 -50.30 -9.23 7.97
CA ILE D 456 -49.24 -8.65 7.12
C ILE D 456 -48.55 -9.82 6.46
N SER D 457 -48.18 -9.67 5.20
CA SER D 457 -47.50 -10.72 4.42
C SER D 457 -46.23 -10.15 3.77
N SER D 458 -45.33 -11.06 3.41
CA SER D 458 -43.95 -10.82 3.00
C SER D 458 -43.77 -11.56 1.69
N LEU D 459 -43.73 -10.85 0.58
CA LEU D 459 -43.61 -11.46 -0.74
C LEU D 459 -42.25 -11.11 -1.33
N ASN D 460 -41.49 -12.08 -1.78
CA ASN D 460 -40.35 -11.83 -2.69
C ASN D 460 -40.89 -11.02 -3.87
N GLU D 461 -40.00 -10.24 -4.48
CA GLU D 461 -40.27 -9.19 -5.51
C GLU D 461 -41.01 -9.82 -6.70
N ASN D 462 -40.72 -11.08 -7.02
CA ASN D 462 -41.28 -11.76 -8.21
C ASN D 462 -42.77 -12.01 -7.98
N ALA D 463 -43.11 -12.59 -6.84
CA ALA D 463 -44.49 -12.87 -6.41
C ALA D 463 -45.26 -11.54 -6.31
N ALA D 464 -44.61 -10.46 -5.87
CA ALA D 464 -45.29 -9.17 -5.69
C ALA D 464 -45.59 -8.56 -7.05
N LYS D 465 -44.75 -8.83 -8.06
CA LYS D 465 -44.91 -8.25 -9.43
C LYS D 465 -46.03 -8.96 -10.17
N ARG D 466 -45.98 -10.29 -10.20
CA ARG D 466 -47.13 -11.19 -10.58
C ARG D 466 -48.44 -10.60 -10.01
N LEU D 467 -48.45 -10.33 -8.72
CA LEU D 467 -49.65 -9.77 -8.04
C LEU D 467 -50.05 -8.42 -8.66
N CYS D 468 -49.11 -7.57 -9.05
CA CYS D 468 -49.33 -6.19 -9.58
C CYS D 468 -49.85 -6.23 -11.04
N ARG D 469 -49.35 -7.15 -11.86
CA ARG D 469 -49.81 -7.32 -13.27
C ARG D 469 -51.24 -7.90 -13.25
N ARG D 470 -51.44 -9.00 -12.53
CA ARG D 470 -52.71 -9.78 -12.56
C ARG D 470 -53.80 -9.00 -11.83
N TYR D 471 -53.56 -8.50 -10.61
CA TYR D 471 -54.67 -8.00 -9.76
C TYR D 471 -54.44 -6.54 -9.38
N SER D 472 -54.02 -5.72 -10.33
CA SER D 472 -53.76 -4.27 -10.11
C SER D 472 -54.76 -3.67 -9.10
N GLN D 473 -56.05 -3.60 -9.42
CA GLN D 473 -57.04 -2.81 -8.62
C GLN D 473 -57.31 -3.49 -7.28
N LYS D 474 -57.28 -4.83 -7.27
CA LYS D 474 -57.52 -5.65 -6.06
C LYS D 474 -56.33 -5.40 -5.10
N LEU D 475 -55.09 -5.41 -5.59
CA LEU D 475 -53.91 -5.13 -4.75
C LEU D 475 -54.02 -3.75 -4.08
N ILE D 476 -54.49 -2.73 -4.80
CA ILE D 476 -54.78 -1.37 -4.25
C ILE D 476 -55.92 -1.42 -3.21
N GLN D 477 -56.99 -2.21 -3.42
CA GLN D 477 -58.10 -2.26 -2.41
C GLN D 477 -57.56 -2.94 -1.15
N HIS D 478 -56.65 -3.91 -1.32
CA HIS D 478 -55.99 -4.70 -0.25
C HIS D 478 -55.07 -3.81 0.58
N THR D 479 -54.16 -3.06 -0.06
CA THR D 479 -53.19 -2.18 0.64
C THR D 479 -53.92 -1.02 1.32
N ALA D 480 -55.17 -0.71 0.97
CA ALA D 480 -55.93 0.33 1.69
C ALA D 480 -56.08 -0.05 3.17
N CYS D 481 -56.38 -1.31 3.47
CA CYS D 481 -56.70 -1.77 4.85
C CYS D 481 -55.57 -2.58 5.49
N GLN D 482 -54.69 -3.23 4.74
CA GLN D 482 -53.64 -4.12 5.30
C GLN D 482 -52.23 -3.67 4.88
N LEU D 483 -51.22 -3.96 5.68
CA LEU D 483 -49.81 -3.73 5.30
C LEU D 483 -49.30 -4.92 4.48
N LEU D 484 -48.54 -4.66 3.44
CA LEU D 484 -47.82 -5.69 2.65
C LEU D 484 -46.37 -5.28 2.51
N ARG D 485 -45.47 -6.26 2.55
CA ARG D 485 -44.00 -6.03 2.55
C ARG D 485 -43.39 -6.81 1.40
N THR D 486 -42.68 -6.14 0.51
CA THR D 486 -41.90 -6.77 -0.59
C THR D 486 -40.45 -6.77 -0.16
N TYR D 487 -39.69 -7.75 -0.62
CA TYR D 487 -38.22 -7.76 -0.42
C TYR D 487 -37.54 -8.24 -1.70
N PRO D 488 -36.25 -7.94 -1.89
CA PRO D 488 -35.50 -8.43 -3.04
C PRO D 488 -35.58 -9.95 -3.19
N ALA D 489 -35.72 -10.43 -4.41
CA ALA D 489 -35.62 -11.86 -4.78
C ALA D 489 -34.35 -12.43 -4.16
N ALA D 490 -34.33 -13.73 -3.82
CA ALA D 490 -33.17 -14.45 -3.25
C ALA D 490 -32.03 -14.49 -4.28
N THR D 491 -32.41 -14.38 -5.56
CA THR D 491 -31.52 -14.57 -6.72
C THR D 491 -30.53 -13.39 -6.80
N ARG D 492 -30.81 -12.27 -6.14
CA ARG D 492 -29.95 -11.06 -6.11
C ARG D 492 -28.83 -11.19 -5.05
N ILE D 493 -27.93 -12.15 -5.18
CA ILE D 493 -26.91 -12.47 -4.15
C ILE D 493 -25.86 -11.35 -4.07
N ASP D 494 -25.84 -10.44 -5.04
CA ASP D 494 -24.90 -9.30 -5.07
C ASP D 494 -25.54 -8.11 -4.35
N SER D 495 -26.68 -8.32 -3.71
CA SER D 495 -27.44 -7.30 -2.95
C SER D 495 -27.84 -6.13 -3.84
N SER D 496 -28.10 -6.37 -5.13
CA SER D 496 -28.85 -5.45 -6.02
C SER D 496 -30.26 -5.23 -5.47
N ASN D 497 -31.03 -4.30 -6.01
CA ASN D 497 -32.36 -3.90 -5.46
C ASN D 497 -33.36 -3.85 -6.61
N PRO D 498 -34.66 -4.12 -6.40
CA PRO D 498 -35.65 -4.02 -7.47
C PRO D 498 -36.20 -2.59 -7.49
N ASN D 499 -36.84 -2.17 -8.59
CA ASN D 499 -37.42 -0.80 -8.66
C ASN D 499 -38.59 -0.73 -7.69
N PRO D 500 -38.62 0.21 -6.72
CA PRO D 500 -39.78 0.40 -5.87
C PRO D 500 -41.08 0.90 -6.50
N LEU D 501 -41.02 1.59 -7.65
CA LEU D 501 -42.21 2.27 -8.26
C LEU D 501 -43.34 1.27 -8.51
N MET D 502 -43.04 0.13 -9.11
CA MET D 502 -44.10 -0.86 -9.44
C MET D 502 -45.00 -1.06 -8.19
N PHE D 503 -44.35 -1.36 -7.07
CA PHE D 503 -44.97 -1.67 -5.76
C PHE D 503 -45.64 -0.45 -5.14
N TRP D 504 -45.01 0.72 -5.15
CA TRP D 504 -45.63 1.90 -4.50
C TRP D 504 -46.92 2.29 -5.23
N LEU D 505 -47.00 2.05 -6.54
CA LEU D 505 -48.13 2.48 -7.38
C LEU D 505 -49.35 1.63 -7.01
N HIS D 506 -49.12 0.39 -6.56
CA HIS D 506 -50.16 -0.50 -6.01
C HIS D 506 -50.27 -0.34 -4.49
N GLY D 507 -49.58 0.67 -3.92
CA GLY D 507 -49.79 1.11 -2.52
C GLY D 507 -49.14 0.15 -1.55
N ILE D 508 -48.22 -0.69 -2.01
CA ILE D 508 -47.38 -1.52 -1.11
C ILE D 508 -46.54 -0.57 -0.22
N GLN D 509 -46.59 -0.78 1.09
CA GLN D 509 -46.06 0.19 2.09
C GLN D 509 -44.61 -0.06 2.40
N LEU D 510 -44.27 -1.32 2.67
CA LEU D 510 -42.88 -1.70 3.05
C LEU D 510 -42.12 -2.20 1.82
N VAL D 511 -41.49 -1.31 1.02
CA VAL D 511 -40.58 -1.84 -0.01
C VAL D 511 -39.17 -1.85 0.57
N ALA D 512 -38.69 -3.05 0.86
CA ALA D 512 -37.48 -3.33 1.65
C ALA D 512 -36.28 -3.44 0.73
N LEU D 513 -35.35 -2.50 0.84
CA LEU D 513 -34.17 -2.44 -0.04
C LEU D 513 -32.93 -2.82 0.74
N ASN D 514 -31.88 -3.24 0.04
CA ASN D 514 -30.52 -3.41 0.61
C ASN D 514 -29.90 -2.02 0.74
N TYR D 515 -29.77 -1.48 1.95
CA TYR D 515 -29.30 -0.07 2.16
C TYR D 515 -27.82 0.01 1.90
N GLN D 516 -27.13 -1.13 1.75
CA GLN D 516 -25.66 -1.19 1.60
C GLN D 516 -25.28 -1.10 0.13
N THR D 517 -26.23 -0.96 -0.77
CA THR D 517 -25.98 -0.99 -2.24
C THR D 517 -26.48 0.30 -2.87
N ASP D 518 -25.59 1.20 -3.26
CA ASP D 518 -26.01 2.49 -3.90
C ASP D 518 -26.34 2.14 -5.35
N ASP D 519 -27.59 2.28 -5.70
CA ASP D 519 -28.12 1.93 -7.03
C ASP D 519 -29.39 2.77 -7.17
N LEU D 520 -29.94 2.81 -8.37
CA LEU D 520 -31.00 3.79 -8.68
C LEU D 520 -32.17 3.58 -7.71
N PRO D 521 -32.52 2.32 -7.37
CA PRO D 521 -33.66 2.10 -6.49
C PRO D 521 -33.43 2.67 -5.07
N LEU D 522 -32.25 2.46 -4.51
CA LEU D 522 -32.00 3.02 -3.17
C LEU D 522 -32.10 4.56 -3.22
N HIS D 523 -31.72 5.20 -4.34
CA HIS D 523 -31.80 6.68 -4.45
C HIS D 523 -33.26 7.10 -4.65
N LEU D 524 -34.04 6.29 -5.37
CA LEU D 524 -35.51 6.51 -5.49
C LEU D 524 -36.12 6.45 -4.09
N ASN D 525 -35.76 5.44 -3.31
CA ASN D 525 -36.19 5.33 -1.89
C ASN D 525 -35.94 6.66 -1.18
N ALA D 526 -34.70 7.17 -1.26
CA ALA D 526 -34.27 8.37 -0.52
C ALA D 526 -35.12 9.55 -0.97
N ALA D 527 -35.39 9.70 -2.27
CA ALA D 527 -36.15 10.86 -2.79
C ALA D 527 -37.57 10.85 -2.23
N MET D 528 -38.24 9.68 -2.21
CA MET D 528 -39.59 9.43 -1.63
C MET D 528 -39.64 9.90 -0.17
N PHE D 529 -38.69 9.49 0.67
CA PHE D 529 -38.76 9.73 2.14
C PHE D 529 -38.04 11.01 2.55
N GLU D 530 -37.78 11.94 1.62
CA GLU D 530 -37.46 13.35 1.96
C GLU D 530 -38.75 14.02 2.43
N ALA D 531 -39.89 13.58 1.91
CA ALA D 531 -41.20 14.21 2.20
C ALA D 531 -41.49 14.09 3.70
N ASN D 532 -42.28 15.04 4.20
CA ASN D 532 -42.86 14.95 5.56
C ASN D 532 -41.74 14.91 6.60
N GLY D 533 -40.65 15.62 6.32
CA GLY D 533 -39.53 15.81 7.25
C GLY D 533 -38.63 14.62 7.32
N GLY D 534 -38.59 13.75 6.32
CA GLY D 534 -37.63 12.62 6.31
C GLY D 534 -37.89 11.61 7.42
N CYS D 535 -39.09 11.64 7.99
CA CYS D 535 -39.46 10.86 9.19
C CYS D 535 -39.67 9.39 8.85
N GLY D 536 -39.86 9.05 7.56
CA GLY D 536 -39.92 7.62 7.13
C GLY D 536 -41.33 7.10 6.90
N TYR D 537 -42.33 7.92 7.19
CA TYR D 537 -43.78 7.71 6.97
C TYR D 537 -44.26 8.82 6.05
N VAL D 538 -44.72 8.47 4.85
CA VAL D 538 -45.30 9.38 3.81
C VAL D 538 -46.71 8.89 3.49
N LEU D 539 -47.70 9.74 3.69
CA LEU D 539 -49.13 9.51 3.31
C LEU D 539 -49.17 9.21 1.82
N LYS D 540 -50.06 8.32 1.42
CA LYS D 540 -50.13 7.81 0.04
C LYS D 540 -50.96 8.77 -0.79
N PRO D 541 -50.75 8.76 -2.12
CA PRO D 541 -51.63 9.47 -3.05
C PRO D 541 -53.05 9.06 -2.75
N PRO D 542 -53.99 9.99 -2.47
CA PRO D 542 -55.33 9.63 -1.99
C PRO D 542 -56.20 8.74 -2.92
N VAL D 543 -55.79 8.51 -4.16
CA VAL D 543 -56.52 7.59 -5.07
C VAL D 543 -56.42 6.16 -4.52
N LEU D 544 -55.47 5.85 -3.64
CA LEU D 544 -55.25 4.47 -3.13
C LEU D 544 -55.85 4.25 -1.73
N TRP D 545 -56.73 5.13 -1.26
CA TRP D 545 -57.41 4.96 0.04
C TRP D 545 -58.60 5.92 0.24
N ASP D 546 -58.60 7.14 -0.27
CA ASP D 546 -59.70 8.09 0.05
C ASP D 546 -60.88 7.83 -0.89
N LYS D 547 -62.01 7.38 -0.36
CA LYS D 547 -63.28 7.08 -1.09
C LYS D 547 -63.78 8.30 -1.85
N SER D 548 -63.47 9.54 -1.39
CA SER D 548 -64.01 10.79 -1.98
C SER D 548 -63.09 11.31 -3.11
N CYS D 549 -62.13 10.50 -3.54
CA CYS D 549 -61.29 10.77 -4.73
C CYS D 549 -62.00 10.27 -5.98
N PRO D 550 -62.39 11.17 -6.91
CA PRO D 550 -62.98 10.76 -8.19
C PRO D 550 -62.44 9.47 -8.83
N MET D 551 -61.18 9.09 -8.61
CA MET D 551 -60.56 7.94 -9.29
C MET D 551 -60.41 6.75 -8.34
N TYR D 552 -60.93 6.83 -7.10
CA TYR D 552 -60.98 5.66 -6.16
C TYR D 552 -61.57 4.46 -6.91
N GLN D 553 -60.78 3.39 -7.05
CA GLN D 553 -61.19 2.04 -7.53
C GLN D 553 -61.34 1.98 -9.06
N LYS D 554 -61.40 3.14 -9.71
CA LYS D 554 -61.24 3.27 -11.19
C LYS D 554 -59.75 3.25 -11.61
N PHE D 555 -58.78 3.49 -10.74
CA PHE D 555 -57.34 3.62 -11.11
C PHE D 555 -56.62 2.26 -11.04
N SER D 556 -56.04 1.88 -12.19
CA SER D 556 -54.95 0.88 -12.33
C SER D 556 -53.73 1.55 -12.97
N PRO D 557 -52.57 1.58 -12.28
CA PRO D 557 -51.43 2.32 -12.79
C PRO D 557 -50.77 1.71 -14.05
N LEU D 558 -51.14 0.50 -14.48
CA LEU D 558 -50.52 -0.10 -15.68
C LEU D 558 -51.31 0.20 -16.97
N GLU D 559 -52.37 1.01 -16.89
CA GLU D 559 -53.37 1.17 -17.98
C GLU D 559 -53.16 2.51 -18.70
N ARG D 560 -53.15 2.49 -20.06
CA ARG D 560 -52.88 3.63 -20.98
C ARG D 560 -54.15 4.44 -21.28
N ASP D 561 -55.33 3.82 -21.30
CA ASP D 561 -56.64 4.43 -21.64
C ASP D 561 -57.10 5.36 -20.51
N LEU D 562 -56.34 6.42 -20.21
CA LEU D 562 -56.86 7.56 -19.40
C LEU D 562 -57.31 8.65 -20.37
N ASP D 563 -58.43 8.41 -21.07
CA ASP D 563 -59.02 9.33 -22.09
C ASP D 563 -60.09 10.19 -21.42
N ALA D 564 -60.48 9.85 -20.18
CA ALA D 564 -61.33 10.67 -19.30
C ALA D 564 -60.71 12.06 -19.09
N MET D 565 -59.37 12.17 -19.06
CA MET D 565 -58.69 13.37 -18.48
C MET D 565 -57.55 13.92 -19.35
N ASP D 566 -57.30 15.21 -19.14
CA ASP D 566 -56.22 16.05 -19.74
C ASP D 566 -55.02 16.06 -18.82
N PRO D 567 -53.86 15.53 -19.23
CA PRO D 567 -52.69 15.58 -18.36
C PRO D 567 -52.14 17.02 -18.23
N ALA D 568 -51.35 17.29 -17.19
CA ALA D 568 -50.64 18.59 -16.99
C ALA D 568 -49.42 18.62 -17.92
N THR D 569 -49.13 19.77 -18.53
CA THR D 569 -47.98 19.91 -19.45
C THR D 569 -46.78 20.49 -18.69
N TYR D 570 -45.71 19.71 -18.58
CA TYR D 570 -44.43 20.11 -17.96
C TYR D 570 -43.44 20.44 -19.07
N SER D 571 -42.79 21.59 -18.93
CA SER D 571 -41.60 22.00 -19.70
C SER D 571 -40.41 22.05 -18.75
N LEU D 572 -39.29 21.45 -19.14
CA LEU D 572 -38.05 21.37 -18.33
C LEU D 572 -36.87 21.75 -19.22
N THR D 573 -36.30 22.94 -18.99
CA THR D 573 -35.08 23.43 -19.70
C THR D 573 -33.86 23.07 -18.87
N ILE D 574 -32.95 22.27 -19.44
CA ILE D 574 -31.55 22.08 -18.93
C ILE D 574 -30.71 23.23 -19.49
N ILE D 575 -30.53 24.33 -18.73
CA ILE D 575 -29.76 25.52 -19.21
C ILE D 575 -28.28 25.20 -19.18
N SER D 576 -27.74 24.81 -18.04
CA SER D 576 -26.27 24.65 -17.90
C SER D 576 -25.89 23.87 -16.65
N GLY D 577 -24.60 23.56 -16.60
CA GLY D 577 -23.97 22.84 -15.49
C GLY D 577 -22.72 23.53 -14.97
N GLN D 578 -22.29 23.07 -13.80
CA GLN D 578 -21.00 23.38 -13.17
C GLN D 578 -20.33 22.11 -12.62
N ASN D 579 -19.11 21.83 -13.03
CA ASN D 579 -18.22 20.77 -12.48
C ASN D 579 -19.03 19.45 -12.45
N VAL D 580 -19.60 19.08 -13.60
CA VAL D 580 -20.60 17.98 -13.68
C VAL D 580 -19.90 16.62 -13.71
N CYS D 581 -18.60 16.52 -14.04
CA CYS D 581 -17.83 15.25 -13.87
C CYS D 581 -16.56 15.50 -13.06
N PRO D 582 -16.66 15.48 -11.71
CA PRO D 582 -15.51 15.58 -10.82
C PRO D 582 -14.20 14.87 -11.21
N SER D 583 -13.14 15.67 -11.35
CA SER D 583 -11.76 15.22 -11.63
C SER D 583 -11.62 14.90 -13.11
N ASN D 584 -12.49 15.47 -13.93
CA ASN D 584 -12.48 15.22 -15.39
C ASN D 584 -12.90 16.52 -16.06
N SER D 585 -12.00 17.48 -16.18
CA SER D 585 -12.32 18.81 -16.75
C SER D 585 -12.67 18.59 -18.23
N THR D 586 -12.03 17.60 -18.84
CA THR D 586 -11.94 17.37 -20.31
C THR D 586 -12.88 16.26 -20.81
N GLY D 587 -13.80 15.77 -19.97
CA GLY D 587 -14.86 14.85 -20.43
C GLY D 587 -15.88 15.58 -21.29
N SER D 588 -16.68 14.85 -22.05
CA SER D 588 -17.79 15.42 -22.85
C SER D 588 -19.13 15.00 -22.28
N PRO D 589 -19.80 15.83 -21.44
CA PRO D 589 -21.01 15.42 -20.76
C PRO D 589 -22.28 15.75 -21.53
N CYS D 590 -23.28 14.89 -21.35
CA CYS D 590 -24.70 15.22 -21.60
C CYS D 590 -25.50 14.85 -20.37
N ILE D 591 -26.67 15.44 -20.26
CA ILE D 591 -27.67 15.20 -19.18
C ILE D 591 -28.76 14.24 -19.68
N GLU D 592 -28.90 13.08 -19.03
CA GLU D 592 -30.10 12.21 -19.16
C GLU D 592 -31.12 12.70 -18.14
N VAL D 593 -32.33 13.05 -18.58
CA VAL D 593 -33.51 13.31 -17.70
C VAL D 593 -34.52 12.20 -17.93
N ASP D 594 -34.85 11.43 -16.89
CA ASP D 594 -35.80 10.27 -16.93
C ASP D 594 -37.01 10.63 -16.10
N VAL D 595 -38.20 10.65 -16.71
CA VAL D 595 -39.47 10.74 -15.93
C VAL D 595 -39.86 9.31 -15.54
N LEU D 596 -39.89 9.03 -14.22
CA LEU D 596 -40.17 7.69 -13.63
C LEU D 596 -41.48 7.74 -12.86
N GLY D 597 -42.48 7.01 -13.35
CA GLY D 597 -43.82 6.96 -12.76
C GLY D 597 -44.60 5.80 -13.30
N MET D 598 -45.92 5.89 -13.37
CA MET D 598 -46.65 4.78 -14.04
C MET D 598 -46.15 4.79 -15.48
N PRO D 599 -46.15 3.63 -16.17
CA PRO D 599 -45.71 3.55 -17.57
C PRO D 599 -46.17 4.68 -18.51
N LEU D 600 -47.44 5.09 -18.42
CA LEU D 600 -48.05 6.15 -19.27
C LEU D 600 -47.33 7.48 -19.08
N ASP D 601 -46.79 7.70 -17.88
CA ASP D 601 -46.12 8.97 -17.51
C ASP D 601 -44.62 8.84 -17.78
N SER D 602 -44.08 7.63 -17.97
CA SER D 602 -42.62 7.37 -18.11
C SER D 602 -42.07 7.82 -19.46
N CYS D 603 -40.87 8.41 -19.48
CA CYS D 603 -40.18 8.86 -20.72
C CYS D 603 -38.77 9.36 -20.41
N HIS D 604 -37.84 9.31 -21.37
CA HIS D 604 -36.43 9.70 -21.17
C HIS D 604 -36.05 10.79 -22.17
N PHE D 605 -35.19 11.71 -21.74
CA PHE D 605 -34.53 12.76 -22.56
C PHE D 605 -33.04 12.69 -22.32
N ARG D 606 -32.33 13.29 -23.25
CA ARG D 606 -30.86 13.30 -23.22
C ARG D 606 -30.45 14.47 -24.11
N THR D 607 -29.61 15.36 -23.60
CA THR D 607 -29.06 16.52 -24.33
C THR D 607 -28.01 16.04 -25.32
N LYS D 608 -27.57 16.96 -26.18
CA LYS D 608 -26.33 16.84 -27.00
C LYS D 608 -25.16 16.77 -26.04
N PRO D 609 -24.05 16.10 -26.40
CA PRO D 609 -22.81 16.19 -25.63
C PRO D 609 -22.05 17.50 -25.94
N ILE D 610 -21.67 18.25 -24.88
CA ILE D 610 -20.73 19.41 -24.95
C ILE D 610 -19.31 18.87 -25.06
N HIS D 611 -18.55 19.31 -26.06
CA HIS D 611 -17.21 18.76 -26.35
C HIS D 611 -16.20 19.37 -25.35
N ARG D 612 -15.67 18.51 -24.46
CA ARG D 612 -14.47 18.72 -23.61
C ARG D 612 -14.67 19.96 -22.73
N ASN D 613 -15.71 19.96 -21.92
CA ASN D 613 -16.04 21.05 -20.98
C ASN D 613 -17.04 20.43 -20.00
N THR D 614 -16.55 20.03 -18.82
CA THR D 614 -17.41 19.51 -17.75
C THR D 614 -17.49 20.56 -16.65
N LEU D 615 -16.85 21.73 -16.88
CA LEU D 615 -16.65 22.79 -15.84
C LEU D 615 -17.78 23.80 -15.93
N ASN D 616 -18.14 24.23 -17.13
CA ASN D 616 -19.30 25.14 -17.24
C ASN D 616 -20.04 24.94 -18.56
N PRO D 617 -20.33 23.66 -18.91
CA PRO D 617 -21.06 23.32 -20.13
C PRO D 617 -22.39 24.03 -20.16
N MET D 618 -22.80 24.48 -21.33
CA MET D 618 -24.14 25.06 -21.55
C MET D 618 -24.87 24.31 -22.68
N TRP D 619 -26.09 23.85 -22.37
CA TRP D 619 -26.94 23.05 -23.26
C TRP D 619 -28.11 23.91 -23.77
N ASN D 620 -28.80 24.64 -22.90
CA ASN D 620 -30.09 25.37 -23.14
C ASN D 620 -31.04 24.54 -24.01
N GLU D 621 -31.24 23.27 -23.61
CA GLU D 621 -32.14 22.31 -24.26
C GLU D 621 -33.41 22.17 -23.42
N GLN D 622 -34.55 22.04 -24.08
CA GLN D 622 -35.89 22.01 -23.45
C GLN D 622 -36.57 20.67 -23.78
N PHE D 623 -37.22 20.04 -22.79
CA PHE D 623 -38.04 18.82 -23.00
C PHE D 623 -39.45 19.12 -22.50
N LEU D 624 -40.46 18.74 -23.29
CA LEU D 624 -41.89 18.74 -22.90
C LEU D 624 -42.29 17.30 -22.57
N PHE D 625 -43.10 17.13 -21.53
CA PHE D 625 -43.68 15.83 -21.13
C PHE D 625 -45.00 16.11 -20.41
N ARG D 626 -45.98 15.25 -20.64
CA ARG D 626 -47.30 15.32 -19.98
C ARG D 626 -47.33 14.28 -18.87
N VAL D 627 -48.06 14.55 -17.81
CA VAL D 627 -48.22 13.59 -16.68
C VAL D 627 -49.66 13.68 -16.17
N HIS D 628 -50.25 12.52 -15.95
CA HIS D 628 -51.60 12.33 -15.37
C HIS D 628 -51.50 12.22 -13.84
N PHE D 629 -50.62 11.35 -13.36
CA PHE D 629 -50.44 11.01 -11.93
C PHE D 629 -49.22 11.76 -11.40
N GLU D 630 -49.38 13.03 -11.05
CA GLU D 630 -48.26 13.85 -10.52
C GLU D 630 -47.80 13.30 -9.17
N ASP D 631 -48.71 12.62 -8.45
CA ASP D 631 -48.50 12.22 -7.04
C ASP D 631 -47.37 11.21 -6.90
N LEU D 632 -46.93 10.57 -7.97
CA LEU D 632 -45.80 9.60 -7.87
C LEU D 632 -45.06 9.53 -9.19
N VAL D 633 -44.57 10.69 -9.62
CA VAL D 633 -43.52 10.80 -10.65
C VAL D 633 -42.25 11.28 -9.93
N PHE D 634 -41.10 10.73 -10.32
CA PHE D 634 -39.73 11.11 -9.90
C PHE D 634 -38.98 11.62 -11.14
N LEU D 635 -38.31 12.77 -11.03
CA LEU D 635 -37.36 13.28 -12.04
C LEU D 635 -35.98 12.79 -11.66
N ARG D 636 -35.36 11.99 -12.52
CA ARG D 636 -33.94 11.64 -12.37
C ARG D 636 -33.10 12.46 -13.35
N PHE D 637 -32.24 13.34 -12.83
CA PHE D 637 -31.15 14.01 -13.60
C PHE D 637 -29.90 13.17 -13.40
N ALA D 638 -29.35 12.60 -14.48
CA ALA D 638 -28.01 11.99 -14.47
C ALA D 638 -27.09 12.78 -15.42
N VAL D 639 -25.84 12.96 -15.02
CA VAL D 639 -24.77 13.47 -15.90
C VAL D 639 -24.06 12.24 -16.46
N VAL D 640 -23.88 12.21 -17.77
CA VAL D 640 -23.36 11.03 -18.49
C VAL D 640 -22.17 11.49 -19.33
N GLU D 641 -21.03 10.88 -19.11
CA GLU D 641 -19.77 11.22 -19.80
C GLU D 641 -19.79 10.44 -21.11
N ASN D 642 -20.01 11.14 -22.23
CA ASN D 642 -20.41 10.57 -23.55
C ASN D 642 -19.43 9.51 -24.06
N ASN D 643 -18.14 9.67 -23.81
CA ASN D 643 -17.07 8.73 -24.24
C ASN D 643 -17.25 7.37 -23.52
N SER D 644 -16.98 7.34 -22.21
CA SER D 644 -17.10 6.15 -21.32
C SER D 644 -18.58 5.78 -21.03
N SER D 645 -19.54 6.65 -21.37
CA SER D 645 -20.99 6.51 -21.09
C SER D 645 -21.23 6.25 -19.59
N ALA D 646 -20.34 6.77 -18.72
CA ALA D 646 -20.43 6.59 -17.26
C ALA D 646 -21.28 7.70 -16.62
N ILE D 647 -21.97 7.40 -15.55
CA ILE D 647 -22.74 8.39 -14.74
C ILE D 647 -21.80 8.96 -13.68
N THR D 648 -21.62 10.28 -13.74
CA THR D 648 -20.60 11.02 -12.98
C THR D 648 -21.26 11.83 -11.87
N ALA D 649 -22.55 12.12 -12.01
CA ALA D 649 -23.35 12.81 -10.99
C ALA D 649 -24.81 12.47 -11.20
N GLN D 650 -25.60 12.61 -10.17
CA GLN D 650 -26.98 12.07 -10.15
C GLN D 650 -27.79 12.92 -9.18
N ARG D 651 -29.03 13.18 -9.49
CA ARG D 651 -29.99 13.75 -8.52
C ARG D 651 -31.41 13.33 -8.89
N ILE D 652 -32.16 12.91 -7.88
CA ILE D 652 -33.56 12.43 -8.05
C ILE D 652 -34.43 13.34 -7.20
N ILE D 653 -35.51 13.82 -7.76
CA ILE D 653 -36.40 14.80 -7.09
C ILE D 653 -37.85 14.50 -7.45
N PRO D 654 -38.77 14.34 -6.47
CA PRO D 654 -40.16 14.10 -6.83
C PRO D 654 -40.65 15.27 -7.71
N LEU D 655 -41.46 15.02 -8.72
CA LEU D 655 -41.93 16.08 -9.65
C LEU D 655 -42.65 17.16 -8.87
N LYS D 656 -43.42 16.72 -7.87
CA LYS D 656 -44.35 17.59 -7.11
C LYS D 656 -43.49 18.44 -6.17
N ALA D 657 -42.25 18.05 -5.97
CA ALA D 657 -41.29 18.75 -5.08
C ALA D 657 -40.54 19.86 -5.83
N LEU D 658 -40.42 19.75 -7.16
CA LEU D 658 -39.66 20.69 -8.04
C LEU D 658 -40.38 22.05 -8.04
N LYS D 659 -39.63 23.12 -7.75
CA LYS D 659 -40.13 24.52 -7.76
C LYS D 659 -40.11 25.05 -9.19
N ARG D 660 -41.12 25.84 -9.50
CA ARG D 660 -41.26 26.36 -10.86
C ARG D 660 -40.15 27.38 -11.03
N GLY D 661 -39.67 27.56 -12.25
CA GLY D 661 -38.81 28.70 -12.64
C GLY D 661 -37.34 28.33 -12.70
N TYR D 662 -36.51 29.37 -12.76
CA TYR D 662 -35.05 29.26 -12.77
C TYR D 662 -34.60 28.86 -11.35
N ARG D 663 -33.77 27.81 -11.28
CA ARG D 663 -33.36 27.13 -10.03
C ARG D 663 -32.01 26.47 -10.23
N HIS D 664 -31.28 26.35 -9.13
CA HIS D 664 -29.96 25.67 -9.09
C HIS D 664 -30.13 24.30 -8.49
N LEU D 665 -29.66 23.25 -9.14
CA LEU D 665 -30.01 21.86 -8.76
C LEU D 665 -28.75 21.17 -8.26
N GLN D 666 -28.56 21.09 -6.95
CA GLN D 666 -27.37 20.45 -6.36
C GLN D 666 -27.32 19.03 -6.88
N LEU D 667 -26.23 18.64 -7.54
CA LEU D 667 -26.01 17.24 -7.96
C LEU D 667 -25.39 16.46 -6.81
N ARG D 668 -25.32 15.14 -6.92
CA ARG D 668 -24.71 14.27 -5.88
C ARG D 668 -23.92 13.14 -6.52
N ASN D 669 -22.99 12.57 -5.79
CA ASN D 669 -22.15 11.47 -6.34
C ASN D 669 -23.00 10.21 -6.29
N LEU D 670 -22.43 9.10 -6.71
CA LEU D 670 -23.17 7.83 -6.86
C LEU D 670 -23.41 7.18 -5.49
N HIS D 671 -22.97 7.77 -4.39
CA HIS D 671 -23.30 7.30 -3.01
C HIS D 671 -24.35 8.21 -2.38
N ASN D 672 -24.94 9.06 -3.18
CA ASN D 672 -26.01 10.01 -2.78
C ASN D 672 -25.47 11.07 -1.80
N GLU D 673 -24.15 11.24 -1.75
CA GLU D 673 -23.46 12.31 -1.00
C GLU D 673 -23.53 13.62 -1.80
N ILE D 674 -23.76 14.77 -1.16
CA ILE D 674 -23.63 16.13 -1.81
C ILE D 674 -22.21 16.35 -2.39
N LEU D 675 -22.16 16.83 -3.61
CA LEU D 675 -20.96 17.34 -4.30
C LEU D 675 -20.98 18.85 -4.08
N GLU D 676 -20.08 19.39 -3.28
CA GLU D 676 -20.20 20.78 -2.77
C GLU D 676 -20.21 21.78 -3.96
N ILE D 677 -19.62 21.49 -5.12
CA ILE D 677 -19.53 22.54 -6.19
C ILE D 677 -20.37 22.16 -7.42
N SER D 678 -20.61 20.87 -7.66
CA SER D 678 -21.23 20.40 -8.91
C SER D 678 -22.73 20.72 -8.88
N SER D 679 -23.29 21.35 -9.90
CA SER D 679 -24.75 21.63 -9.99
C SER D 679 -25.22 21.75 -11.45
N LEU D 680 -26.55 21.78 -11.68
CA LEU D 680 -27.18 22.18 -12.96
C LEU D 680 -28.03 23.44 -12.73
N PHE D 681 -28.15 24.30 -13.74
CA PHE D 681 -29.12 25.41 -13.75
C PHE D 681 -30.28 24.98 -14.66
N ILE D 682 -31.55 25.06 -14.19
CA ILE D 682 -32.74 24.54 -14.92
C ILE D 682 -33.92 25.50 -14.83
N ASN D 683 -34.80 25.44 -15.83
CA ASN D 683 -36.11 26.12 -15.83
C ASN D 683 -37.15 25.01 -15.84
N SER D 684 -38.28 25.19 -15.16
CA SER D 684 -39.47 24.34 -15.32
C SER D 684 -40.70 25.23 -15.34
N ARG D 685 -41.72 24.74 -16.03
CA ARG D 685 -43.06 25.38 -16.15
C ARG D 685 -44.08 24.25 -16.12
N ARG D 686 -45.29 24.54 -15.68
CA ARG D 686 -46.42 23.59 -15.67
C ARG D 686 -47.69 24.32 -16.12
N MET D 687 -48.49 23.63 -16.93
CA MET D 687 -49.69 24.19 -17.57
C MET D 687 -50.89 23.26 -17.33
N GLU D 688 -52.07 23.89 -17.39
CA GLU D 688 -53.41 23.29 -17.26
C GLU D 688 -54.40 24.28 -17.88
N THR D 695 -61.94 15.96 -21.20
CA THR D 695 -62.39 17.30 -20.75
C THR D 695 -62.54 17.30 -19.21
N ARG D 696 -61.60 16.74 -18.43
CA ARG D 696 -61.34 17.23 -17.05
C ARG D 696 -59.86 17.09 -16.69
N PRO D 697 -59.30 18.04 -15.91
CA PRO D 697 -57.87 18.03 -15.60
C PRO D 697 -57.49 16.87 -14.67
N ALA D 698 -56.34 16.21 -14.90
CA ALA D 698 -55.95 14.99 -14.15
C ALA D 698 -55.85 15.35 -12.66
N SER D 699 -55.22 16.48 -12.35
CA SER D 699 -54.84 16.88 -10.97
C SER D 699 -56.09 17.07 -10.09
N LEU D 700 -57.27 17.22 -10.71
CA LEU D 700 -58.56 17.36 -10.01
C LEU D 700 -59.22 15.97 -9.90
N MET D 701 -59.05 15.14 -10.93
CA MET D 701 -59.52 13.73 -10.96
C MET D 701 -58.78 12.90 -9.92
N PHE D 702 -57.53 13.22 -9.59
CA PHE D 702 -56.71 12.41 -8.64
C PHE D 702 -56.73 13.06 -7.26
N ASN D 703 -57.51 14.12 -7.10
CA ASN D 703 -57.51 14.96 -5.88
C ASN D 703 -58.68 14.59 -4.99
N THR D 704 -58.77 15.22 -3.83
CA THR D 704 -59.94 15.14 -2.91
C THR D 704 -60.23 16.58 -2.48
N GLU D 705 -61.45 16.88 -2.05
CA GLU D 705 -61.81 18.24 -1.60
C GLU D 705 -61.07 18.53 -0.28
N GLU D 706 -60.75 17.47 0.47
CA GLU D 706 -60.07 17.55 1.78
C GLU D 706 -58.60 17.91 1.58
N ARG D 707 -57.91 17.34 0.59
CA ARG D 707 -56.46 17.62 0.35
C ARG D 707 -56.36 19.05 -0.18
N LYS D 708 -57.14 19.40 -1.20
CA LYS D 708 -57.24 20.77 -1.74
C LYS D 708 -57.26 21.77 -0.58
N CYS D 709 -58.24 21.70 0.32
CA CYS D 709 -58.53 22.74 1.34
C CYS D 709 -57.47 22.71 2.45
N SER D 710 -56.64 21.67 2.51
CA SER D 710 -55.52 21.54 3.46
C SER D 710 -54.20 21.99 2.82
N GLN D 711 -54.07 21.95 1.48
CA GLN D 711 -52.85 22.46 0.76
C GLN D 711 -52.83 24.00 0.87
N THR D 712 -51.84 24.55 1.58
CA THR D 712 -51.54 26.02 1.59
C THR D 712 -51.02 26.42 0.21
N HIS D 713 -51.51 27.54 -0.28
CA HIS D 713 -50.97 28.24 -1.47
C HIS D 713 -51.03 29.73 -1.16
N LYS D 714 -50.15 30.54 -1.75
CA LYS D 714 -50.19 32.02 -1.63
C LYS D 714 -50.74 32.62 -2.91
N VAL D 715 -51.44 33.73 -2.80
CA VAL D 715 -51.90 34.55 -3.97
C VAL D 715 -51.45 35.99 -3.74
N THR D 716 -51.01 36.67 -4.80
CA THR D 716 -50.74 38.12 -4.82
C THR D 716 -51.92 38.81 -5.52
N VAL D 717 -52.41 39.91 -4.93
CA VAL D 717 -53.53 40.73 -5.45
C VAL D 717 -53.09 42.20 -5.47
N HIS D 718 -53.17 42.87 -6.62
CA HIS D 718 -52.83 44.30 -6.80
C HIS D 718 -54.05 45.14 -6.42
N GLY D 719 -53.85 46.39 -5.99
CA GLY D 719 -54.95 47.36 -5.81
C GLY D 719 -55.68 47.21 -4.49
N VAL D 720 -55.11 46.47 -3.53
CA VAL D 720 -55.69 46.31 -2.16
C VAL D 720 -55.51 47.63 -1.41
N PRO D 721 -56.58 48.35 -0.99
CA PRO D 721 -56.39 49.59 -0.24
C PRO D 721 -55.36 49.31 0.86
N GLY D 722 -54.30 50.12 0.94
CA GLY D 722 -53.21 49.96 1.93
C GLY D 722 -51.95 50.73 1.56
N PRO D 723 -50.83 50.49 2.26
CA PRO D 723 -49.57 51.16 1.95
C PRO D 723 -49.09 50.73 0.57
N GLU D 724 -48.77 49.44 0.47
CA GLU D 724 -48.09 48.75 -0.66
C GLU D 724 -49.00 48.86 -1.87
N PRO D 725 -48.48 48.73 -3.11
CA PRO D 725 -49.33 48.58 -4.29
C PRO D 725 -49.88 47.16 -4.53
N PHE D 726 -49.32 46.13 -3.89
CA PHE D 726 -49.83 44.72 -3.96
C PHE D 726 -49.60 44.01 -2.63
N ALA D 727 -50.60 43.29 -2.16
CA ALA D 727 -50.57 42.54 -0.88
C ALA D 727 -50.60 41.03 -1.17
N VAL D 728 -50.04 40.23 -0.26
CA VAL D 728 -50.11 38.74 -0.30
C VAL D 728 -51.15 38.25 0.71
N PHE D 729 -51.74 37.09 0.42
CA PHE D 729 -52.70 36.38 1.30
C PHE D 729 -52.34 34.89 1.30
N THR D 730 -52.53 34.22 2.44
CA THR D 730 -52.43 32.74 2.52
C THR D 730 -53.83 32.20 2.24
N ILE D 731 -53.93 31.20 1.36
CA ILE D 731 -55.20 30.54 0.93
C ILE D 731 -54.94 29.03 0.77
N ASN D 732 -55.91 28.30 0.19
CA ASN D 732 -55.78 26.85 -0.12
C ASN D 732 -56.22 26.63 -1.57
N GLU D 733 -55.85 25.49 -2.16
CA GLU D 733 -56.22 25.12 -3.56
C GLU D 733 -57.75 25.04 -3.72
N GLY D 734 -58.50 25.08 -2.61
CA GLY D 734 -59.98 25.04 -2.58
C GLY D 734 -60.61 26.42 -2.49
N THR D 735 -59.87 27.40 -1.95
CA THR D 735 -60.36 28.80 -1.81
C THR D 735 -60.94 29.29 -3.13
N LYS D 736 -62.03 30.05 -3.06
CA LYS D 736 -62.78 30.56 -4.22
C LYS D 736 -62.87 32.09 -4.14
N ALA D 737 -63.02 32.76 -5.29
CA ALA D 737 -63.03 34.23 -5.46
C ALA D 737 -63.79 34.93 -4.33
N LYS D 738 -64.99 34.46 -4.01
CA LYS D 738 -65.87 35.15 -3.03
C LYS D 738 -65.26 35.05 -1.63
N GLN D 739 -64.54 33.96 -1.35
CA GLN D 739 -63.87 33.68 -0.04
C GLN D 739 -62.63 34.58 0.11
N LEU D 740 -61.79 34.67 -0.93
CA LEU D 740 -60.59 35.57 -0.94
C LEU D 740 -61.03 37.03 -0.72
N LEU D 741 -62.17 37.45 -1.29
CA LEU D 741 -62.69 38.83 -1.14
C LEU D 741 -63.00 39.13 0.32
N GLN D 742 -63.66 38.20 1.02
CA GLN D 742 -63.96 38.35 2.47
C GLN D 742 -62.64 38.46 3.24
N GLN D 743 -61.66 37.62 2.90
CA GLN D 743 -60.35 37.55 3.61
C GLN D 743 -59.63 38.90 3.50
N ILE D 744 -59.57 39.49 2.30
CA ILE D 744 -58.90 40.79 2.00
C ILE D 744 -59.47 41.87 2.92
N LEU D 745 -60.80 41.96 2.98
CA LEU D 745 -61.52 43.08 3.66
C LEU D 745 -61.71 42.78 5.15
N ALA D 746 -61.32 41.57 5.59
CA ALA D 746 -61.16 41.18 7.01
C ALA D 746 -59.68 41.21 7.38
N THR D 754 -67.32 45.34 3.17
CA THR D 754 -68.21 45.51 1.99
C THR D 754 -67.77 44.53 0.90
N ALA D 755 -68.43 43.36 0.79
CA ALA D 755 -67.98 42.15 0.06
C ALA D 755 -68.39 42.19 -1.43
N ALA D 756 -69.46 42.91 -1.79
CA ALA D 756 -70.00 43.01 -3.17
C ALA D 756 -70.00 44.46 -3.67
N ASP D 757 -69.22 45.35 -3.03
CA ASP D 757 -68.80 46.67 -3.57
C ASP D 757 -67.47 46.51 -4.31
N TYR D 758 -67.02 45.27 -4.48
CA TYR D 758 -65.74 44.89 -5.15
C TYR D 758 -65.93 43.61 -5.99
N PHE D 759 -65.06 43.38 -6.97
CA PHE D 759 -64.81 42.07 -7.61
C PHE D 759 -63.31 41.94 -7.94
N LEU D 760 -62.81 40.72 -8.07
CA LEU D 760 -61.42 40.44 -8.54
C LEU D 760 -61.42 40.37 -10.07
N MET D 761 -60.36 40.86 -10.71
CA MET D 761 -60.16 40.82 -12.19
C MET D 761 -58.87 40.03 -12.49
N GLU D 762 -58.90 39.10 -13.45
CA GLU D 762 -57.70 38.43 -14.01
C GLU D 762 -57.15 39.34 -15.13
N GLU D 763 -55.98 39.97 -14.92
CA GLU D 763 -55.28 40.85 -15.91
C GLU D 763 -54.10 40.09 -16.51
N LYS D 764 -53.88 40.24 -17.82
CA LYS D 764 -52.61 39.87 -18.49
C LYS D 764 -52.05 41.13 -19.14
N HIS D 765 -50.81 41.47 -18.79
CA HIS D 765 -50.00 42.58 -19.35
C HIS D 765 -48.98 41.96 -20.30
N PHE D 766 -48.75 42.55 -21.48
CA PHE D 766 -47.98 41.95 -22.59
C PHE D 766 -46.58 42.59 -22.72
N ILE D 767 -45.75 42.09 -23.65
CA ILE D 767 -44.51 42.76 -24.16
C ILE D 767 -44.63 43.02 -25.67
N LYS D 776 -49.72 46.59 -26.93
CA LYS D 776 -51.04 45.94 -26.70
C LYS D 776 -51.75 46.66 -25.55
N GLN D 777 -52.98 46.26 -25.22
CA GLN D 777 -53.75 46.78 -24.05
C GLN D 777 -54.30 45.59 -23.28
N PRO D 778 -54.22 45.61 -21.94
CA PRO D 778 -54.27 44.37 -21.15
C PRO D 778 -55.58 43.57 -21.24
N PHE D 779 -55.47 42.28 -21.59
CA PHE D 779 -56.51 41.22 -21.45
C PHE D 779 -57.12 41.33 -20.05
N GLN D 780 -58.46 41.30 -19.94
CA GLN D 780 -59.19 41.50 -18.66
C GLN D 780 -60.42 40.58 -18.61
N ARG D 781 -60.51 39.72 -17.59
CA ARG D 781 -61.69 38.85 -17.32
C ARG D 781 -62.12 39.00 -15.86
N ALA D 782 -63.31 39.53 -15.59
CA ALA D 782 -63.92 39.55 -14.24
C ALA D 782 -63.99 38.12 -13.72
N VAL D 783 -63.77 37.89 -12.43
CA VAL D 783 -63.69 36.52 -11.83
C VAL D 783 -65.06 36.18 -11.21
N GLY D 784 -65.55 34.98 -11.46
CA GLY D 784 -66.86 34.52 -10.95
C GLY D 784 -66.81 34.31 -9.45
N PRO D 785 -67.74 34.90 -8.67
CA PRO D 785 -67.80 34.66 -7.21
C PRO D 785 -67.47 33.23 -6.76
N GLU D 786 -67.86 32.18 -7.50
CA GLU D 786 -67.71 30.76 -7.05
C GLU D 786 -66.48 30.10 -7.69
N GLU D 787 -65.58 30.87 -8.30
CA GLU D 787 -64.43 30.33 -9.10
C GLU D 787 -63.21 30.08 -8.20
N ASP D 788 -62.54 28.95 -8.39
CA ASP D 788 -61.29 28.53 -7.69
C ASP D 788 -60.13 29.44 -8.14
N ILE D 789 -59.40 30.05 -7.19
CA ILE D 789 -58.31 31.06 -7.41
C ILE D 789 -57.06 30.33 -7.93
N VAL D 790 -56.59 29.34 -7.20
CA VAL D 790 -55.34 28.61 -7.53
C VAL D 790 -55.45 28.01 -8.94
N GLN D 791 -56.67 27.69 -9.39
CA GLN D 791 -56.89 27.11 -10.74
C GLN D 791 -56.56 28.18 -11.79
N ILE D 792 -56.87 29.45 -11.50
CA ILE D 792 -56.56 30.62 -12.37
C ILE D 792 -55.02 30.79 -12.46
N LEU D 793 -54.29 30.74 -11.32
CA LEU D 793 -52.81 30.92 -11.31
C LEU D 793 -52.13 29.80 -12.10
N ASN D 794 -52.76 28.62 -12.22
CA ASN D 794 -52.18 27.43 -12.90
C ASN D 794 -52.56 27.39 -14.38
N SER D 795 -53.46 28.28 -14.78
CA SER D 795 -53.89 28.44 -16.19
C SER D 795 -52.80 29.25 -16.91
N TRP D 796 -52.19 30.24 -16.24
CA TRP D 796 -51.09 31.09 -16.77
C TRP D 796 -49.91 30.20 -17.19
N PHE D 797 -49.22 30.56 -18.27
CA PHE D 797 -47.93 29.94 -18.66
C PHE D 797 -46.92 31.08 -18.86
N PRO D 798 -45.75 31.04 -18.18
CA PRO D 798 -44.75 32.07 -18.36
C PRO D 798 -44.01 31.97 -19.69
N GLU D 799 -43.21 33.01 -19.99
CA GLU D 799 -42.35 33.13 -21.21
C GLU D 799 -43.22 32.92 -22.45
N GLU D 800 -44.40 33.51 -22.46
CA GLU D 800 -45.27 33.56 -23.66
C GLU D 800 -45.88 34.95 -23.80
N GLY D 801 -45.09 35.97 -23.45
CA GLY D 801 -45.35 37.37 -23.86
C GLY D 801 -46.36 38.06 -22.96
N TYR D 802 -46.79 37.44 -21.87
CA TYR D 802 -47.69 38.08 -20.88
C TYR D 802 -47.23 37.73 -19.47
N VAL D 803 -47.58 38.59 -18.51
CA VAL D 803 -47.50 38.31 -17.05
C VAL D 803 -48.93 38.45 -16.49
N GLY D 804 -49.35 37.47 -15.71
CA GLY D 804 -50.64 37.44 -15.01
C GLY D 804 -50.59 38.21 -13.70
N ARG D 805 -51.69 38.92 -13.43
CA ARG D 805 -52.00 39.50 -12.11
C ARG D 805 -53.44 39.16 -11.74
N ILE D 806 -53.75 39.26 -10.45
CA ILE D 806 -55.13 39.31 -9.91
C ILE D 806 -55.33 40.70 -9.30
N VAL D 807 -56.40 41.42 -9.69
CA VAL D 807 -56.60 42.87 -9.37
C VAL D 807 -57.94 43.08 -8.66
N LEU D 808 -57.95 43.93 -7.63
CA LEU D 808 -59.17 44.37 -6.93
C LEU D 808 -59.69 45.62 -7.64
N LYS D 809 -61.00 45.68 -7.88
CA LYS D 809 -61.70 46.86 -8.46
C LYS D 809 -62.91 47.25 -7.58
#